data_6UTL
#
_entry.id   6UTL
#
_cell.length_a   53.365
_cell.length_b   177.306
_cell.length_c   115.262
_cell.angle_alpha   90.000
_cell.angle_beta   103.280
_cell.angle_gamma   90.000
#
_symmetry.space_group_name_H-M   'P 1 21 1'
#
loop_
_entity.id
_entity.type
_entity.pdbx_description
1 polymer 'Peroxiredoxin TSA2'
2 water water
#
_entity_poly.entity_id   1
_entity_poly.type   'polypeptide(L)'
_entity_poly.pdbx_seq_one_letter_code
;MGSSHHHHHHSSGLVPRGSHMVAEVQKQAPPFKKTAVVDGIFEEISLEKYKGKYVVLAFVPLAFSFV(YCM)PTEIVAFS
DAAKKFEDQGAQVLFASTDSEYSLLAWTNLPRKDGGLGPVKVPLLADKNHSLSRDYGVLIEKEGIALRGLFIIDPKGIIR
HITINDLSVGRNVNEALRLVEGFQWTDKNGTVLPSNWTPGAATIKPDVKDSKEYFKNANN
;
_entity_poly.pdbx_strand_id   A,B,C,D,E,F,G,H,I,J
#
# COMPACT_ATOMS: atom_id res chain seq x y z
N MET A 21 -14.71 -20.01 3.29
CA MET A 21 -15.55 -21.12 3.89
C MET A 21 -15.46 -22.40 3.02
N VAL A 22 -14.26 -23.07 2.95
CA VAL A 22 -14.08 -24.52 2.49
C VAL A 22 -14.45 -25.51 3.61
N ALA A 23 -14.64 -26.79 3.27
CA ALA A 23 -15.11 -27.81 4.22
C ALA A 23 -13.98 -28.63 4.66
N GLU A 24 -13.90 -28.88 5.96
CA GLU A 24 -12.79 -29.61 6.58
C GLU A 24 -13.33 -30.51 7.68
N VAL A 25 -12.70 -31.68 7.84
CA VAL A 25 -13.14 -32.57 8.91
C VAL A 25 -12.90 -31.82 10.22
N GLN A 26 -13.77 -32.06 11.21
CA GLN A 26 -13.78 -31.32 12.50
C GLN A 26 -14.40 -29.93 12.53
N LYS A 27 -14.61 -29.31 11.37
CA LYS A 27 -15.24 -28.00 11.29
C LYS A 27 -16.69 -28.07 10.85
N GLN A 28 -17.37 -26.96 11.08
CA GLN A 28 -18.76 -26.75 10.77
C GLN A 28 -18.91 -26.85 9.27
N ALA A 29 -19.94 -27.54 8.80
CA ALA A 29 -20.13 -27.70 7.36
C ALA A 29 -20.68 -26.42 6.78
N PRO A 30 -20.27 -26.08 5.55
CA PRO A 30 -20.77 -24.87 4.94
C PRO A 30 -22.30 -24.94 4.77
N PRO A 31 -23.01 -23.91 5.27
CA PRO A 31 -24.44 -24.01 5.11
C PRO A 31 -24.87 -23.95 3.63
N PHE A 32 -26.07 -24.40 3.31
CA PHE A 32 -26.57 -24.23 1.97
C PHE A 32 -28.08 -24.22 1.94
N LYS A 33 -28.63 -23.67 0.86
CA LYS A 33 -30.06 -23.66 0.60
C LYS A 33 -30.13 -23.78 -0.93
N LYS A 34 -30.55 -24.95 -1.44
CA LYS A 34 -30.52 -25.22 -2.83
C LYS A 34 -31.82 -25.85 -3.29
N THR A 35 -32.27 -25.47 -4.48
CA THR A 35 -33.46 -26.04 -5.06
C THR A 35 -33.14 -27.44 -5.46
N ALA A 36 -34.03 -28.37 -5.10
CA ALA A 36 -33.80 -29.78 -5.38
C ALA A 36 -35.05 -30.40 -5.94
N VAL A 37 -34.84 -31.48 -6.67
CA VAL A 37 -35.92 -32.38 -7.09
C VAL A 37 -36.14 -33.46 -6.03
N VAL A 38 -37.29 -33.40 -5.37
CA VAL A 38 -37.76 -34.44 -4.41
C VAL A 38 -39.09 -34.97 -4.92
N ASP A 39 -39.10 -36.29 -5.24
CA ASP A 39 -40.30 -36.96 -5.78
C ASP A 39 -40.91 -36.18 -6.93
N GLY A 40 -40.09 -35.92 -7.95
CA GLY A 40 -40.55 -35.24 -9.15
C GLY A 40 -41.09 -33.81 -9.08
N ILE A 41 -40.91 -33.13 -7.92
CA ILE A 41 -41.25 -31.69 -7.80
C ILE A 41 -40.15 -30.92 -7.02
N PHE A 42 -40.13 -29.60 -7.14
CA PHE A 42 -39.07 -28.80 -6.56
C PHE A 42 -39.31 -28.44 -5.10
N GLU A 43 -38.25 -28.47 -4.31
CA GLU A 43 -38.29 -28.16 -2.90
C GLU A 43 -36.96 -27.52 -2.57
N GLU A 44 -36.98 -26.54 -1.66
CA GLU A 44 -35.77 -25.86 -1.22
C GLU A 44 -35.16 -26.59 -0.05
N ILE A 45 -33.96 -27.13 -0.25
CA ILE A 45 -33.32 -27.94 0.77
C ILE A 45 -32.15 -27.19 1.40
N SER A 46 -32.13 -27.11 2.72
CA SER A 46 -30.99 -26.61 3.47
C SER A 46 -30.54 -27.66 4.42
N LEU A 47 -29.34 -27.46 4.94
CA LEU A 47 -28.71 -28.39 5.89
C LEU A 47 -29.38 -28.25 7.22
N GLU A 48 -29.68 -27.01 7.58
CA GLU A 48 -30.42 -26.68 8.78
C GLU A 48 -31.71 -27.51 8.90
N LYS A 49 -32.33 -27.88 7.79
CA LYS A 49 -33.50 -28.76 7.79
C LYS A 49 -33.27 -30.11 8.44
N TYR A 50 -32.05 -30.63 8.36
CA TYR A 50 -31.74 -31.96 8.95
C TYR A 50 -30.97 -31.92 10.27
N LYS A 51 -30.88 -30.73 10.89
CA LYS A 51 -30.13 -30.59 12.14
C LYS A 51 -30.74 -31.62 13.09
N GLY A 52 -29.91 -32.33 13.83
CA GLY A 52 -30.39 -33.44 14.68
C GLY A 52 -30.16 -34.81 14.06
N LYS A 53 -29.97 -34.86 12.74
CA LYS A 53 -29.72 -36.12 12.05
C LYS A 53 -28.40 -36.02 11.34
N TYR A 54 -27.87 -37.16 10.99
CA TYR A 54 -26.69 -37.24 10.16
C TYR A 54 -27.13 -36.91 8.77
N VAL A 55 -26.26 -36.25 8.01
CA VAL A 55 -26.53 -36.00 6.60
C VAL A 55 -25.35 -36.51 5.83
N VAL A 56 -25.62 -37.19 4.73
CA VAL A 56 -24.59 -37.70 3.83
C VAL A 56 -24.74 -37.00 2.50
N LEU A 57 -23.90 -36.02 2.27
CA LEU A 57 -23.95 -35.20 1.05
C LEU A 57 -23.02 -35.78 0.03
N ALA A 58 -23.54 -36.13 -1.13
CA ALA A 58 -22.76 -36.83 -2.12
C ALA A 58 -22.97 -36.14 -3.46
N PHE A 59 -21.89 -35.88 -4.18
CA PHE A 59 -21.91 -35.14 -5.47
C PHE A 59 -21.74 -36.08 -6.63
N VAL A 60 -22.24 -35.70 -7.81
CA VAL A 60 -22.00 -36.47 -9.06
C VAL A 60 -21.74 -35.53 -10.25
N PRO A 61 -20.81 -35.86 -11.14
CA PRO A 61 -20.39 -34.78 -12.06
C PRO A 61 -21.45 -34.16 -12.99
N LEU A 62 -22.15 -34.99 -13.82
CA LEU A 62 -23.17 -34.59 -14.80
C LEU A 62 -24.36 -35.56 -14.94
N ALA A 63 -25.56 -34.99 -15.08
CA ALA A 63 -26.73 -35.75 -15.54
C ALA A 63 -26.59 -36.15 -17.02
N PHE A 64 -27.35 -37.16 -17.41
CA PHE A 64 -27.37 -37.78 -18.74
C PHE A 64 -26.05 -38.21 -19.26
N SER A 65 -25.08 -38.37 -18.40
CA SER A 65 -23.72 -38.67 -18.88
C SER A 65 -23.81 -40.11 -19.38
N PHE A 66 -22.83 -40.50 -20.18
CA PHE A 66 -22.71 -41.81 -20.76
C PHE A 66 -22.20 -42.85 -19.74
N VAL A 67 -22.16 -42.51 -18.46
CA VAL A 67 -21.73 -43.41 -17.39
C VAL A 67 -23.07 -43.85 -16.77
N YCM A 68 -23.20 -45.14 -16.56
CA YCM A 68 -24.40 -45.68 -15.88
CB YCM A 68 -24.09 -47.09 -16.04
SG YCM A 68 -25.21 -48.09 -15.39
CD YCM A 68 -26.69 -47.92 -16.41
CE YCM A 68 -27.62 -48.12 -15.22
OZ1 YCM A 68 -28.63 -47.43 -14.93
NZ2 YCM A 68 -27.16 -49.15 -14.44
C YCM A 68 -24.46 -45.21 -14.46
O YCM A 68 -23.45 -45.32 -13.72
N PRO A 69 -25.62 -44.69 -14.02
CA PRO A 69 -25.66 -44.17 -12.62
C PRO A 69 -25.74 -45.17 -11.48
N THR A 70 -25.21 -46.40 -11.63
CA THR A 70 -25.29 -47.45 -10.59
C THR A 70 -25.02 -46.92 -9.18
N GLU A 71 -24.09 -45.99 -9.09
CA GLU A 71 -23.80 -45.33 -7.80
C GLU A 71 -24.97 -44.62 -7.16
N ILE A 72 -25.67 -43.78 -7.90
CA ILE A 72 -26.85 -43.09 -7.34
C ILE A 72 -27.95 -44.10 -7.01
N VAL A 73 -28.06 -45.13 -7.83
CA VAL A 73 -29.09 -46.14 -7.64
C VAL A 73 -28.81 -46.92 -6.36
N ALA A 74 -27.58 -47.34 -6.19
CA ALA A 74 -27.15 -48.03 -4.95
C ALA A 74 -27.49 -47.25 -3.68
N PHE A 75 -27.32 -45.93 -3.73
CA PHE A 75 -27.62 -45.08 -2.55
C PHE A 75 -29.11 -44.88 -2.45
N SER A 76 -29.80 -44.72 -3.59
CA SER A 76 -31.27 -44.67 -3.61
C SER A 76 -31.90 -45.92 -2.98
N ASP A 77 -31.44 -47.11 -3.41
CA ASP A 77 -31.90 -48.39 -2.85
C ASP A 77 -31.63 -48.53 -1.35
N ALA A 78 -30.53 -47.97 -0.86
CA ALA A 78 -30.21 -48.05 0.57
C ALA A 78 -30.78 -46.93 1.38
N ALA A 79 -31.52 -46.02 0.74
CA ALA A 79 -32.21 -44.92 1.44
C ALA A 79 -32.74 -45.27 2.82
N LYS A 80 -33.45 -46.37 2.88
CA LYS A 80 -34.08 -46.80 4.12
C LYS A 80 -33.08 -47.32 5.17
N LYS A 81 -32.03 -48.02 4.74
CA LYS A 81 -30.98 -48.38 5.68
C LYS A 81 -30.35 -47.12 6.30
N PHE A 82 -30.16 -46.08 5.50
CA PHE A 82 -29.66 -44.77 6.02
C PHE A 82 -30.66 -44.19 6.99
N GLU A 83 -31.92 -44.17 6.59
CA GLU A 83 -32.94 -43.63 7.49
C GLU A 83 -32.94 -44.37 8.86
N ASP A 84 -32.82 -45.69 8.85
CA ASP A 84 -32.70 -46.49 10.08
C ASP A 84 -31.48 -46.10 10.92
N GLN A 85 -30.34 -45.84 10.29
CA GLN A 85 -29.17 -45.33 10.98
C GLN A 85 -29.32 -43.86 11.49
N GLY A 86 -30.46 -43.19 11.27
CA GLY A 86 -30.64 -41.83 11.69
C GLY A 86 -30.03 -40.80 10.74
N ALA A 87 -29.95 -41.14 9.43
CA ALA A 87 -29.24 -40.30 8.47
C ALA A 87 -30.09 -40.07 7.25
N GLN A 88 -29.86 -38.90 6.61
CA GLN A 88 -30.46 -38.59 5.33
C GLN A 88 -29.39 -38.41 4.24
N VAL A 89 -29.59 -39.03 3.10
CA VAL A 89 -28.68 -38.92 1.98
C VAL A 89 -29.20 -37.84 1.12
N LEU A 90 -28.30 -37.00 0.61
CA LEU A 90 -28.62 -35.95 -0.35
C LEU A 90 -27.61 -36.03 -1.47
N PHE A 91 -28.08 -35.95 -2.72
CA PHE A 91 -27.23 -35.89 -3.88
C PHE A 91 -27.27 -34.52 -4.47
N ALA A 92 -26.27 -34.20 -5.27
CA ALA A 92 -26.01 -32.81 -5.71
C ALA A 92 -25.19 -32.81 -6.94
N SER A 93 -25.49 -31.89 -7.85
CA SER A 93 -24.78 -31.80 -9.14
C SER A 93 -24.87 -30.41 -9.64
N THR A 94 -24.08 -30.02 -10.64
CA THR A 94 -24.11 -28.65 -11.11
C THR A 94 -25.11 -28.41 -12.21
N ASP A 95 -26.13 -29.28 -12.33
CA ASP A 95 -27.14 -29.18 -13.36
C ASP A 95 -28.29 -28.44 -12.76
N SER A 96 -29.15 -27.89 -13.59
CA SER A 96 -30.35 -27.20 -13.09
C SER A 96 -31.36 -28.23 -12.62
N GLU A 97 -32.25 -27.78 -11.77
CA GLU A 97 -33.35 -28.59 -11.30
C GLU A 97 -34.22 -29.13 -12.44
N TYR A 98 -34.21 -28.46 -13.58
CA TYR A 98 -34.97 -28.89 -14.76
C TYR A 98 -34.27 -30.03 -15.48
N SER A 99 -32.96 -29.96 -15.58
CA SER A 99 -32.16 -31.03 -16.15
C SER A 99 -32.25 -32.24 -15.26
N LEU A 100 -32.10 -32.05 -13.95
CA LEU A 100 -32.21 -33.15 -13.01
C LEU A 100 -33.59 -33.74 -13.00
N LEU A 101 -34.63 -32.92 -12.94
CA LEU A 101 -36.02 -33.44 -13.12
C LEU A 101 -36.17 -34.29 -14.37
N ALA A 102 -35.75 -33.78 -15.53
CA ALA A 102 -35.88 -34.54 -16.74
C ALA A 102 -35.14 -35.86 -16.67
N TRP A 103 -33.99 -35.85 -15.97
CA TRP A 103 -33.19 -37.07 -15.75
C TRP A 103 -33.98 -38.15 -15.05
N THR A 104 -34.74 -37.77 -14.02
CA THR A 104 -35.59 -38.71 -13.28
C THR A 104 -36.79 -39.17 -14.10
N ASN A 105 -37.40 -38.26 -14.85
CA ASN A 105 -38.53 -38.61 -15.75
C ASN A 105 -38.09 -39.53 -16.91
N LEU A 106 -36.82 -39.53 -17.28
CA LEU A 106 -36.34 -40.45 -18.31
C LEU A 106 -35.96 -41.79 -17.66
N PRO A 107 -36.76 -42.87 -17.88
CA PRO A 107 -36.45 -44.14 -17.17
C PRO A 107 -35.13 -44.76 -17.57
N ARG A 108 -34.73 -45.79 -16.83
CA ARG A 108 -33.38 -46.37 -16.99
C ARG A 108 -33.27 -47.22 -18.23
N LYS A 109 -34.31 -48.03 -18.50
CA LYS A 109 -34.45 -48.71 -19.79
C LYS A 109 -34.05 -47.75 -20.94
N ASP A 110 -34.48 -46.48 -20.88
CA ASP A 110 -34.23 -45.47 -21.91
C ASP A 110 -33.01 -44.57 -21.67
N GLY A 111 -32.06 -45.01 -20.81
CA GLY A 111 -30.79 -44.29 -20.62
C GLY A 111 -30.80 -43.13 -19.63
N GLY A 112 -31.83 -43.03 -18.79
CA GLY A 112 -31.88 -42.00 -17.77
C GLY A 112 -31.64 -42.58 -16.40
N LEU A 113 -32.21 -41.94 -15.40
CA LEU A 113 -32.06 -42.29 -13.99
C LEU A 113 -33.27 -42.91 -13.36
N GLY A 114 -34.48 -42.60 -13.86
CA GLY A 114 -35.71 -43.06 -13.24
C GLY A 114 -35.90 -42.36 -11.91
N PRO A 115 -37.06 -42.53 -11.26
CA PRO A 115 -37.24 -41.90 -9.95
C PRO A 115 -36.23 -42.41 -8.92
N VAL A 116 -36.07 -41.68 -7.81
CA VAL A 116 -35.11 -42.05 -6.76
C VAL A 116 -35.59 -41.63 -5.37
N LYS A 117 -35.09 -42.31 -4.36
CA LYS A 117 -35.54 -42.04 -3.01
C LYS A 117 -34.65 -41.06 -2.23
N VAL A 118 -33.84 -40.24 -2.93
CA VAL A 118 -33.04 -39.18 -2.31
C VAL A 118 -33.08 -37.84 -3.06
N PRO A 119 -33.21 -36.72 -2.35
CA PRO A 119 -33.24 -35.40 -3.05
C PRO A 119 -32.07 -35.18 -3.95
N LEU A 120 -32.28 -34.56 -5.10
CA LEU A 120 -31.21 -34.19 -6.08
C LEU A 120 -31.12 -32.68 -6.12
N LEU A 121 -29.97 -32.14 -5.74
CA LEU A 121 -29.80 -30.68 -5.52
C LEU A 121 -29.12 -30.06 -6.74
N ALA A 122 -29.66 -28.94 -7.18
CA ALA A 122 -29.20 -28.29 -8.38
C ALA A 122 -28.28 -27.18 -7.92
N ASP A 123 -26.99 -27.38 -8.11
CA ASP A 123 -26.00 -26.40 -7.74
C ASP A 123 -25.60 -25.58 -8.96
N LYS A 124 -26.57 -24.98 -9.64
CA LYS A 124 -26.22 -24.24 -10.86
C LYS A 124 -25.20 -23.13 -10.69
N ASN A 125 -25.28 -22.35 -9.60
CA ASN A 125 -24.31 -21.26 -9.42
C ASN A 125 -22.98 -21.70 -8.84
N HIS A 126 -22.83 -22.99 -8.59
CA HIS A 126 -21.55 -23.61 -8.15
C HIS A 126 -21.15 -23.31 -6.76
N SER A 127 -22.00 -22.64 -5.97
CA SER A 127 -21.56 -22.22 -4.63
C SER A 127 -21.35 -23.43 -3.77
N LEU A 128 -22.20 -24.44 -3.90
CA LEU A 128 -22.13 -25.64 -3.05
C LEU A 128 -20.85 -26.38 -3.30
N SER A 129 -20.63 -26.70 -4.58
CA SER A 129 -19.44 -27.38 -5.02
C SER A 129 -18.17 -26.63 -4.68
N ARG A 130 -18.21 -25.31 -4.71
CA ARG A 130 -17.06 -24.53 -4.34
C ARG A 130 -16.80 -24.61 -2.86
N ASP A 131 -17.82 -24.36 -2.05
CA ASP A 131 -17.70 -24.38 -0.59
C ASP A 131 -17.30 -25.73 -0.07
N TYR A 132 -17.67 -26.80 -0.76
CA TYR A 132 -17.30 -28.17 -0.32
C TYR A 132 -15.99 -28.67 -0.94
N GLY A 133 -15.34 -27.85 -1.72
CA GLY A 133 -14.04 -28.17 -2.29
C GLY A 133 -14.01 -29.22 -3.41
N VAL A 134 -15.09 -29.41 -4.15
CA VAL A 134 -15.15 -30.47 -5.17
C VAL A 134 -15.28 -29.93 -6.62
N LEU A 135 -15.44 -28.61 -6.78
CA LEU A 135 -15.66 -28.07 -8.09
C LEU A 135 -14.38 -28.10 -8.88
N ILE A 136 -14.48 -28.44 -10.16
CA ILE A 136 -13.38 -28.39 -11.08
C ILE A 136 -13.70 -27.13 -11.89
N GLU A 137 -13.16 -25.99 -11.44
CA GLU A 137 -13.47 -24.69 -12.02
C GLU A 137 -13.44 -24.72 -13.56
N LYS A 138 -12.36 -25.20 -14.16
CA LYS A 138 -12.21 -25.14 -15.64
C LYS A 138 -13.33 -25.86 -16.37
N GLU A 139 -13.95 -26.79 -15.68
CA GLU A 139 -14.90 -27.75 -16.27
C GLU A 139 -16.34 -27.57 -15.89
N GLY A 140 -16.61 -26.96 -14.76
CA GLY A 140 -17.96 -26.66 -14.33
C GLY A 140 -18.71 -27.79 -13.68
N ILE A 141 -18.01 -28.76 -13.12
CA ILE A 141 -18.62 -29.95 -12.55
C ILE A 141 -17.93 -30.34 -11.28
N ALA A 142 -18.63 -31.11 -10.45
CA ALA A 142 -18.15 -31.53 -9.19
C ALA A 142 -17.49 -32.90 -9.34
N LEU A 143 -16.43 -33.10 -8.53
CA LEU A 143 -15.81 -34.38 -8.40
C LEU A 143 -16.78 -35.23 -7.59
N ARG A 144 -16.50 -36.51 -7.46
CA ARG A 144 -17.35 -37.40 -6.73
C ARG A 144 -17.02 -37.35 -5.24
N GLY A 145 -17.25 -36.23 -4.62
CA GLY A 145 -17.06 -36.06 -3.19
C GLY A 145 -18.26 -36.57 -2.41
N LEU A 146 -18.02 -37.02 -1.17
CA LEU A 146 -19.05 -37.46 -0.25
C LEU A 146 -18.68 -36.99 1.13
N PHE A 147 -19.59 -36.33 1.83
CA PHE A 147 -19.32 -35.74 3.12
C PHE A 147 -20.34 -36.29 4.09
N ILE A 148 -19.90 -36.69 5.28
CA ILE A 148 -20.83 -37.13 6.34
C ILE A 148 -20.73 -36.02 7.39
N ILE A 149 -21.88 -35.53 7.79
CA ILE A 149 -22.01 -34.35 8.62
C ILE A 149 -22.91 -34.77 9.78
N ASP A 150 -22.51 -34.47 11.02
CA ASP A 150 -23.19 -34.97 12.18
C ASP A 150 -24.33 -34.02 12.57
N PRO A 151 -25.13 -34.37 13.61
CA PRO A 151 -26.30 -33.63 14.03
C PRO A 151 -26.10 -32.19 14.47
N LYS A 152 -24.88 -31.85 14.84
CA LYS A 152 -24.49 -30.52 15.24
C LYS A 152 -23.89 -29.77 14.05
N GLY A 153 -23.81 -30.44 12.89
CA GLY A 153 -23.33 -29.82 11.65
C GLY A 153 -21.84 -29.88 11.44
N ILE A 154 -21.15 -30.84 12.09
CA ILE A 154 -19.69 -30.96 12.00
C ILE A 154 -19.37 -32.01 10.99
N ILE A 155 -18.36 -31.77 10.15
CA ILE A 155 -17.97 -32.76 9.17
C ILE A 155 -17.09 -33.80 9.82
N ARG A 156 -17.52 -35.04 9.79
CA ARG A 156 -16.80 -36.13 10.41
C ARG A 156 -16.12 -37.04 9.42
N HIS A 157 -16.34 -36.83 8.12
CA HIS A 157 -15.71 -37.64 7.06
C HIS A 157 -15.73 -36.93 5.71
N ILE A 158 -14.71 -37.16 4.89
CA ILE A 158 -14.65 -36.65 3.52
C ILE A 158 -14.06 -37.76 2.69
N THR A 159 -14.77 -38.13 1.62
CA THR A 159 -14.26 -38.98 0.52
C THR A 159 -14.35 -38.06 -0.70
N ILE A 160 -13.39 -38.15 -1.60
CA ILE A 160 -13.36 -37.50 -2.90
C ILE A 160 -12.66 -38.43 -3.92
N ASN A 161 -13.40 -38.98 -4.88
CA ASN A 161 -12.86 -39.87 -5.94
C ASN A 161 -12.78 -39.08 -7.24
N ASP A 162 -11.75 -39.28 -8.02
CA ASP A 162 -11.72 -38.90 -9.45
C ASP A 162 -12.94 -39.57 -10.11
N LEU A 163 -13.27 -39.15 -11.31
CA LEU A 163 -14.58 -39.47 -11.90
C LEU A 163 -14.68 -40.96 -12.30
N SER A 164 -13.53 -41.57 -12.70
CA SER A 164 -13.49 -42.92 -13.24
C SER A 164 -13.99 -44.08 -12.40
N VAL A 165 -14.14 -43.88 -11.07
CA VAL A 165 -14.35 -45.00 -10.12
C VAL A 165 -15.27 -44.48 -9.03
N GLY A 166 -16.19 -45.35 -8.58
CA GLY A 166 -17.25 -44.93 -7.69
C GLY A 166 -17.03 -45.21 -6.22
N ARG A 167 -18.04 -44.84 -5.42
CA ARG A 167 -18.02 -44.98 -3.98
C ARG A 167 -18.83 -46.21 -3.56
N ASN A 168 -18.61 -46.62 -2.32
CA ASN A 168 -19.15 -47.85 -1.78
C ASN A 168 -20.20 -47.41 -0.78
N VAL A 169 -21.42 -47.91 -0.97
CA VAL A 169 -22.56 -47.57 -0.14
C VAL A 169 -22.33 -48.01 1.29
N ASN A 170 -21.64 -49.13 1.47
CA ASN A 170 -21.52 -49.73 2.79
C ASN A 170 -20.54 -48.96 3.62
N GLU A 171 -19.63 -48.25 2.97
CA GLU A 171 -18.67 -47.44 3.66
C GLU A 171 -19.43 -46.35 4.32
N ALA A 172 -20.29 -45.67 3.59
CA ALA A 172 -21.07 -44.60 4.21
C ALA A 172 -21.91 -45.10 5.37
N LEU A 173 -22.55 -46.25 5.24
CA LEU A 173 -23.30 -46.82 6.37
C LEU A 173 -22.41 -47.16 7.55
N ARG A 174 -21.28 -47.82 7.27
CA ARG A 174 -20.32 -48.17 8.32
C ARG A 174 -19.85 -46.97 9.08
N LEU A 175 -19.53 -45.89 8.37
CA LEU A 175 -19.02 -44.67 8.99
C LEU A 175 -20.05 -43.99 9.83
N VAL A 176 -21.24 -43.84 9.28
CA VAL A 176 -22.35 -43.24 10.06
C VAL A 176 -22.60 -44.03 11.34
N GLU A 177 -22.67 -45.37 11.23
CA GLU A 177 -22.88 -46.20 12.43
C GLU A 177 -21.72 -46.00 13.38
N GLY A 178 -20.51 -45.95 12.83
CA GLY A 178 -19.32 -45.67 13.61
C GLY A 178 -19.43 -44.38 14.40
N PHE A 179 -19.85 -43.30 13.74
CA PHE A 179 -19.87 -41.97 14.39
C PHE A 179 -21.00 -41.84 15.38
N GLN A 180 -22.08 -42.60 15.16
CA GLN A 180 -23.14 -42.63 16.15
C GLN A 180 -22.71 -43.32 17.40
N TRP A 181 -22.16 -44.52 17.23
CA TRP A 181 -21.64 -45.26 18.34
C TRP A 181 -20.71 -44.36 19.16
N THR A 182 -19.63 -43.87 18.56
CA THR A 182 -18.72 -42.95 19.26
C THR A 182 -19.34 -41.66 19.83
N ASP A 183 -20.38 -41.14 19.18
CA ASP A 183 -21.16 -40.00 19.73
C ASP A 183 -21.77 -40.29 21.07
N LYS A 184 -22.24 -41.54 21.23
CA LYS A 184 -22.91 -41.98 22.47
C LYS A 184 -22.11 -42.86 23.41
N ASN A 185 -20.78 -42.95 23.25
CA ASN A 185 -19.91 -43.61 24.27
C ASN A 185 -18.74 -42.66 24.61
N GLY A 186 -17.61 -43.20 25.08
CA GLY A 186 -16.37 -42.43 25.10
C GLY A 186 -16.09 -41.93 23.69
N THR A 187 -15.54 -42.83 22.85
CA THR A 187 -15.28 -42.58 21.40
C THR A 187 -15.37 -43.84 20.52
N MET B 21 0.53 -24.99 -2.17
CA MET B 21 0.78 -26.45 -2.46
C MET B 21 -0.05 -27.42 -1.57
N VAL B 22 -1.43 -27.32 -1.56
CA VAL B 22 -2.35 -28.35 -0.94
C VAL B 22 -2.63 -29.49 -1.95
N ALA B 23 -3.22 -30.60 -1.48
CA ALA B 23 -3.47 -31.77 -2.29
C ALA B 23 -4.88 -31.82 -2.77
N GLU B 24 -5.09 -32.11 -4.05
CA GLU B 24 -6.41 -32.16 -4.65
C GLU B 24 -6.54 -33.31 -5.61
N VAL B 25 -7.71 -33.94 -5.66
CA VAL B 25 -7.96 -34.99 -6.65
C VAL B 25 -7.77 -34.37 -8.02
N GLN B 26 -7.22 -35.14 -8.95
CA GLN B 26 -6.83 -34.67 -10.32
C GLN B 26 -5.57 -33.87 -10.47
N LYS B 27 -4.98 -33.39 -9.38
CA LYS B 27 -3.71 -32.66 -9.39
C LYS B 27 -2.56 -33.49 -8.93
N GLN B 28 -1.38 -32.98 -9.24
CA GLN B 28 -0.09 -33.59 -8.92
C GLN B 28 0.02 -33.60 -7.41
N ALA B 29 0.48 -34.71 -6.83
CA ALA B 29 0.57 -34.78 -5.38
C ALA B 29 1.76 -33.99 -4.90
N PRO B 30 1.66 -33.37 -3.73
CA PRO B 30 2.79 -32.63 -3.22
C PRO B 30 4.02 -33.51 -3.01
N PRO B 31 5.14 -33.11 -3.59
CA PRO B 31 6.30 -34.02 -3.41
C PRO B 31 6.74 -34.03 -1.92
N PHE B 32 7.49 -35.03 -1.51
CA PHE B 32 8.06 -35.04 -0.19
C PHE B 32 9.35 -35.84 -0.12
N LYS B 33 10.14 -35.59 0.93
CA LYS B 33 11.36 -36.36 1.19
C LYS B 33 11.42 -36.39 2.72
N LYS B 34 11.17 -37.56 3.32
CA LYS B 34 11.07 -37.68 4.75
C LYS B 34 11.83 -38.89 5.24
N THR B 35 12.47 -38.75 6.39
CA THR B 35 13.17 -39.84 7.03
C THR B 35 12.15 -40.80 7.53
N ALA B 36 12.35 -42.09 7.25
CA ALA B 36 11.38 -43.11 7.64
C ALA B 36 12.10 -44.29 8.24
N VAL B 37 11.36 -45.03 9.05
CA VAL B 37 11.78 -46.34 9.53
C VAL B 37 11.33 -47.44 8.55
N VAL B 38 12.30 -48.08 7.89
CA VAL B 38 12.09 -49.31 7.12
C VAL B 38 12.94 -50.44 7.74
N ASP B 39 12.27 -51.49 8.19
CA ASP B 39 12.94 -52.67 8.82
C ASP B 39 13.93 -52.26 9.87
N GLY B 40 13.42 -51.54 10.86
CA GLY B 40 14.21 -51.11 12.01
C GLY B 40 15.39 -50.18 11.80
N ILE B 41 15.58 -49.61 10.58
CA ILE B 41 16.62 -48.62 10.30
C ILE B 41 16.12 -47.49 9.41
N PHE B 42 16.86 -46.36 9.35
CA PHE B 42 16.37 -45.17 8.67
C PHE B 42 16.67 -45.18 7.18
N GLU B 43 15.72 -44.67 6.41
CA GLU B 43 15.87 -44.45 4.98
C GLU B 43 15.13 -43.17 4.65
N GLU B 44 15.64 -42.42 3.69
CA GLU B 44 15.01 -41.21 3.19
C GLU B 44 14.05 -41.58 2.07
N ILE B 45 12.75 -41.35 2.32
CA ILE B 45 11.73 -41.73 1.38
C ILE B 45 11.14 -40.53 0.70
N SER B 46 11.08 -40.57 -0.64
CA SER B 46 10.37 -39.57 -1.40
C SER B 46 9.34 -40.25 -2.25
N LEU B 47 8.43 -39.45 -2.77
CA LEU B 47 7.35 -39.94 -3.62
C LEU B 47 7.91 -40.29 -4.97
N GLU B 48 8.84 -39.45 -5.45
CA GLU B 48 9.56 -39.68 -6.67
C GLU B 48 10.16 -41.10 -6.75
N LYS B 49 10.52 -41.68 -5.61
CA LYS B 49 11.01 -43.05 -5.54
C LYS B 49 10.00 -44.08 -6.06
N TYR B 50 8.71 -43.81 -5.93
CA TYR B 50 7.67 -44.76 -6.34
C TYR B 50 6.97 -44.41 -7.68
N LYS B 51 7.54 -43.45 -8.44
CA LYS B 51 7.02 -43.14 -9.73
C LYS B 51 6.94 -44.45 -10.52
N GLY B 52 5.82 -44.68 -11.21
CA GLY B 52 5.58 -45.95 -11.90
C GLY B 52 4.66 -46.87 -11.13
N LYS B 53 4.51 -46.66 -9.82
CA LYS B 53 3.66 -47.49 -9.00
C LYS B 53 2.60 -46.61 -8.38
N TYR B 54 1.49 -47.24 -8.00
CA TYR B 54 0.48 -46.60 -7.20
C TYR B 54 1.07 -46.44 -5.81
N VAL B 55 0.74 -45.38 -5.12
CA VAL B 55 1.15 -45.16 -3.73
C VAL B 55 -0.08 -44.90 -2.93
N VAL B 56 -0.16 -45.50 -1.75
CA VAL B 56 -1.28 -45.30 -0.84
C VAL B 56 -0.69 -44.71 0.43
N LEU B 57 -0.82 -43.39 0.57
CA LEU B 57 -0.22 -42.67 1.68
C LEU B 57 -1.27 -42.50 2.74
N ALA B 58 -0.98 -42.95 3.95
CA ALA B 58 -1.99 -42.98 4.98
C ALA B 58 -1.35 -42.40 6.24
N PHE B 59 -2.07 -41.50 6.92
CA PHE B 59 -1.55 -40.82 8.10
C PHE B 59 -2.17 -41.42 9.35
N VAL B 60 -1.47 -41.29 10.49
CA VAL B 60 -2.05 -41.68 11.79
C VAL B 60 -1.69 -40.67 12.89
N PRO B 61 -2.61 -40.34 13.79
CA PRO B 61 -2.32 -39.16 14.61
C PRO B 61 -1.06 -39.21 15.52
N LEU B 62 -0.92 -40.24 16.42
CA LEU B 62 0.23 -40.41 17.32
C LEU B 62 0.69 -41.86 17.57
N ALA B 63 2.01 -42.05 17.65
CA ALA B 63 2.59 -43.26 18.23
C ALA B 63 2.35 -43.38 19.71
N PHE B 64 2.44 -44.61 20.21
CA PHE B 64 2.21 -45.02 21.61
C PHE B 64 0.91 -44.61 22.17
N SER B 65 -0.06 -44.26 21.34
CA SER B 65 -1.30 -43.73 21.88
C SER B 65 -1.97 -44.90 22.50
N PHE B 66 -2.92 -44.62 23.44
CA PHE B 66 -3.53 -45.74 24.21
C PHE B 66 -4.67 -46.39 23.38
N VAL B 67 -4.75 -46.07 22.06
CA VAL B 67 -5.75 -46.62 21.18
C VAL B 67 -5.03 -47.69 20.40
N YCM B 68 -5.65 -48.88 20.32
CA YCM B 68 -5.09 -50.04 19.62
CB YCM B 68 -6.18 -51.13 19.49
SG YCM B 68 -6.24 -52.20 20.85
CD YCM B 68 -5.18 -53.42 20.12
CE YCM B 68 -4.16 -53.71 21.17
OZ1 YCM B 68 -4.35 -54.76 21.89
NZ2 YCM B 68 -3.12 -52.81 21.20
C YCM B 68 -4.83 -49.75 18.18
O YCM B 68 -5.74 -49.29 17.46
N PRO B 69 -3.57 -50.01 17.70
CA PRO B 69 -3.33 -49.69 16.26
C PRO B 69 -3.89 -50.70 15.24
N THR B 70 -5.01 -51.37 15.48
CA THR B 70 -5.59 -52.36 14.54
C THR B 70 -5.59 -51.87 13.10
N GLU B 71 -5.84 -50.59 12.93
CA GLU B 71 -5.79 -49.96 11.61
C GLU B 71 -4.44 -50.06 10.91
N ILE B 72 -3.36 -49.71 11.58
CA ILE B 72 -2.04 -49.84 10.95
C ILE B 72 -1.69 -51.31 10.72
N VAL B 73 -2.14 -52.19 11.61
CA VAL B 73 -1.84 -53.60 11.51
C VAL B 73 -2.55 -54.15 10.28
N ALA B 74 -3.84 -53.84 10.12
CA ALA B 74 -4.59 -54.28 8.94
C ALA B 74 -3.88 -53.89 7.61
N PHE B 75 -3.33 -52.68 7.56
CA PHE B 75 -2.64 -52.20 6.36
C PHE B 75 -1.27 -52.83 6.25
N SER B 76 -0.58 -53.02 7.38
CA SER B 76 0.67 -53.77 7.41
C SER B 76 0.51 -55.18 6.89
N ASP B 77 -0.48 -55.91 7.38
CA ASP B 77 -0.81 -57.28 6.90
C ASP B 77 -1.14 -57.33 5.41
N ALA B 78 -1.77 -56.29 4.88
CA ALA B 78 -2.10 -56.28 3.45
C ALA B 78 -1.01 -55.68 2.57
N ALA B 79 0.08 -55.26 3.19
CA ALA B 79 1.23 -54.68 2.45
C ALA B 79 1.56 -55.41 1.18
N LYS B 80 1.65 -56.74 1.31
CA LYS B 80 2.02 -57.60 0.22
C LYS B 80 0.94 -57.73 -0.85
N LYS B 81 -0.32 -57.78 -0.45
CA LYS B 81 -1.41 -57.73 -1.43
C LYS B 81 -1.32 -56.45 -2.28
N PHE B 82 -1.00 -55.31 -1.63
CA PHE B 82 -0.80 -54.04 -2.37
C PHE B 82 0.38 -54.20 -3.28
N GLU B 83 1.49 -54.69 -2.76
CA GLU B 83 2.69 -54.85 -3.60
C GLU B 83 2.40 -55.65 -4.85
N ASP B 84 1.67 -56.76 -4.70
CA ASP B 84 1.25 -57.61 -5.85
C ASP B 84 0.41 -56.83 -6.85
N GLN B 85 -0.50 -55.98 -6.39
CA GLN B 85 -1.25 -55.09 -7.28
C GLN B 85 -0.42 -53.97 -7.93
N GLY B 86 0.88 -53.86 -7.65
CA GLY B 86 1.69 -52.75 -8.17
C GLY B 86 1.49 -51.42 -7.40
N ALA B 87 1.27 -51.55 -6.10
CA ALA B 87 1.11 -50.38 -5.21
C ALA B 87 2.02 -50.48 -4.00
N GLN B 88 2.38 -49.36 -3.43
CA GLN B 88 3.14 -49.25 -2.19
C GLN B 88 2.38 -48.49 -1.12
N VAL B 89 2.26 -49.06 0.07
CA VAL B 89 1.61 -48.42 1.18
C VAL B 89 2.69 -47.73 1.94
N LEU B 90 2.39 -46.48 2.36
CA LEU B 90 3.27 -45.71 3.20
C LEU B 90 2.47 -45.14 4.32
N PHE B 91 3.01 -45.21 5.54
CA PHE B 91 2.42 -44.57 6.70
C PHE B 91 3.24 -43.41 7.11
N ALA B 92 2.60 -42.51 7.85
CA ALA B 92 3.22 -41.19 8.15
C ALA B 92 2.60 -40.63 9.38
N SER B 93 3.40 -40.01 10.23
CA SER B 93 2.92 -39.44 11.50
C SER B 93 3.80 -38.29 11.88
N THR B 94 3.39 -37.46 12.83
CA THR B 94 4.22 -36.30 13.18
C THR B 94 5.24 -36.60 14.27
N ASP B 95 5.59 -37.88 14.46
CA ASP B 95 6.52 -38.29 15.48
C ASP B 95 7.87 -38.38 14.80
N SER B 96 8.95 -38.35 15.60
CA SER B 96 10.27 -38.51 15.06
C SER B 96 10.50 -39.97 14.69
N GLU B 97 11.45 -40.17 13.80
CA GLU B 97 11.89 -41.49 13.40
C GLU B 97 12.37 -42.35 14.60
N TYR B 98 12.82 -41.67 15.69
CA TYR B 98 13.24 -42.38 16.88
C TYR B 98 12.04 -42.88 17.71
N SER B 99 11.00 -42.06 17.80
CA SER B 99 9.77 -42.46 18.45
C SER B 99 9.12 -43.58 17.66
N LEU B 100 9.05 -43.44 16.35
CA LEU B 100 8.47 -44.46 15.50
C LEU B 100 9.28 -45.74 15.56
N LEU B 101 10.61 -45.66 15.44
CA LEU B 101 11.46 -46.85 15.68
C LEU B 101 11.15 -47.54 17.00
N ALA B 102 11.14 -46.79 18.09
CA ALA B 102 10.88 -47.40 19.40
C ALA B 102 9.52 -48.06 19.42
N TRP B 103 8.55 -47.46 18.72
CA TRP B 103 7.19 -48.01 18.60
C TRP B 103 7.20 -49.41 18.03
N THR B 104 8.00 -49.61 16.95
CA THR B 104 8.14 -50.94 16.36
C THR B 104 8.89 -51.93 17.24
N ASN B 105 9.95 -51.46 17.90
CA ASN B 105 10.70 -52.31 18.84
C ASN B 105 9.87 -52.73 20.08
N LEU B 106 8.84 -51.95 20.43
CA LEU B 106 7.97 -52.33 21.55
C LEU B 106 6.87 -53.27 21.03
N PRO B 107 6.90 -54.57 21.37
CA PRO B 107 5.88 -55.49 20.80
C PRO B 107 4.46 -55.20 21.27
N ARG B 108 3.49 -55.86 20.66
CA ARG B 108 2.06 -55.54 20.87
C ARG B 108 1.56 -56.05 22.21
N LYS B 109 1.97 -57.26 22.57
CA LYS B 109 1.80 -57.76 23.95
C LYS B 109 2.10 -56.63 24.98
N ASP B 110 3.17 -55.86 24.75
CA ASP B 110 3.60 -54.78 25.64
C ASP B 110 3.09 -53.38 25.28
N GLY B 111 2.02 -53.28 24.48
CA GLY B 111 1.36 -51.99 24.18
C GLY B 111 1.98 -51.17 23.04
N GLY B 112 2.84 -51.76 22.23
CA GLY B 112 3.41 -51.08 21.11
C GLY B 112 2.81 -51.55 19.80
N LEU B 113 3.61 -51.44 18.74
CA LEU B 113 3.21 -51.75 17.37
C LEU B 113 3.82 -53.04 16.84
N GLY B 114 5.02 -53.43 17.31
CA GLY B 114 5.74 -54.54 16.75
C GLY B 114 6.23 -54.20 15.36
N PRO B 115 7.00 -55.10 14.74
CA PRO B 115 7.50 -54.77 13.38
C PRO B 115 6.37 -54.57 12.38
N VAL B 116 6.68 -53.96 11.24
CA VAL B 116 5.65 -53.66 10.23
C VAL B 116 6.21 -53.74 8.82
N LYS B 117 5.30 -54.06 7.89
CA LYS B 117 5.79 -54.35 6.53
C LYS B 117 5.78 -53.13 5.57
N VAL B 118 5.58 -51.92 6.14
CA VAL B 118 5.42 -50.67 5.43
C VAL B 118 6.22 -49.51 6.04
N PRO B 119 6.90 -48.68 5.21
CA PRO B 119 7.70 -47.60 5.76
C PRO B 119 6.87 -46.67 6.67
N LEU B 120 7.47 -46.20 7.78
CA LEU B 120 6.81 -45.28 8.69
C LEU B 120 7.56 -43.95 8.63
N LEU B 121 6.87 -42.89 8.21
CA LEU B 121 7.54 -41.62 7.86
C LEU B 121 7.39 -40.61 8.97
N ALA B 122 8.48 -39.96 9.32
CA ALA B 122 8.51 -39.07 10.47
C ALA B 122 8.36 -37.68 9.91
N ASP B 123 7.17 -37.11 10.10
CA ASP B 123 6.87 -35.77 9.66
C ASP B 123 7.06 -34.78 10.77
N LYS B 124 8.23 -34.77 11.41
CA LYS B 124 8.42 -33.87 12.56
C LYS B 124 8.19 -32.40 12.29
N ASN B 125 8.63 -31.88 11.12
CA ASN B 125 8.43 -30.45 10.86
C ASN B 125 7.04 -30.11 10.32
N HIS B 126 6.19 -31.11 10.17
CA HIS B 126 4.77 -30.94 9.80
C HIS B 126 4.52 -30.57 8.37
N SER B 127 5.55 -30.56 7.53
CA SER B 127 5.38 -30.07 6.16
C SER B 127 4.47 -31.02 5.40
N LEU B 128 4.62 -32.32 5.64
CA LEU B 128 3.85 -33.30 4.90
C LEU B 128 2.40 -33.19 5.21
N SER B 129 2.09 -33.24 6.50
CA SER B 129 0.73 -33.09 6.99
C SER B 129 0.10 -31.77 6.57
N ARG B 130 0.88 -30.72 6.48
CA ARG B 130 0.34 -29.45 6.04
C ARG B 130 0.03 -29.49 4.53
N ASP B 131 0.96 -29.94 3.72
CA ASP B 131 0.77 -29.99 2.28
C ASP B 131 -0.35 -30.94 1.88
N TYR B 132 -0.60 -31.97 2.68
CA TYR B 132 -1.69 -32.93 2.32
C TYR B 132 -3.01 -32.56 3.03
N GLY B 133 -3.06 -31.45 3.73
CA GLY B 133 -4.29 -30.95 4.33
C GLY B 133 -4.84 -31.70 5.53
N VAL B 134 -4.02 -32.39 6.29
CA VAL B 134 -4.49 -33.21 7.44
C VAL B 134 -4.01 -32.72 8.81
N LEU B 135 -3.14 -31.72 8.84
CA LEU B 135 -2.58 -31.27 10.12
C LEU B 135 -3.62 -30.53 10.91
N ILE B 136 -3.66 -30.77 12.20
CA ILE B 136 -4.48 -30.01 13.10
C ILE B 136 -3.48 -29.10 13.81
N GLU B 137 -3.30 -27.91 13.27
CA GLU B 137 -2.32 -26.93 13.77
C GLU B 137 -2.27 -26.84 15.29
N LYS B 138 -3.42 -26.61 15.92
CA LYS B 138 -3.45 -26.37 17.40
C LYS B 138 -2.88 -27.55 18.19
N GLU B 139 -2.90 -28.73 17.57
CA GLU B 139 -2.66 -29.99 18.24
C GLU B 139 -1.38 -30.67 17.85
N GLY B 140 -0.87 -30.41 16.66
CA GLY B 140 0.40 -30.99 16.22
C GLY B 140 0.33 -32.39 15.68
N ILE B 141 -0.82 -32.82 15.21
CA ILE B 141 -1.01 -34.21 14.76
C ILE B 141 -1.88 -34.22 13.50
N ALA B 142 -1.79 -35.32 12.78
CA ALA B 142 -2.47 -35.49 11.56
C ALA B 142 -3.80 -36.20 11.80
N LEU B 143 -4.80 -35.81 11.01
CA LEU B 143 -6.06 -36.51 10.92
C LEU B 143 -5.78 -37.79 10.22
N ARG B 144 -6.76 -38.68 10.16
CA ARG B 144 -6.59 -39.97 9.55
C ARG B 144 -6.89 -39.87 8.06
N GLY B 145 -6.05 -39.13 7.34
CA GLY B 145 -6.20 -39.02 5.89
C GLY B 145 -5.54 -40.16 5.18
N LEU B 146 -6.06 -40.50 3.99
CA LEU B 146 -5.49 -41.52 3.12
C LEU B 146 -5.57 -41.05 1.69
N PHE B 147 -4.47 -41.09 0.95
CA PHE B 147 -4.40 -40.55 -0.40
C PHE B 147 -3.94 -41.67 -1.30
N ILE B 148 -4.58 -41.85 -2.45
CA ILE B 148 -4.13 -42.78 -3.47
C ILE B 148 -3.61 -41.94 -4.60
N ILE B 149 -2.39 -42.25 -5.03
CA ILE B 149 -1.62 -41.49 -5.99
C ILE B 149 -1.23 -42.44 -7.08
N ASP B 150 -1.43 -42.08 -8.35
CA ASP B 150 -1.21 -42.99 -9.47
C ASP B 150 0.25 -42.91 -9.91
N PRO B 151 0.68 -43.73 -10.89
CA PRO B 151 2.07 -43.79 -11.36
C PRO B 151 2.70 -42.56 -11.90
N LYS B 152 1.88 -41.63 -12.33
CA LYS B 152 2.29 -40.32 -12.86
C LYS B 152 2.24 -39.30 -11.79
N GLY B 153 1.85 -39.69 -10.57
CA GLY B 153 1.88 -38.82 -9.37
C GLY B 153 0.63 -37.98 -9.19
N ILE B 154 -0.51 -38.43 -9.75
CA ILE B 154 -1.76 -37.67 -9.73
C ILE B 154 -2.59 -38.25 -8.62
N ILE B 155 -3.25 -37.39 -7.84
CA ILE B 155 -4.10 -37.89 -6.77
C ILE B 155 -5.44 -38.32 -7.34
N ARG B 156 -5.77 -39.59 -7.18
CA ARG B 156 -7.00 -40.13 -7.71
C ARG B 156 -8.03 -40.38 -6.63
N HIS B 157 -7.67 -40.23 -5.35
CA HIS B 157 -8.62 -40.39 -4.24
C HIS B 157 -8.17 -39.68 -2.96
N ILE B 158 -9.10 -39.22 -2.14
CA ILE B 158 -8.78 -38.66 -0.82
C ILE B 158 -9.85 -39.16 0.11
N THR B 159 -9.45 -39.76 1.23
CA THR B 159 -10.28 -40.06 2.40
C THR B 159 -9.65 -39.25 3.52
N ILE B 160 -10.46 -38.68 4.41
CA ILE B 160 -10.05 -38.08 5.66
C ILE B 160 -11.12 -38.36 6.73
N ASN B 161 -10.82 -39.18 7.74
CA ASN B 161 -11.78 -39.46 8.86
C ASN B 161 -11.32 -38.67 10.09
N ASP B 162 -12.27 -38.11 10.82
CA ASP B 162 -12.04 -37.67 12.19
C ASP B 162 -11.49 -38.85 12.99
N LEU B 163 -10.96 -38.58 14.18
CA LEU B 163 -10.16 -39.56 14.90
C LEU B 163 -10.95 -40.76 15.39
N SER B 164 -12.22 -40.56 15.74
CA SER B 164 -13.04 -41.62 16.39
C SER B 164 -13.29 -42.94 15.64
N VAL B 165 -13.02 -42.95 14.32
CA VAL B 165 -13.40 -44.05 13.43
C VAL B 165 -12.36 -44.27 12.41
N GLY B 166 -12.09 -45.54 12.09
CA GLY B 166 -10.94 -45.88 11.19
C GLY B 166 -11.34 -46.15 9.74
N ARG B 167 -10.33 -46.49 8.96
CA ARG B 167 -10.47 -46.72 7.52
C ARG B 167 -10.45 -48.22 7.23
N ASN B 168 -10.91 -48.57 6.04
CA ASN B 168 -11.13 -49.90 5.63
C ASN B 168 -10.07 -50.21 4.61
N VAL B 169 -9.32 -51.27 4.86
CA VAL B 169 -8.21 -51.69 3.99
C VAL B 169 -8.73 -52.10 2.61
N ASN B 170 -9.94 -52.65 2.56
CA ASN B 170 -10.47 -53.18 1.31
C ASN B 170 -10.89 -52.07 0.40
N GLU B 171 -11.21 -50.93 0.97
CA GLU B 171 -11.58 -49.78 0.16
C GLU B 171 -10.37 -49.37 -0.59
N ALA B 172 -9.25 -49.24 0.07
CA ALA B 172 -8.02 -48.88 -0.70
C ALA B 172 -7.69 -49.89 -1.78
N LEU B 173 -7.81 -51.18 -1.50
CA LEU B 173 -7.60 -52.22 -2.53
C LEU B 173 -8.60 -52.08 -3.68
N ARG B 174 -9.87 -51.93 -3.34
CA ARG B 174 -10.93 -51.75 -4.35
C ARG B 174 -10.66 -50.56 -5.24
N LEU B 175 -10.26 -49.45 -4.65
CA LEU B 175 -9.99 -48.23 -5.40
C LEU B 175 -8.81 -48.34 -6.29
N VAL B 176 -7.74 -48.87 -5.78
CA VAL B 176 -6.52 -49.13 -6.60
C VAL B 176 -6.85 -50.03 -7.77
N GLU B 177 -7.57 -51.13 -7.52
CA GLU B 177 -7.97 -52.05 -8.62
C GLU B 177 -8.86 -51.28 -9.58
N GLY B 178 -9.75 -50.48 -9.05
CA GLY B 178 -10.61 -49.62 -9.86
C GLY B 178 -9.81 -48.73 -10.78
N PHE B 179 -8.80 -48.04 -10.26
CA PHE B 179 -8.04 -47.05 -11.06
C PHE B 179 -7.12 -47.72 -12.05
N GLN B 180 -6.68 -48.94 -11.75
CA GLN B 180 -5.90 -49.71 -12.69
C GLN B 180 -6.75 -50.13 -13.86
N TRP B 181 -7.87 -50.74 -13.55
CA TRP B 181 -8.84 -51.15 -14.57
C TRP B 181 -9.10 -49.96 -15.49
N THR B 182 -9.63 -48.87 -14.97
CA THR B 182 -9.88 -47.66 -15.77
C THR B 182 -8.67 -47.07 -16.49
N ASP B 183 -7.47 -47.20 -15.91
CA ASP B 183 -6.21 -46.81 -16.59
C ASP B 183 -5.98 -47.58 -17.90
N LYS B 184 -6.37 -48.85 -17.90
CA LYS B 184 -6.22 -49.73 -19.06
C LYS B 184 -7.53 -50.05 -19.87
N ASN B 185 -8.53 -49.15 -20.02
CA ASN B 185 -9.93 -49.45 -20.58
C ASN B 185 -10.75 -48.13 -20.27
N MET C 21 6.01 -11.79 21.16
CA MET C 21 6.04 -12.68 22.37
C MET C 21 7.15 -13.83 22.31
N VAL C 22 8.42 -13.49 22.07
CA VAL C 22 9.65 -14.34 22.26
C VAL C 22 10.15 -14.14 23.73
N ALA C 23 11.14 -14.95 24.17
CA ALA C 23 11.66 -14.87 25.50
C ALA C 23 12.94 -14.11 25.53
N GLU C 24 13.09 -13.19 26.49
CA GLU C 24 14.25 -12.37 26.66
C GLU C 24 14.59 -12.17 28.12
N VAL C 25 15.88 -12.06 28.46
CA VAL C 25 16.26 -11.80 29.82
C VAL C 25 15.65 -10.45 30.19
N GLN C 26 15.22 -10.29 31.45
CA GLN C 26 14.49 -9.11 31.95
C GLN C 26 13.03 -8.96 31.62
N LYS C 27 12.52 -9.75 30.68
CA LYS C 27 11.10 -9.72 30.29
C LYS C 27 10.36 -10.92 30.88
N GLN C 28 9.03 -10.76 30.87
CA GLN C 28 8.09 -11.74 31.35
C GLN C 28 8.22 -12.96 30.50
N ALA C 29 8.23 -14.15 31.09
CA ALA C 29 8.38 -15.38 30.30
C ALA C 29 7.07 -15.68 29.63
N PRO C 30 7.13 -16.23 28.41
CA PRO C 30 5.89 -16.58 27.72
C PRO C 30 5.08 -17.61 28.49
N PRO C 31 3.80 -17.31 28.75
CA PRO C 31 3.06 -18.30 29.54
C PRO C 31 2.89 -19.60 28.75
N PHE C 32 2.58 -20.70 29.45
CA PHE C 32 2.27 -21.93 28.75
C PHE C 32 1.35 -22.83 29.54
N LYS C 33 0.71 -23.77 28.86
CA LYS C 33 -0.08 -24.82 29.48
C LYS C 33 0.11 -26.03 28.60
N LYS C 34 0.86 -27.03 29.07
CA LYS C 34 1.22 -28.17 28.26
C LYS C 34 1.03 -29.45 29.05
N THR C 35 0.52 -30.48 28.38
CA THR C 35 0.33 -31.78 28.97
C THR C 35 1.67 -32.38 29.21
N ALA C 36 1.87 -32.92 30.38
CA ALA C 36 3.19 -33.47 30.76
C ALA C 36 3.04 -34.78 31.45
N VAL C 37 4.09 -35.59 31.37
CA VAL C 37 4.22 -36.84 32.12
C VAL C 37 4.87 -36.58 33.49
N VAL C 38 4.11 -36.72 34.56
CA VAL C 38 4.58 -36.69 35.95
C VAL C 38 4.26 -38.02 36.62
N ASP C 39 5.31 -38.73 37.05
CA ASP C 39 5.19 -40.05 37.68
C ASP C 39 4.29 -40.96 36.88
N GLY C 40 4.66 -41.17 35.61
CA GLY C 40 3.94 -42.09 34.75
C GLY C 40 2.49 -41.81 34.38
N ILE C 41 1.96 -40.62 34.71
CA ILE C 41 0.60 -40.22 34.28
C ILE C 41 0.57 -38.74 33.82
N PHE C 42 -0.49 -38.37 33.09
CA PHE C 42 -0.54 -37.02 32.49
C PHE C 42 -1.11 -35.98 33.45
N GLU C 43 -0.53 -34.78 33.40
CA GLU C 43 -0.97 -33.65 34.18
C GLU C 43 -0.75 -32.43 33.31
N GLU C 44 -1.61 -31.44 33.42
CA GLU C 44 -1.50 -30.18 32.68
C GLU C 44 -0.67 -29.19 33.46
N ILE C 45 0.46 -28.82 32.89
CA ILE C 45 1.42 -27.95 33.59
C ILE C 45 1.41 -26.56 32.97
N SER C 46 1.25 -25.54 33.79
CA SER C 46 1.44 -24.17 33.37
C SER C 46 2.48 -23.55 34.24
N LEU C 47 2.97 -22.40 33.78
CA LEU C 47 4.03 -21.66 34.51
C LEU C 47 3.39 -21.00 35.71
N GLU C 48 2.18 -20.48 35.50
CA GLU C 48 1.39 -19.89 36.55
C GLU C 48 1.29 -20.81 37.79
N LYS C 49 1.32 -22.11 37.59
CA LYS C 49 1.33 -23.07 38.70
C LYS C 49 2.50 -22.92 39.64
N TYR C 50 3.64 -22.45 39.14
CA TYR C 50 4.86 -22.29 39.98
C TYR C 50 5.16 -20.85 40.41
N LYS C 51 4.20 -19.94 40.22
CA LYS C 51 4.36 -18.56 40.64
C LYS C 51 4.78 -18.59 42.10
N GLY C 52 5.81 -17.81 42.47
CA GLY C 52 6.35 -17.84 43.83
C GLY C 52 7.63 -18.65 43.92
N LYS C 53 7.89 -19.52 42.96
CA LYS C 53 9.09 -20.34 42.96
C LYS C 53 9.87 -20.04 41.69
N TYR C 54 11.15 -20.36 41.73
CA TYR C 54 11.97 -20.32 40.57
C TYR C 54 11.57 -21.50 39.72
N VAL C 55 11.64 -21.34 38.40
CA VAL C 55 11.39 -22.45 37.48
C VAL C 55 12.56 -22.53 36.58
N VAL C 56 13.04 -23.75 36.34
CA VAL C 56 14.17 -23.99 35.45
C VAL C 56 13.67 -24.85 34.32
N LEU C 57 13.40 -24.20 33.19
CA LEU C 57 12.78 -24.85 32.04
C LEU C 57 13.85 -25.24 31.09
N ALA C 58 13.95 -26.53 30.76
CA ALA C 58 15.05 -27.04 29.98
C ALA C 58 14.48 -27.90 28.88
N PHE C 59 14.94 -27.69 27.65
CA PHE C 59 14.44 -28.41 26.46
C PHE C 59 15.40 -29.50 26.04
N VAL C 60 14.91 -30.53 25.39
CA VAL C 60 15.77 -31.56 24.76
C VAL C 60 15.63 -32.21 23.44
N PRO C 61 14.76 -31.86 22.46
CA PRO C 61 14.29 -32.97 21.59
C PRO C 61 15.26 -33.50 20.71
N LEU C 62 15.22 -34.78 20.93
CA LEU C 62 14.25 -35.89 20.72
C LEU C 62 14.29 -37.00 21.80
N ALA C 63 13.13 -37.56 22.11
CA ALA C 63 13.04 -38.84 22.85
C ALA C 63 13.53 -40.01 22.00
N PHE C 64 13.92 -41.09 22.65
CA PHE C 64 14.48 -42.32 22.06
C PHE C 64 15.64 -42.13 21.16
N SER C 65 16.32 -41.00 21.27
CA SER C 65 17.41 -40.72 20.38
C SER C 65 18.51 -41.69 20.79
N PHE C 66 19.46 -41.91 19.88
CA PHE C 66 20.55 -42.87 20.11
C PHE C 66 21.64 -42.28 21.00
N VAL C 67 21.37 -41.13 21.64
CA VAL C 67 22.34 -40.44 22.51
C VAL C 67 21.82 -40.78 23.90
N YCM C 68 22.73 -41.19 24.78
CA YCM C 68 22.45 -41.37 26.22
CB YCM C 68 23.73 -41.78 26.95
SG YCM C 68 25.23 -41.88 25.91
CD YCM C 68 26.20 -43.00 26.92
CE YCM C 68 25.76 -43.37 28.38
OZ1 YCM C 68 25.25 -42.60 29.21
NZ2 YCM C 68 25.94 -44.65 28.73
C YCM C 68 21.90 -40.12 26.86
O YCM C 68 22.52 -39.06 26.72
N PRO C 69 20.75 -40.25 27.55
CA PRO C 69 20.18 -38.98 28.10
C PRO C 69 20.81 -38.41 29.39
N THR C 70 22.11 -38.61 29.61
CA THR C 70 22.81 -38.28 30.86
C THR C 70 22.40 -36.92 31.44
N GLU C 71 22.16 -35.97 30.55
CA GLU C 71 21.71 -34.63 30.94
C GLU C 71 20.38 -34.61 31.72
N ILE C 72 19.35 -35.30 31.21
CA ILE C 72 18.10 -35.35 31.94
C ILE C 72 18.24 -36.09 33.26
N VAL C 73 19.09 -37.11 33.27
CA VAL C 73 19.29 -37.94 34.45
C VAL C 73 19.97 -37.08 35.52
N ALA C 74 21.04 -36.35 35.14
CA ALA C 74 21.71 -35.46 36.06
C ALA C 74 20.74 -34.45 36.74
N PHE C 75 19.80 -33.93 35.99
CA PHE C 75 18.83 -32.95 36.52
C PHE C 75 17.77 -33.68 37.32
N SER C 76 17.37 -34.87 36.89
CA SER C 76 16.46 -35.72 37.67
C SER C 76 17.04 -36.04 39.05
N ASP C 77 18.30 -36.49 39.09
CA ASP C 77 19.02 -36.76 40.35
C ASP C 77 19.14 -35.53 41.25
N ALA C 78 19.27 -34.35 40.69
CA ALA C 78 19.38 -33.11 41.47
C ALA C 78 18.04 -32.45 41.77
N ALA C 79 16.95 -33.09 41.35
CA ALA C 79 15.58 -32.59 41.61
C ALA C 79 15.40 -31.97 42.99
N LYS C 80 15.85 -32.72 43.97
CA LYS C 80 15.70 -32.32 45.37
C LYS C 80 16.60 -31.16 45.77
N LYS C 81 17.84 -31.13 45.24
CA LYS C 81 18.68 -29.94 45.47
C LYS C 81 17.99 -28.68 44.94
N PHE C 82 17.35 -28.79 43.77
CA PHE C 82 16.56 -27.63 43.21
C PHE C 82 15.42 -27.31 44.13
N GLU C 83 14.67 -28.33 44.54
CA GLU C 83 13.54 -28.07 45.43
C GLU C 83 13.98 -27.32 46.71
N ASP C 84 15.11 -27.74 47.29
CA ASP C 84 15.69 -27.03 48.46
C ASP C 84 16.05 -25.57 48.17
N GLN C 85 16.58 -25.30 46.98
CA GLN C 85 16.83 -23.92 46.53
C GLN C 85 15.53 -23.13 46.22
N GLY C 86 14.34 -23.71 46.37
CA GLY C 86 13.11 -23.00 46.04
C GLY C 86 12.76 -23.02 44.58
N ALA C 87 13.20 -24.04 43.83
CA ALA C 87 13.05 -24.10 42.38
C ALA C 87 12.46 -25.41 41.93
N GLN C 88 11.75 -25.34 40.79
CA GLN C 88 11.18 -26.56 40.15
C GLN C 88 11.81 -26.69 38.74
N VAL C 89 12.29 -27.88 38.42
CA VAL C 89 12.86 -28.15 37.13
C VAL C 89 11.77 -28.72 36.30
N LEU C 90 11.70 -28.28 35.05
CA LEU C 90 10.76 -28.80 34.07
C LEU C 90 11.54 -29.11 32.81
N PHE C 91 11.29 -30.27 32.20
CA PHE C 91 11.83 -30.62 30.93
C PHE C 91 10.73 -30.60 29.90
N ALA C 92 11.14 -30.47 28.65
CA ALA C 92 10.20 -30.17 27.54
C ALA C 92 10.78 -30.59 26.25
N SER C 93 9.94 -31.12 25.35
CA SER C 93 10.39 -31.67 24.07
C SER C 93 9.27 -31.61 23.08
N THR C 94 9.53 -31.78 21.78
CA THR C 94 8.43 -31.68 20.82
C THR C 94 7.75 -33.01 20.55
N ASP C 95 7.89 -33.96 21.46
CA ASP C 95 7.33 -35.29 21.32
C ASP C 95 6.01 -35.26 22.04
N SER C 96 5.13 -36.20 21.70
CA SER C 96 3.86 -36.30 22.38
C SER C 96 4.05 -36.87 23.77
N GLU C 97 3.06 -36.60 24.62
CA GLU C 97 3.03 -37.17 25.96
C GLU C 97 3.09 -38.68 25.96
N TYR C 98 2.64 -39.30 24.87
CA TYR C 98 2.65 -40.77 24.73
C TYR C 98 4.05 -41.28 24.42
N SER C 99 4.77 -40.56 23.55
CA SER C 99 6.16 -40.90 23.26
C SER C 99 7.01 -40.69 24.49
N LEU C 100 6.81 -39.57 25.18
CA LEU C 100 7.55 -39.29 26.41
C LEU C 100 7.21 -40.29 27.50
N LEU C 101 5.93 -40.58 27.72
CA LEU C 101 5.55 -41.69 28.64
C LEU C 101 6.26 -42.99 28.31
N ALA C 102 6.19 -43.43 27.06
CA ALA C 102 6.82 -44.68 26.68
C ALA C 102 8.32 -44.63 26.94
N TRP C 103 8.92 -43.46 26.76
CA TRP C 103 10.36 -43.24 27.04
C TRP C 103 10.71 -43.56 28.47
N THR C 104 9.86 -43.12 29.41
CA THR C 104 10.06 -43.41 30.85
C THR C 104 9.81 -44.85 31.18
N ASN C 105 8.77 -45.45 30.58
CA ASN C 105 8.48 -46.88 30.78
C ASN C 105 9.60 -47.80 30.22
N LEU C 106 10.36 -47.32 29.24
CA LEU C 106 11.47 -48.13 28.68
C LEU C 106 12.72 -47.89 29.55
N PRO C 107 13.16 -48.90 30.33
CA PRO C 107 14.32 -48.63 31.24
C PRO C 107 15.63 -48.41 30.46
N ARG C 108 16.67 -48.02 31.21
CA ARG C 108 17.91 -47.56 30.61
C ARG C 108 18.76 -48.67 30.07
N LYS C 109 18.84 -49.77 30.80
CA LYS C 109 19.42 -51.03 30.27
C LYS C 109 18.93 -51.25 28.82
N ASP C 110 17.63 -51.01 28.55
CA ASP C 110 17.04 -51.23 27.23
C ASP C 110 16.98 -49.99 26.32
N GLY C 111 17.81 -48.98 26.59
CA GLY C 111 17.96 -47.82 25.68
C GLY C 111 16.93 -46.68 25.87
N GLY C 112 16.18 -46.69 26.98
CA GLY C 112 15.26 -45.63 27.26
C GLY C 112 15.76 -44.70 28.35
N LEU C 113 14.83 -44.05 29.04
CA LEU C 113 15.09 -43.08 30.08
C LEU C 113 14.85 -43.61 31.51
N GLY C 114 13.91 -44.52 31.67
CA GLY C 114 13.51 -44.96 33.00
C GLY C 114 12.73 -43.83 33.67
N PRO C 115 12.17 -44.10 34.87
CA PRO C 115 11.41 -43.01 35.51
C PRO C 115 12.30 -41.81 35.85
N VAL C 116 11.70 -40.68 36.15
CA VAL C 116 12.42 -39.44 36.47
C VAL C 116 11.66 -38.57 37.47
N LYS C 117 12.40 -37.73 38.18
CA LYS C 117 11.79 -36.93 39.21
C LYS C 117 11.39 -35.53 38.79
N VAL C 118 11.28 -35.27 37.47
CA VAL C 118 10.88 -33.95 36.93
C VAL C 118 9.84 -34.09 35.78
N PRO C 119 8.81 -33.24 35.76
CA PRO C 119 7.81 -33.32 34.70
C PRO C 119 8.41 -33.23 33.31
N LEU C 120 7.87 -34.00 32.36
CA LEU C 120 8.31 -33.99 30.95
C LEU C 120 7.16 -33.45 30.10
N LEU C 121 7.36 -32.31 29.46
CA LEU C 121 6.28 -31.56 28.80
C LEU C 121 6.26 -31.83 27.30
N ALA C 122 5.09 -32.09 26.77
CA ALA C 122 4.94 -32.49 25.38
C ALA C 122 4.53 -31.26 24.62
N ASP C 123 5.46 -30.69 23.86
CA ASP C 123 5.20 -29.54 23.04
C ASP C 123 4.86 -29.94 21.62
N LYS C 124 3.86 -30.77 21.44
CA LYS C 124 3.60 -31.28 20.05
C LYS C 124 3.31 -30.20 19.02
N ASN C 125 2.53 -29.18 19.37
CA ASN C 125 2.22 -28.14 18.39
C ASN C 125 3.29 -27.07 18.24
N HIS C 126 4.40 -27.22 18.98
CA HIS C 126 5.60 -26.38 18.84
C HIS C 126 5.47 -24.98 19.37
N SER C 127 4.35 -24.67 20.04
CA SER C 127 4.16 -23.28 20.45
C SER C 127 5.17 -22.90 21.49
N LEU C 128 5.48 -23.82 22.41
CA LEU C 128 6.38 -23.53 23.52
C LEU C 128 7.76 -23.26 23.00
N SER C 129 8.28 -24.18 22.21
CA SER C 129 9.58 -24.05 21.57
C SER C 129 9.69 -22.81 20.71
N ARG C 130 8.62 -22.42 20.07
CA ARG C 130 8.63 -21.20 19.26
C ARG C 130 8.68 -19.96 20.15
N ASP C 131 7.83 -19.89 21.14
CA ASP C 131 7.79 -18.75 22.06
C ASP C 131 9.06 -18.60 22.84
N TYR C 132 9.77 -19.68 23.11
CA TYR C 132 11.05 -19.61 23.87
C TYR C 132 12.28 -19.48 22.95
N GLY C 133 12.05 -19.41 21.65
CA GLY C 133 13.14 -19.19 20.70
C GLY C 133 14.09 -20.35 20.45
N VAL C 134 13.67 -21.60 20.68
CA VAL C 134 14.56 -22.76 20.53
C VAL C 134 14.18 -23.71 19.40
N LEU C 135 13.05 -23.49 18.74
CA LEU C 135 12.58 -24.44 17.72
C LEU C 135 13.44 -24.29 16.48
N ILE C 136 13.78 -25.39 15.87
CA ILE C 136 14.45 -25.43 14.60
C ILE C 136 13.34 -25.81 13.62
N GLU C 137 12.67 -24.83 13.09
CA GLU C 137 11.49 -25.03 12.22
C GLU C 137 11.70 -26.09 11.17
N LYS C 138 12.77 -26.03 10.42
CA LYS C 138 13.11 -27.01 9.33
C LYS C 138 13.10 -28.45 9.83
N GLU C 139 13.34 -28.64 11.11
CA GLU C 139 13.64 -29.95 11.70
C GLU C 139 12.56 -30.44 12.65
N GLY C 140 11.80 -29.55 13.26
CA GLY C 140 10.74 -29.92 14.18
C GLY C 140 11.17 -30.26 15.59
N ILE C 141 12.31 -29.77 16.04
CA ILE C 141 12.85 -30.09 17.35
C ILE C 141 13.46 -28.87 18.00
N ALA C 142 13.60 -28.91 19.31
CA ALA C 142 14.08 -27.85 20.08
C ALA C 142 15.57 -27.99 20.31
N LEU C 143 16.26 -26.84 20.31
CA LEU C 143 17.66 -26.79 20.64
C LEU C 143 17.70 -26.99 22.14
N ARG C 144 18.90 -27.13 22.69
CA ARG C 144 19.05 -27.43 24.08
C ARG C 144 19.07 -26.14 24.89
N GLY C 145 17.94 -25.43 24.88
CA GLY C 145 17.83 -24.21 25.66
C GLY C 145 17.47 -24.52 27.09
N LEU C 146 17.86 -23.61 28.00
CA LEU C 146 17.53 -23.68 29.41
C LEU C 146 17.23 -22.27 29.89
N PHE C 147 16.11 -22.08 30.57
CA PHE C 147 15.68 -20.77 31.00
C PHE C 147 15.48 -20.83 32.47
N ILE C 148 15.95 -19.80 33.18
CA ILE C 148 15.65 -19.67 34.63
C ILE C 148 14.72 -18.50 34.72
N ILE C 149 13.61 -18.73 35.41
CA ILE C 149 12.48 -17.79 35.48
C ILE C 149 12.24 -17.59 36.96
N ASP C 150 12.12 -16.35 37.41
CA ASP C 150 12.02 -16.03 38.83
C ASP C 150 10.56 -16.11 39.27
N PRO C 151 10.28 -15.92 40.58
CA PRO C 151 8.95 -16.03 41.16
C PRO C 151 7.86 -15.13 40.64
N LYS C 152 8.28 -14.01 40.02
CA LYS C 152 7.38 -13.05 39.40
C LYS C 152 7.24 -13.35 37.92
N GLY C 153 7.93 -14.39 37.43
CA GLY C 153 7.83 -14.83 36.05
C GLY C 153 8.76 -14.10 35.07
N ILE C 154 9.87 -13.55 35.59
CA ILE C 154 10.81 -12.78 34.78
C ILE C 154 11.97 -13.69 34.43
N ILE C 155 12.43 -13.63 33.18
CA ILE C 155 13.56 -14.46 32.79
C ILE C 155 14.84 -13.84 33.24
N ARG C 156 15.59 -14.55 34.07
CA ARG C 156 16.84 -14.03 34.60
C ARG C 156 18.04 -14.67 33.99
N HIS C 157 17.87 -15.69 33.17
CA HIS C 157 19.03 -16.35 32.47
C HIS C 157 18.55 -17.13 31.24
N ILE C 158 19.41 -17.21 30.23
CA ILE C 158 19.15 -18.04 29.04
C ILE C 158 20.45 -18.69 28.69
N THR C 159 20.42 -20.03 28.55
CA THR C 159 21.49 -20.83 27.94
C THR C 159 20.79 -21.45 26.73
N ILE C 160 21.55 -21.53 25.63
CA ILE C 160 21.11 -22.31 24.44
C ILE C 160 22.34 -22.97 23.81
N ASN C 161 22.46 -24.29 23.86
CA ASN C 161 23.60 -25.04 23.27
C ASN C 161 23.13 -25.69 21.97
N ASP C 162 23.94 -25.64 20.94
CA ASP C 162 23.78 -26.51 19.76
C ASP C 162 23.79 -27.97 20.29
N LEU C 163 23.37 -28.91 19.42
CA LEU C 163 22.98 -30.22 19.89
C LEU C 163 24.13 -31.07 20.41
N SER C 164 25.31 -30.91 19.89
CA SER C 164 26.46 -31.86 20.19
C SER C 164 26.97 -31.91 21.65
N VAL C 165 26.58 -30.91 22.47
CA VAL C 165 27.18 -30.69 23.77
C VAL C 165 26.15 -30.25 24.78
N GLY C 166 26.24 -30.80 25.99
CA GLY C 166 25.24 -30.64 27.02
C GLY C 166 25.45 -29.54 28.03
N ARG C 167 24.52 -29.46 28.98
CA ARG C 167 24.49 -28.46 30.04
C ARG C 167 24.98 -29.02 31.35
N ASN C 168 25.31 -28.12 32.27
CA ASN C 168 25.90 -28.46 33.54
C ASN C 168 24.84 -28.16 34.56
N VAL C 169 24.50 -29.15 35.35
CA VAL C 169 23.47 -29.07 36.39
C VAL C 169 23.83 -28.03 37.44
N ASN C 170 25.13 -27.89 37.72
CA ASN C 170 25.58 -27.06 38.83
C ASN C 170 25.49 -25.61 38.47
N GLU C 171 25.52 -25.34 37.16
CA GLU C 171 25.38 -23.97 36.70
C GLU C 171 24.00 -23.54 37.03
N ALA C 172 23.01 -24.34 36.70
CA ALA C 172 21.64 -23.94 37.06
C ALA C 172 21.45 -23.73 38.56
N LEU C 173 22.01 -24.60 39.38
CA LEU C 173 21.93 -24.38 40.85
C LEU C 173 22.65 -23.13 41.28
N ARG C 174 23.86 -22.92 40.76
CA ARG C 174 24.63 -21.71 41.08
C ARG C 174 23.88 -20.44 40.72
N LEU C 175 23.24 -20.44 39.56
CA LEU C 175 22.52 -19.27 39.07
C LEU C 175 21.29 -18.99 39.89
N VAL C 176 20.52 -20.02 40.17
CA VAL C 176 19.34 -19.88 41.05
C VAL C 176 19.75 -19.32 42.40
N GLU C 177 20.80 -19.88 43.01
CA GLU C 177 21.28 -19.38 44.32
C GLU C 177 21.70 -17.91 44.15
N GLY C 178 22.39 -17.63 43.05
CA GLY C 178 22.79 -16.29 42.75
C GLY C 178 21.60 -15.30 42.72
N PHE C 179 20.53 -15.69 42.02
CA PHE C 179 19.40 -14.78 41.82
C PHE C 179 18.54 -14.64 43.06
N GLN C 180 18.55 -15.67 43.91
CA GLN C 180 17.87 -15.56 45.18
C GLN C 180 18.57 -14.60 46.09
N TRP C 181 19.88 -14.80 46.22
CA TRP C 181 20.67 -13.91 47.03
C TRP C 181 20.39 -12.45 46.58
N THR C 182 20.68 -12.11 45.34
CA THR C 182 20.40 -10.78 44.83
C THR C 182 18.94 -10.30 44.92
N ASP C 183 17.97 -11.21 44.85
CA ASP C 183 16.55 -10.88 45.10
C ASP C 183 16.31 -10.31 46.47
N LYS C 184 17.03 -10.85 47.46
CA LYS C 184 16.90 -10.43 48.85
C LYS C 184 17.99 -9.54 49.43
N ASN C 185 18.85 -8.99 48.61
CA ASN C 185 19.73 -7.83 48.91
C ASN C 185 19.68 -6.93 47.64
N GLY C 186 20.81 -6.36 47.16
CA GLY C 186 20.91 -5.77 45.77
C GLY C 186 20.50 -4.29 45.58
N MET D 21 18.78 -8.77 11.54
CA MET D 21 20.15 -9.35 11.79
C MET D 21 20.45 -9.61 13.31
N VAL D 22 19.62 -10.38 14.05
CA VAL D 22 19.89 -10.91 15.42
C VAL D 22 20.72 -12.21 15.37
N ALA D 23 21.33 -12.63 16.49
CA ALA D 23 22.23 -13.77 16.56
C ALA D 23 21.46 -14.94 17.11
N GLU D 24 21.68 -16.10 16.51
CA GLU D 24 20.96 -17.33 16.84
C GLU D 24 21.86 -18.54 16.78
N VAL D 25 21.69 -19.50 17.67
CA VAL D 25 22.50 -20.71 17.61
C VAL D 25 22.22 -21.36 16.26
N GLN D 26 23.24 -21.99 15.67
CA GLN D 26 23.21 -22.56 14.30
C GLN D 26 23.34 -21.60 13.13
N LYS D 27 23.20 -20.29 13.35
CA LYS D 27 23.34 -19.30 12.32
C LYS D 27 24.63 -18.54 12.40
N GLN D 28 24.95 -17.87 11.30
CA GLN D 28 26.14 -17.11 11.12
C GLN D 28 26.12 -15.98 12.11
N ALA D 29 27.24 -15.70 12.76
CA ALA D 29 27.27 -14.62 13.74
C ALA D 29 27.33 -13.30 13.02
N PRO D 30 26.67 -12.26 13.58
CA PRO D 30 26.73 -10.96 12.93
C PRO D 30 28.16 -10.43 12.84
N PRO D 31 28.60 -10.05 11.64
CA PRO D 31 29.95 -9.56 11.58
C PRO D 31 30.10 -8.22 12.38
N PHE D 32 31.32 -7.85 12.72
CA PHE D 32 31.56 -6.59 13.34
C PHE D 32 32.94 -6.04 13.09
N LYS D 33 33.10 -4.72 13.29
CA LYS D 33 34.40 -4.07 13.17
C LYS D 33 34.32 -2.94 14.20
N LYS D 34 35.05 -3.05 15.29
CA LYS D 34 34.93 -2.15 16.41
C LYS D 34 36.30 -1.77 16.94
N THR D 35 36.47 -0.52 17.35
CA THR D 35 37.67 -0.04 17.96
C THR D 35 37.77 -0.68 19.32
N ALA D 36 38.95 -1.26 19.63
CA ALA D 36 39.16 -1.88 20.91
C ALA D 36 40.47 -1.41 21.51
N VAL D 37 40.55 -1.57 22.83
CA VAL D 37 41.81 -1.49 23.55
C VAL D 37 42.51 -2.85 23.60
N VAL D 38 43.64 -2.96 22.91
CA VAL D 38 44.55 -4.12 22.97
C VAL D 38 45.92 -3.66 23.45
N ASP D 39 46.39 -4.21 24.60
CA ASP D 39 47.66 -3.83 25.21
C ASP D 39 47.81 -2.33 25.31
N GLY D 40 46.84 -1.69 25.97
CA GLY D 40 46.87 -0.24 26.23
C GLY D 40 46.84 0.71 25.05
N ILE D 41 46.62 0.23 23.82
CA ILE D 41 46.42 1.09 22.63
C ILE D 41 45.29 0.64 21.73
N PHE D 42 44.84 1.48 20.81
CA PHE D 42 43.65 1.19 19.99
C PHE D 42 43.94 0.36 18.75
N GLU D 43 43.07 -0.59 18.47
CA GLU D 43 43.17 -1.44 17.31
C GLU D 43 41.74 -1.70 16.85
N GLU D 44 41.55 -1.83 15.54
CA GLU D 44 40.25 -2.17 14.96
C GLU D 44 40.09 -3.68 14.90
N ILE D 45 39.12 -4.19 15.64
CA ILE D 45 38.90 -5.61 15.73
C ILE D 45 37.63 -6.04 14.95
N SER D 46 37.77 -7.04 14.07
CA SER D 46 36.63 -7.66 13.46
C SER D 46 36.65 -9.13 13.73
N LEU D 47 35.52 -9.76 13.46
CA LEU D 47 35.32 -11.19 13.67
C LEU D 47 36.07 -11.94 12.61
N GLU D 48 36.01 -11.44 11.39
CA GLU D 48 36.72 -11.97 10.26
C GLU D 48 38.23 -12.18 10.58
N LYS D 49 38.80 -11.35 11.47
CA LYS D 49 40.17 -11.52 11.93
C LYS D 49 40.45 -12.87 12.59
N TYR D 50 39.45 -13.45 13.23
CA TYR D 50 39.59 -14.75 13.93
C TYR D 50 39.05 -15.96 13.19
N LYS D 51 38.70 -15.80 11.91
CA LYS D 51 38.21 -16.92 11.11
C LYS D 51 39.24 -18.03 11.23
N GLY D 52 38.78 -19.26 11.46
CA GLY D 52 39.71 -20.39 11.69
C GLY D 52 39.85 -20.73 13.16
N LYS D 53 39.49 -19.80 14.06
CA LYS D 53 39.59 -20.03 15.49
C LYS D 53 38.21 -19.88 16.08
N TYR D 54 38.03 -20.47 17.27
CA TYR D 54 36.84 -20.26 18.05
C TYR D 54 36.98 -18.84 18.62
N VAL D 55 35.86 -18.17 18.78
CA VAL D 55 35.81 -16.84 19.42
C VAL D 55 34.81 -16.93 20.51
N VAL D 56 35.15 -16.37 21.69
CA VAL D 56 34.24 -16.33 22.82
C VAL D 56 33.99 -14.85 23.11
N LEU D 57 32.86 -14.36 22.66
CA LEU D 57 32.55 -12.94 22.73
C LEU D 57 31.68 -12.73 23.93
N ALA D 58 32.12 -11.85 24.84
CA ALA D 58 31.44 -11.71 26.10
C ALA D 58 31.24 -10.26 26.38
N PHE D 59 30.05 -9.87 26.79
CA PHE D 59 29.67 -8.46 27.03
C PHE D 59 29.62 -8.16 28.49
N VAL D 60 29.79 -6.89 28.86
CA VAL D 60 29.56 -6.40 30.26
C VAL D 60 28.79 -5.09 30.26
N PRO D 61 27.89 -4.86 31.23
CA PRO D 61 27.12 -3.61 31.09
C PRO D 61 27.91 -2.27 31.04
N LEU D 62 28.72 -1.97 32.09
CA LEU D 62 29.45 -0.70 32.26
C LEU D 62 30.85 -0.78 32.86
N ALA D 63 31.78 -0.02 32.32
CA ALA D 63 33.08 0.30 32.98
C ALA D 63 32.87 1.16 34.20
N PHE D 64 33.83 1.12 35.12
CA PHE D 64 33.85 1.81 36.42
C PHE D 64 32.64 1.55 37.27
N SER D 65 31.93 0.46 37.00
CA SER D 65 30.69 0.22 37.73
C SER D 65 31.13 -0.15 39.11
N PHE D 66 30.21 -0.09 40.06
CA PHE D 66 30.45 -0.39 41.48
C PHE D 66 30.53 -1.89 41.73
N VAL D 67 30.58 -2.71 40.69
CA VAL D 67 30.68 -4.18 40.81
C VAL D 67 32.13 -4.45 40.51
N YCM D 68 32.79 -5.24 41.35
CA YCM D 68 34.15 -5.75 41.08
CB YCM D 68 34.68 -6.60 42.23
SG YCM D 68 35.97 -5.75 43.18
CD YCM D 68 36.39 -4.04 42.70
CE YCM D 68 37.56 -3.80 41.66
OZ1 YCM D 68 37.95 -2.65 41.30
NZ2 YCM D 68 38.16 -4.87 41.08
C YCM D 68 34.22 -6.53 39.80
O YCM D 68 33.42 -7.45 39.63
N PRO D 69 35.17 -6.20 38.90
CA PRO D 69 35.23 -7.00 37.66
C PRO D 69 35.82 -8.39 37.71
N THR D 70 35.73 -9.11 38.83
CA THR D 70 36.29 -10.50 38.94
C THR D 70 36.00 -11.36 37.74
N GLU D 71 34.83 -11.19 37.16
CA GLU D 71 34.47 -11.88 35.90
C GLU D 71 35.43 -11.65 34.74
N ILE D 72 35.72 -10.39 34.44
CA ILE D 72 36.66 -10.08 33.34
C ILE D 72 38.06 -10.57 33.70
N VAL D 73 38.42 -10.50 34.98
CA VAL D 73 39.73 -10.91 35.42
C VAL D 73 39.87 -12.39 35.26
N ALA D 74 38.88 -13.15 35.71
CA ALA D 74 38.88 -14.62 35.53
C ALA D 74 39.10 -15.03 34.06
N PHE D 75 38.48 -14.31 33.14
CA PHE D 75 38.62 -14.64 31.70
C PHE D 75 39.97 -14.17 31.21
N SER D 76 40.42 -12.99 31.68
CA SER D 76 41.78 -12.50 31.39
C SER D 76 42.86 -13.50 31.83
N ASP D 77 42.78 -13.97 33.06
CA ASP D 77 43.70 -15.00 33.59
C ASP D 77 43.70 -16.30 32.82
N ALA D 78 42.55 -16.70 32.28
CA ALA D 78 42.45 -17.95 31.51
C ALA D 78 42.70 -17.75 30.04
N ALA D 79 43.01 -16.52 29.62
CA ALA D 79 43.37 -16.22 28.21
C ALA D 79 44.16 -17.29 27.53
N LYS D 80 45.20 -17.72 28.19
CA LYS D 80 46.12 -18.71 27.62
C LYS D 80 45.53 -20.11 27.55
N LYS D 81 44.76 -20.51 28.53
CA LYS D 81 44.02 -21.78 28.43
C LYS D 81 43.10 -21.77 27.20
N PHE D 82 42.43 -20.63 26.94
CA PHE D 82 41.62 -20.48 25.71
C PHE D 82 42.49 -20.57 24.49
N GLU D 83 43.59 -19.85 24.48
CA GLU D 83 44.49 -19.90 23.33
C GLU D 83 44.92 -21.35 23.02
N ASP D 84 45.26 -22.12 24.06
CA ASP D 84 45.59 -23.55 23.88
C ASP D 84 44.45 -24.36 23.28
N GLN D 85 43.22 -24.10 23.71
CA GLN D 85 42.03 -24.72 23.07
C GLN D 85 41.76 -24.23 21.62
N GLY D 86 42.54 -23.31 21.07
CA GLY D 86 42.27 -22.77 19.73
C GLY D 86 41.23 -21.66 19.71
N ALA D 87 41.09 -20.90 20.81
CA ALA D 87 40.04 -19.91 20.95
C ALA D 87 40.57 -18.58 21.40
N GLN D 88 39.87 -17.49 21.00
CA GLN D 88 40.19 -16.15 21.45
C GLN D 88 39.02 -15.54 22.21
N VAL D 89 39.30 -14.95 23.37
CA VAL D 89 38.27 -14.34 24.18
C VAL D 89 38.28 -12.89 23.81
N LEU D 90 37.08 -12.31 23.67
CA LEU D 90 36.93 -10.89 23.41
C LEU D 90 35.88 -10.35 24.33
N PHE D 91 36.11 -9.18 24.90
CA PHE D 91 35.14 -8.49 25.73
C PHE D 91 34.66 -7.28 25.02
N ALA D 92 33.49 -6.80 25.43
CA ALA D 92 32.78 -5.74 24.72
C ALA D 92 31.84 -5.04 25.65
N SER D 93 31.69 -3.73 25.47
CA SER D 93 30.79 -2.91 26.32
C SER D 93 30.37 -1.71 25.57
N THR D 94 29.37 -0.97 26.05
CA THR D 94 28.92 0.21 25.29
C THR D 94 29.65 1.48 25.64
N ASP D 95 30.85 1.37 26.21
CA ASP D 95 31.65 2.51 26.60
C ASP D 95 32.60 2.80 25.48
N SER D 96 33.15 3.99 25.46
CA SER D 96 34.13 4.38 24.45
C SER D 96 35.45 3.73 24.78
N GLU D 97 36.27 3.59 23.76
CA GLU D 97 37.62 3.08 23.90
C GLU D 97 38.45 3.91 24.87
N TYR D 98 38.09 5.18 25.08
CA TYR D 98 38.77 6.05 26.03
C TYR D 98 38.38 5.74 27.48
N SER D 99 37.10 5.46 27.68
CA SER D 99 36.60 5.04 28.99
C SER D 99 37.19 3.69 29.34
N LEU D 100 37.18 2.76 28.39
CA LEU D 100 37.72 1.44 28.60
C LEU D 100 39.23 1.50 28.83
N LEU D 101 39.96 2.25 27.99
CA LEU D 101 41.39 2.50 28.27
C LEU D 101 41.65 3.02 29.68
N ALA D 102 40.94 4.05 30.08
CA ALA D 102 41.14 4.61 31.41
C ALA D 102 40.87 3.59 32.48
N TRP D 103 39.87 2.71 32.24
CA TRP D 103 39.53 1.62 33.16
C TRP D 103 40.71 0.72 33.41
N THR D 104 41.45 0.35 32.35
CA THR D 104 42.62 -0.51 32.46
C THR D 104 43.80 0.22 33.13
N ASN D 105 43.99 1.50 32.80
CA ASN D 105 45.03 2.31 33.42
C ASN D 105 44.77 2.56 34.93
N LEU D 106 43.52 2.47 35.38
CA LEU D 106 43.21 2.60 36.81
C LEU D 106 43.36 1.24 37.47
N PRO D 107 44.40 1.01 38.31
CA PRO D 107 44.59 -0.35 38.88
C PRO D 107 43.49 -0.78 39.81
N ARG D 108 43.51 -2.04 40.20
CA ARG D 108 42.39 -2.67 40.93
C ARG D 108 42.37 -2.24 42.37
N LYS D 109 43.56 -2.20 43.00
CA LYS D 109 43.69 -1.57 44.33
C LYS D 109 42.87 -0.25 44.39
N ASP D 110 42.93 0.55 43.32
CA ASP D 110 42.28 1.86 43.24
C ASP D 110 40.88 1.84 42.57
N GLY D 111 40.22 0.68 42.50
CA GLY D 111 38.83 0.58 42.05
C GLY D 111 38.62 0.48 40.53
N GLY D 112 39.68 0.20 39.77
CA GLY D 112 39.55 0.00 38.35
C GLY D 112 39.68 -1.46 37.98
N LEU D 113 40.16 -1.70 36.76
CA LEU D 113 40.31 -3.05 36.20
C LEU D 113 41.76 -3.54 36.12
N GLY D 114 42.72 -2.60 35.96
CA GLY D 114 44.09 -2.98 35.71
C GLY D 114 44.24 -3.55 34.33
N PRO D 115 45.49 -3.81 33.90
CA PRO D 115 45.68 -4.34 32.55
C PRO D 115 45.00 -5.71 32.38
N VAL D 116 44.83 -6.13 31.12
CA VAL D 116 44.17 -7.43 30.85
C VAL D 116 44.73 -8.08 29.58
N LYS D 117 44.59 -9.39 29.50
CA LYS D 117 45.11 -10.13 28.36
C LYS D 117 44.09 -10.38 27.24
N VAL D 118 42.99 -9.62 27.21
CA VAL D 118 41.92 -9.78 26.18
C VAL D 118 41.42 -8.44 25.62
N PRO D 119 41.22 -8.33 24.30
CA PRO D 119 40.74 -7.07 23.71
C PRO D 119 39.45 -6.58 24.37
N LEU D 120 39.31 -5.27 24.58
CA LEU D 120 38.09 -4.65 25.10
C LEU D 120 37.48 -3.78 24.03
N LEU D 121 36.28 -4.12 23.58
CA LEU D 121 35.67 -3.49 22.39
C LEU D 121 34.68 -2.44 22.77
N ALA D 122 34.77 -1.28 22.14
CA ALA D 122 33.96 -0.14 22.48
C ALA D 122 32.80 -0.13 21.51
N ASP D 123 31.62 -0.49 21.98
CA ASP D 123 30.43 -0.50 21.18
C ASP D 123 29.64 0.78 21.38
N LYS D 124 30.27 1.92 21.20
CA LYS D 124 29.56 3.19 21.46
C LYS D 124 28.27 3.40 20.71
N ASN D 125 28.21 3.05 19.43
CA ASN D 125 26.99 3.26 18.64
C ASN D 125 25.97 2.15 18.81
N HIS D 126 26.27 1.16 19.65
CA HIS D 126 25.31 0.10 20.06
C HIS D 126 25.02 -0.91 19.01
N SER D 127 25.71 -0.88 17.87
CA SER D 127 25.34 -1.78 16.78
C SER D 127 25.61 -3.21 17.18
N LEU D 128 26.73 -3.43 17.87
CA LEU D 128 27.16 -4.79 18.22
C LEU D 128 26.16 -5.41 19.18
N SER D 129 25.90 -4.70 20.27
CA SER D 129 24.95 -5.11 21.27
C SER D 129 23.54 -5.30 20.70
N ARG D 130 23.17 -4.51 19.73
CA ARG D 130 21.86 -4.70 19.10
C ARG D 130 21.84 -5.95 18.25
N ASP D 131 22.84 -6.13 17.39
CA ASP D 131 22.91 -7.31 16.52
C ASP D 131 23.03 -8.59 17.29
N TYR D 132 23.64 -8.55 18.48
CA TYR D 132 23.79 -9.80 19.29
C TYR D 132 22.65 -9.97 20.30
N GLY D 133 21.67 -9.07 20.29
CA GLY D 133 20.49 -9.20 21.12
C GLY D 133 20.65 -8.98 22.60
N VAL D 134 21.64 -8.19 23.03
CA VAL D 134 21.90 -7.97 24.45
C VAL D 134 21.66 -6.53 24.91
N LEU D 135 21.40 -5.62 24.01
CA LEU D 135 21.22 -4.22 24.36
C LEU D 135 19.93 -4.02 25.05
N ILE D 136 19.93 -3.21 26.11
CA ILE D 136 18.75 -2.78 26.78
C ILE D 136 18.57 -1.35 26.28
N GLU D 137 17.81 -1.21 25.19
CA GLU D 137 17.54 0.08 24.56
C GLU D 137 17.31 1.22 25.56
N LYS D 138 16.37 1.03 26.47
CA LYS D 138 15.99 2.13 27.43
C LYS D 138 17.16 2.62 28.26
N GLU D 139 18.17 1.78 28.39
CA GLU D 139 19.26 1.97 29.34
C GLU D 139 20.60 2.25 28.73
N GLY D 140 20.83 1.80 27.52
CA GLY D 140 22.09 2.00 26.82
C GLY D 140 23.22 1.10 27.17
N ILE D 141 22.94 -0.09 27.67
CA ILE D 141 23.98 -1.02 28.16
C ILE D 141 23.61 -2.45 27.76
N ALA D 142 24.63 -3.28 27.72
CA ALA D 142 24.48 -4.64 27.31
C ALA D 142 24.26 -5.53 28.51
N LEU D 143 23.47 -6.55 28.33
CA LEU D 143 23.28 -7.63 29.29
C LEU D 143 24.55 -8.41 29.29
N ARG D 144 24.71 -9.32 30.23
CA ARG D 144 25.91 -10.13 30.31
C ARG D 144 25.80 -11.34 29.42
N GLY D 145 25.75 -11.10 28.12
CA GLY D 145 25.70 -12.19 27.14
C GLY D 145 27.07 -12.70 26.84
N LEU D 146 27.15 -13.97 26.45
CA LEU D 146 28.39 -14.63 26.04
C LEU D 146 28.06 -15.53 24.86
N PHE D 147 28.80 -15.41 23.77
CA PHE D 147 28.53 -16.16 22.55
C PHE D 147 29.81 -16.94 22.22
N ILE D 148 29.65 -18.20 21.86
CA ILE D 148 30.77 -19.00 21.36
C ILE D 148 30.50 -19.20 19.88
N ILE D 149 31.48 -18.87 19.07
CA ILE D 149 31.37 -18.78 17.63
C ILE D 149 32.49 -19.65 17.07
N ASP D 150 32.18 -20.55 16.14
CA ASP D 150 33.12 -21.56 15.67
C ASP D 150 33.96 -20.96 14.50
N PRO D 151 34.94 -21.71 13.99
CA PRO D 151 35.86 -21.26 12.95
C PRO D 151 35.28 -20.83 11.63
N LYS D 152 34.07 -21.31 11.34
CA LYS D 152 33.30 -20.94 10.15
C LYS D 152 32.37 -19.78 10.45
N GLY D 153 32.37 -19.31 11.67
CA GLY D 153 31.56 -18.14 12.08
C GLY D 153 30.14 -18.46 12.53
N ILE D 154 29.88 -19.71 12.95
CA ILE D 154 28.54 -20.17 13.33
C ILE D 154 28.44 -20.10 14.83
N ILE D 155 27.31 -19.63 15.34
CA ILE D 155 27.12 -19.56 16.78
C ILE D 155 26.72 -20.91 17.31
N ARG D 156 27.54 -21.46 18.20
CA ARG D 156 27.30 -22.77 18.74
C ARG D 156 26.80 -22.72 20.17
N HIS D 157 26.78 -21.55 20.79
CA HIS D 157 26.26 -21.38 22.17
C HIS D 157 25.88 -19.94 22.48
N ILE D 158 24.88 -19.75 23.33
CA ILE D 158 24.49 -18.42 23.82
C ILE D 158 24.19 -18.57 25.28
N THR D 159 24.84 -17.75 26.11
CA THR D 159 24.49 -17.52 27.52
C THR D 159 24.14 -16.05 27.57
N ILE D 160 23.14 -15.71 28.37
CA ILE D 160 22.72 -14.33 28.69
C ILE D 160 22.24 -14.32 30.15
N ASN D 161 22.99 -13.66 31.05
CA ASN D 161 22.62 -13.52 32.48
C ASN D 161 22.11 -12.09 32.69
N ASP D 162 21.09 -11.92 33.50
CA ASP D 162 20.75 -10.60 34.08
C ASP D 162 22.01 -10.12 34.83
N LEU D 163 22.02 -8.83 35.19
CA LEU D 163 23.26 -8.16 35.59
C LEU D 163 23.77 -8.64 36.94
N SER D 164 22.87 -9.00 37.86
CA SER D 164 23.23 -9.34 39.25
C SER D 164 24.17 -10.53 39.49
N VAL D 165 24.38 -11.38 38.47
CA VAL D 165 25.10 -12.65 38.65
C VAL D 165 25.95 -12.94 37.44
N GLY D 166 27.16 -13.44 37.66
CA GLY D 166 28.16 -13.58 36.61
C GLY D 166 28.27 -14.97 36.00
N ARG D 167 29.22 -15.09 35.08
CA ARG D 167 29.46 -16.29 34.28
C ARG D 167 30.66 -17.06 34.80
N ASN D 168 30.75 -18.30 34.38
CA ASN D 168 31.74 -19.25 34.83
C ASN D 168 32.66 -19.45 33.65
N VAL D 169 33.95 -19.23 33.88
CA VAL D 169 35.00 -19.34 32.89
C VAL D 169 35.10 -20.76 32.37
N ASN D 170 34.84 -21.74 33.23
CA ASN D 170 35.09 -23.14 32.91
C ASN D 170 34.02 -23.64 32.01
N GLU D 171 32.86 -23.00 32.05
CA GLU D 171 31.76 -23.39 31.17
C GLU D 171 32.22 -23.07 29.78
N ALA D 172 32.73 -21.86 29.55
CA ALA D 172 33.20 -21.55 28.21
C ALA D 172 34.30 -22.49 27.72
N LEU D 173 35.25 -22.84 28.58
CA LEU D 173 36.31 -23.81 28.20
C LEU D 173 35.69 -25.19 27.89
N ARG D 174 34.79 -25.66 28.78
CA ARG D 174 34.14 -26.94 28.57
C ARG D 174 33.38 -26.99 27.24
N LEU D 175 32.68 -25.93 26.91
CA LEU D 175 31.88 -25.86 25.70
C LEU D 175 32.72 -25.83 24.47
N VAL D 176 33.73 -25.00 24.48
CA VAL D 176 34.69 -24.96 23.34
C VAL D 176 35.31 -26.33 23.11
N GLU D 177 35.77 -26.99 24.18
CA GLU D 177 36.36 -28.34 24.05
C GLU D 177 35.31 -29.27 23.50
N GLY D 178 34.08 -29.14 24.01
CA GLY D 178 32.96 -29.92 23.53
C GLY D 178 32.77 -29.78 22.03
N PHE D 179 32.75 -28.55 21.54
CA PHE D 179 32.43 -28.28 20.12
C PHE D 179 33.57 -28.65 19.20
N GLN D 180 34.79 -28.62 19.72
CA GLN D 180 35.91 -29.11 18.93
C GLN D 180 35.84 -30.60 18.75
N TRP D 181 35.68 -31.28 19.87
CA TRP D 181 35.54 -32.74 19.85
C TRP D 181 34.46 -33.09 18.80
N THR D 182 33.23 -32.64 18.98
CA THR D 182 32.17 -32.91 18.03
C THR D 182 32.41 -32.44 16.59
N ASP D 183 33.17 -31.34 16.39
CA ASP D 183 33.60 -30.90 15.07
C ASP D 183 34.41 -31.96 14.33
N LYS D 184 35.26 -32.68 15.09
CA LYS D 184 36.13 -33.68 14.54
C LYS D 184 35.77 -35.16 14.71
N ASN D 185 34.50 -35.57 14.93
CA ASN D 185 34.13 -36.99 15.19
C ASN D 185 32.62 -37.14 14.93
N VAL E 22 13.43 17.03 16.86
CA VAL E 22 14.70 17.86 16.99
C VAL E 22 14.43 19.22 17.62
N ALA E 23 15.47 19.93 18.06
CA ALA E 23 15.36 21.19 18.81
C ALA E 23 15.61 22.31 17.85
N GLU E 24 14.76 23.36 17.97
CA GLU E 24 14.80 24.49 17.06
C GLU E 24 14.67 25.80 17.79
N VAL E 25 15.35 26.84 17.34
CA VAL E 25 15.20 28.14 17.96
C VAL E 25 13.74 28.54 17.82
N GLN E 26 13.20 29.24 18.83
CA GLN E 26 11.77 29.59 18.90
C GLN E 26 10.79 28.52 19.35
N LYS E 27 11.21 27.25 19.37
CA LYS E 27 10.35 26.16 19.80
C LYS E 27 10.76 25.67 21.20
N GLN E 28 9.83 24.92 21.78
CA GLN E 28 9.95 24.34 23.09
C GLN E 28 11.09 23.37 23.06
N ALA E 29 11.93 23.37 24.09
CA ALA E 29 13.09 22.46 24.09
C ALA E 29 12.60 21.06 24.44
N PRO E 30 13.25 20.05 23.86
CA PRO E 30 12.85 18.68 24.19
C PRO E 30 13.04 18.37 25.67
N PRO E 31 12.00 17.89 26.31
CA PRO E 31 12.21 17.68 27.78
C PRO E 31 13.18 16.53 28.01
N PHE E 32 13.77 16.45 29.20
CA PHE E 32 14.64 15.32 29.51
C PHE E 32 14.70 14.98 30.97
N LYS E 33 15.11 13.78 31.28
CA LYS E 33 15.27 13.32 32.67
C LYS E 33 16.47 12.36 32.58
N LYS E 34 17.63 12.76 33.09
CA LYS E 34 18.83 12.00 32.94
C LYS E 34 19.59 11.94 34.24
N THR E 35 20.16 10.78 34.51
CA THR E 35 20.99 10.57 35.67
C THR E 35 22.25 11.31 35.48
N ALA E 36 22.65 12.06 36.50
CA ALA E 36 23.83 12.92 36.42
C ALA E 36 24.66 12.80 37.63
N VAL E 37 25.95 13.12 37.50
CA VAL E 37 26.86 13.28 38.61
C VAL E 37 26.84 14.71 39.14
N VAL E 38 26.30 14.89 40.36
CA VAL E 38 26.34 16.16 41.10
C VAL E 38 27.09 15.92 42.41
N ASP E 39 28.20 16.63 42.59
CA ASP E 39 29.06 16.53 43.79
C ASP E 39 29.35 15.08 44.13
N GLY E 40 29.94 14.37 43.18
CA GLY E 40 30.35 12.97 43.36
C GLY E 40 29.29 11.91 43.68
N ILE E 41 28.01 12.23 43.53
CA ILE E 41 26.91 11.23 43.62
C ILE E 41 25.83 11.43 42.58
N PHE E 42 24.97 10.43 42.37
CA PHE E 42 23.98 10.47 41.30
C PHE E 42 22.69 11.19 41.69
N GLU E 43 22.17 11.98 40.75
CA GLU E 43 20.94 12.70 40.91
C GLU E 43 20.24 12.69 39.57
N GLU E 44 18.93 12.64 39.57
CA GLU E 44 18.14 12.68 38.33
C GLU E 44 17.81 14.11 37.99
N ILE E 45 18.32 14.57 36.85
CA ILE E 45 18.13 15.95 36.44
C ILE E 45 17.12 16.03 35.27
N SER E 46 16.12 16.90 35.42
CA SER E 46 15.25 17.22 34.31
C SER E 46 15.26 18.69 34.09
N LEU E 47 14.76 19.08 32.94
CA LEU E 47 14.68 20.47 32.48
C LEU E 47 13.61 21.17 33.28
N GLU E 48 12.50 20.48 33.49
CA GLU E 48 11.41 20.94 34.30
C GLU E 48 11.89 21.46 35.67
N LYS E 49 12.97 20.88 36.22
CA LYS E 49 13.56 21.35 37.46
C LYS E 49 14.01 22.81 37.42
N TYR E 50 14.43 23.28 36.25
CA TYR E 50 14.94 24.66 36.12
C TYR E 50 13.95 25.66 35.49
N LYS E 51 12.68 25.26 35.35
CA LYS E 51 11.67 26.15 34.83
C LYS E 51 11.72 27.42 35.67
N GLY E 52 11.68 28.58 35.06
CA GLY E 52 11.87 29.86 35.77
C GLY E 52 13.27 30.43 35.64
N LYS E 53 14.25 29.60 35.28
CA LYS E 53 15.62 30.05 35.12
C LYS E 53 16.05 29.76 33.70
N TYR E 54 17.10 30.47 33.27
CA TYR E 54 17.75 30.17 32.03
C TYR E 54 18.53 28.89 32.27
N VAL E 55 18.64 28.06 31.23
CA VAL E 55 19.48 26.85 31.31
C VAL E 55 20.39 26.91 30.13
N VAL E 56 21.67 26.59 30.37
CA VAL E 56 22.65 26.55 29.30
C VAL E 56 23.15 25.11 29.24
N LEU E 57 22.65 24.39 28.25
CA LEU E 57 22.93 22.98 28.12
C LEU E 57 24.02 22.80 27.14
N ALA E 58 25.08 22.12 27.55
CA ALA E 58 26.28 22.06 26.76
C ALA E 58 26.76 20.65 26.71
N PHE E 59 27.09 20.14 25.54
CA PHE E 59 27.51 18.74 25.32
C PHE E 59 29.02 18.65 25.14
N VAL E 60 29.60 17.52 25.47
CA VAL E 60 31.01 17.22 25.14
C VAL E 60 31.59 15.94 24.68
N PRO E 61 30.93 14.91 24.15
CA PRO E 61 31.61 13.57 24.36
C PRO E 61 32.75 13.36 23.58
N LEU E 62 33.66 12.97 24.42
CA LEU E 62 33.91 11.88 25.37
C LEU E 62 34.66 12.22 26.67
N ALA E 63 34.34 11.51 27.73
CA ALA E 63 35.20 11.45 28.94
C ALA E 63 36.51 10.71 28.68
N PHE E 64 37.52 11.01 29.50
CA PHE E 64 38.90 10.52 29.40
C PHE E 64 39.55 10.68 28.05
N SER E 65 39.03 11.55 27.21
CA SER E 65 39.55 11.69 25.88
C SER E 65 40.89 12.37 26.05
N PHE E 66 41.74 12.27 25.05
CA PHE E 66 43.11 12.77 25.10
C PHE E 66 43.14 14.32 24.93
N VAL E 67 41.98 14.99 24.88
CA VAL E 67 41.94 16.42 24.63
C VAL E 67 41.61 17.04 25.96
N YCM E 68 42.43 18.04 26.40
CA YCM E 68 42.29 18.59 27.74
CB YCM E 68 43.35 19.70 27.92
SG YCM E 68 44.53 19.80 29.27
CD YCM E 68 44.25 18.72 30.60
CE YCM E 68 43.90 19.83 31.53
OZ1 YCM E 68 44.78 20.56 32.02
NZ2 YCM E 68 42.60 20.02 31.79
C YCM E 68 40.95 19.24 27.93
O YCM E 68 40.51 20.07 27.10
N PRO E 69 40.25 18.91 29.05
CA PRO E 69 38.96 19.54 29.28
C PRO E 69 38.92 21.01 29.74
N THR E 70 39.90 21.85 29.37
CA THR E 70 39.87 23.30 29.72
C THR E 70 38.51 23.94 29.51
N GLU E 71 37.84 23.52 28.47
CA GLU E 71 36.46 23.98 28.20
C GLU E 71 35.46 23.72 29.33
N ILE E 72 35.40 22.51 29.81
CA ILE E 72 34.49 22.21 30.95
C ILE E 72 34.92 22.96 32.21
N VAL E 73 36.23 23.11 32.38
CA VAL E 73 36.75 23.80 33.55
C VAL E 73 36.36 25.25 33.51
N ALA E 74 36.56 25.90 32.37
CA ALA E 74 36.14 27.30 32.18
C ALA E 74 34.66 27.54 32.54
N PHE E 75 33.81 26.60 32.16
CA PHE E 75 32.35 26.75 32.46
C PHE E 75 32.10 26.40 33.92
N SER E 76 32.80 25.40 34.44
CA SER E 76 32.75 25.08 35.88
C SER E 76 33.15 26.26 36.76
N ASP E 77 34.27 26.91 36.44
CA ASP E 77 34.73 28.12 37.16
C ASP E 77 33.74 29.28 37.08
N ALA E 78 33.01 29.41 35.96
CA ALA E 78 32.04 30.49 35.82
C ALA E 78 30.65 30.12 36.28
N ALA E 79 30.49 28.91 36.79
CA ALA E 79 29.21 28.46 37.40
C ALA E 79 28.47 29.57 38.16
N LYS E 80 29.19 30.24 39.02
CA LYS E 80 28.60 31.26 39.87
C LYS E 80 28.23 32.54 39.13
N LYS E 81 29.04 32.95 38.15
CA LYS E 81 28.65 34.07 37.29
C LYS E 81 27.31 33.76 36.59
N PHE E 82 27.13 32.52 36.13
CA PHE E 82 25.85 32.10 35.52
C PHE E 82 24.76 32.17 36.55
N GLU E 83 25.02 31.59 37.74
CA GLU E 83 23.99 31.63 38.77
C GLU E 83 23.53 33.07 39.08
N ASP E 84 24.47 34.01 39.16
CA ASP E 84 24.13 35.43 39.35
C ASP E 84 23.26 36.00 38.20
N GLN E 85 23.55 35.63 36.97
CA GLN E 85 22.73 36.01 35.83
C GLN E 85 21.31 35.29 35.82
N GLY E 86 21.00 34.42 36.80
CA GLY E 86 19.75 33.71 36.80
C GLY E 86 19.73 32.47 35.89
N ALA E 87 20.91 31.85 35.68
CA ALA E 87 21.04 30.73 34.76
C ALA E 87 21.75 29.55 35.42
N GLN E 88 21.45 28.35 34.92
CA GLN E 88 22.12 27.12 35.34
C GLN E 88 22.84 26.46 34.18
N VAL E 89 24.11 26.10 34.37
CA VAL E 89 24.87 25.42 33.33
C VAL E 89 24.72 23.95 33.61
N LEU E 90 24.49 23.18 32.55
CA LEU E 90 24.45 21.73 32.62
C LEU E 90 25.29 21.17 31.52
N PHE E 91 26.09 20.15 31.84
CA PHE E 91 26.88 19.45 30.85
C PHE E 91 26.32 18.08 30.65
N ALA E 92 26.64 17.51 29.51
CA ALA E 92 26.05 16.23 29.05
C ALA E 92 26.98 15.54 28.11
N SER E 93 27.00 14.21 28.20
CA SER E 93 27.86 13.40 27.30
C SER E 93 27.25 12.05 27.13
N THR E 94 27.69 11.25 26.18
CA THR E 94 27.08 9.93 25.98
C THR E 94 27.73 8.83 26.79
N ASP E 95 28.42 9.19 27.87
CA ASP E 95 29.11 8.23 28.71
C ASP E 95 28.16 7.93 29.85
N SER E 96 28.39 6.83 30.55
CA SER E 96 27.60 6.47 31.70
C SER E 96 27.97 7.35 32.87
N GLU E 97 27.03 7.46 33.81
CA GLU E 97 27.26 8.14 35.06
C GLU E 97 28.45 7.61 35.83
N TYR E 98 28.79 6.33 35.61
CA TYR E 98 29.96 5.72 36.25
C TYR E 98 31.26 6.15 35.61
N SER E 99 31.27 6.26 34.29
CA SER E 99 32.45 6.78 33.57
C SER E 99 32.65 8.24 33.93
N LEU E 100 31.56 9.02 33.93
CA LEU E 100 31.65 10.42 34.27
C LEU E 100 32.07 10.60 35.72
N LEU E 101 31.45 9.88 36.65
CA LEU E 101 31.93 9.86 38.05
C LEU E 101 33.42 9.58 38.17
N ALA E 102 33.88 8.51 37.55
CA ALA E 102 35.30 8.17 37.65
C ALA E 102 36.16 9.27 37.09
N TRP E 103 35.68 9.95 36.05
CA TRP E 103 36.38 11.09 35.43
C TRP E 103 36.64 12.19 36.44
N THR E 104 35.61 12.51 37.26
CA THR E 104 35.75 13.52 38.30
C THR E 104 36.65 13.07 39.45
N ASN E 105 36.54 11.81 39.85
CA ASN E 105 37.40 11.24 40.89
C ASN E 105 38.87 11.14 40.48
N LEU E 106 39.15 11.10 39.18
CA LEU E 106 40.55 11.06 38.69
C LEU E 106 41.04 12.50 38.59
N PRO E 107 42.00 12.92 39.50
CA PRO E 107 42.48 14.30 39.45
C PRO E 107 43.23 14.65 38.17
N ARG E 108 43.50 15.96 38.01
CA ARG E 108 44.03 16.46 36.73
C ARG E 108 45.50 16.17 36.57
N LYS E 109 46.26 16.31 37.65
CA LYS E 109 47.65 15.81 37.70
C LYS E 109 47.71 14.40 37.06
N ASP E 110 46.73 13.54 37.36
CA ASP E 110 46.70 12.16 36.83
C ASP E 110 45.87 11.96 35.53
N GLY E 111 45.62 13.02 34.79
CA GLY E 111 44.97 12.93 33.46
C GLY E 111 43.43 12.87 33.44
N GLY E 112 42.79 13.22 34.55
CA GLY E 112 41.32 13.26 34.58
C GLY E 112 40.80 14.67 34.58
N LEU E 113 39.62 14.85 35.16
CA LEU E 113 38.90 16.13 35.21
C LEU E 113 38.88 16.79 36.58
N GLY E 114 38.96 16.01 37.66
CA GLY E 114 38.79 16.57 38.98
C GLY E 114 37.34 16.98 39.20
N PRO E 115 36.99 17.40 40.42
CA PRO E 115 35.60 17.80 40.66
C PRO E 115 35.16 18.98 39.78
N VAL E 116 33.86 19.21 39.69
CA VAL E 116 33.32 20.36 38.95
C VAL E 116 32.04 20.90 39.57
N LYS E 117 31.75 22.16 39.30
CA LYS E 117 30.61 22.82 39.94
C LYS E 117 29.36 22.85 39.08
N VAL E 118 29.26 21.96 38.07
CA VAL E 118 28.08 21.81 37.21
C VAL E 118 27.68 20.34 36.98
N PRO E 119 26.38 20.02 37.06
CA PRO E 119 25.96 18.62 36.87
C PRO E 119 26.45 18.05 35.56
N LEU E 120 26.87 16.77 35.55
CA LEU E 120 27.29 16.07 34.34
C LEU E 120 26.33 14.97 34.03
N LEU E 121 25.67 15.06 32.88
CA LEU E 121 24.51 14.19 32.56
C LEU E 121 24.93 13.05 31.68
N ALA E 122 24.52 11.83 32.02
CA ALA E 122 24.93 10.65 31.31
C ALA E 122 23.83 10.35 30.34
N ASP E 123 24.08 10.62 29.06
CA ASP E 123 23.16 10.31 28.02
C ASP E 123 23.45 8.97 27.39
N LYS E 124 23.59 7.91 28.18
CA LYS E 124 23.89 6.61 27.61
C LYS E 124 23.00 6.10 26.51
N ASN E 125 21.72 6.26 26.60
CA ASN E 125 20.80 5.75 25.54
C ASN E 125 20.66 6.68 24.39
N HIS E 126 21.36 7.82 24.42
CA HIS E 126 21.48 8.75 23.28
C HIS E 126 20.26 9.54 23.00
N SER E 127 19.23 9.47 23.86
CA SER E 127 17.99 10.13 23.54
C SER E 127 18.18 11.62 23.55
N LEU E 128 18.95 12.12 24.50
CA LEU E 128 19.13 13.57 24.67
C LEU E 128 19.85 14.14 23.46
N SER E 129 20.98 13.56 23.14
CA SER E 129 21.78 13.94 22.00
C SER E 129 21.02 13.82 20.68
N ARG E 130 20.14 12.86 20.58
CA ARG E 130 19.34 12.72 19.38
C ARG E 130 18.31 13.80 19.30
N ASP E 131 17.56 14.03 20.38
CA ASP E 131 16.53 15.07 20.41
C ASP E 131 17.09 16.44 20.22
N TYR E 132 18.32 16.67 20.63
CA TYR E 132 18.93 18.05 20.49
C TYR E 132 19.74 18.15 19.18
N GLY E 133 19.76 17.11 18.37
CA GLY E 133 20.41 17.16 17.06
C GLY E 133 21.92 17.19 17.04
N VAL E 134 22.60 16.65 18.06
CA VAL E 134 24.06 16.69 18.15
C VAL E 134 24.73 15.30 18.04
N LEU E 135 23.95 14.24 18.05
CA LEU E 135 24.50 12.91 17.99
C LEU E 135 25.05 12.61 16.67
N ILE E 136 26.21 11.94 16.62
CA ILE E 136 26.79 11.42 15.43
C ILE E 136 26.46 9.95 15.45
N GLU E 137 25.33 9.57 14.89
CA GLU E 137 24.77 8.22 14.92
C GLU E 137 25.86 7.14 14.71
N LYS E 138 26.62 7.24 13.63
CA LYS E 138 27.61 6.20 13.27
C LYS E 138 28.64 5.96 14.39
N GLU E 139 28.81 6.96 15.23
CA GLU E 139 29.93 7.06 16.14
C GLU E 139 29.53 6.96 17.61
N GLY E 140 28.32 7.33 17.95
CA GLY E 140 27.86 7.27 19.33
C GLY E 140 28.26 8.38 20.24
N ILE E 141 28.57 9.55 19.68
CA ILE E 141 29.06 10.70 20.50
C ILE E 141 28.44 11.99 20.05
N ALA E 142 28.44 12.95 20.93
CA ALA E 142 27.75 14.21 20.73
C ALA E 142 28.77 15.22 20.23
N LEU E 143 28.29 16.09 19.35
CA LEU E 143 29.06 17.23 18.91
C LEU E 143 29.12 18.18 20.04
N ARG E 144 29.90 19.25 19.93
CA ARG E 144 29.97 20.24 20.98
C ARG E 144 28.90 21.27 20.82
N GLY E 145 27.66 20.85 20.97
CA GLY E 145 26.50 21.76 20.91
C GLY E 145 26.29 22.45 22.22
N LEU E 146 25.71 23.66 22.17
CA LEU E 146 25.35 24.44 23.34
C LEU E 146 24.01 25.09 23.07
N PHE E 147 23.06 24.93 23.99
CA PHE E 147 21.71 25.44 23.79
C PHE E 147 21.40 26.34 24.96
N ILE E 148 20.81 27.51 24.69
CA ILE E 148 20.33 28.39 25.75
C ILE E 148 18.83 28.33 25.67
N ILE E 149 18.21 28.04 26.82
CA ILE E 149 16.80 27.75 26.93
C ILE E 149 16.27 28.72 27.99
N ASP E 150 15.17 29.42 27.69
CA ASP E 150 14.67 30.46 28.55
C ASP E 150 13.75 29.87 29.62
N PRO E 151 13.25 30.69 30.57
CA PRO E 151 12.44 30.25 31.68
C PRO E 151 11.12 29.57 31.39
N LYS E 152 10.61 29.79 30.18
CA LYS E 152 9.40 29.16 29.66
C LYS E 152 9.74 27.92 28.86
N GLY E 153 11.03 27.62 28.75
CA GLY E 153 11.50 26.39 28.07
C GLY E 153 11.69 26.52 26.56
N ILE E 154 11.88 27.76 26.07
CA ILE E 154 11.98 28.03 24.64
C ILE E 154 13.45 28.14 24.30
N ILE E 155 13.86 27.56 23.18
CA ILE E 155 15.26 27.65 22.79
C ILE E 155 15.50 29.00 22.11
N ARG E 156 16.39 29.79 22.70
CA ARG E 156 16.68 31.10 22.19
C ARG E 156 18.01 31.18 21.49
N HIS E 157 18.81 30.13 21.54
CA HIS E 157 20.13 30.09 20.85
C HIS E 157 20.63 28.67 20.63
N ILE E 158 21.38 28.44 19.54
CA ILE E 158 22.04 27.16 19.31
C ILE E 158 23.39 27.45 18.77
N THR E 159 24.44 26.88 19.38
CA THR E 159 25.81 26.83 18.86
C THR E 159 26.08 25.36 18.74
N ILE E 160 26.84 24.97 17.71
CA ILE E 160 27.35 23.61 17.48
C ILE E 160 28.75 23.78 16.84
N ASN E 161 29.82 23.38 17.55
CA ASN E 161 31.20 23.36 17.04
C ASN E 161 31.60 21.93 16.70
N ASP E 162 32.36 21.75 15.62
CA ASP E 162 33.07 20.47 15.38
C ASP E 162 33.95 20.23 16.62
N LEU E 163 34.49 19.01 16.73
CA LEU E 163 35.13 18.63 18.02
C LEU E 163 36.46 19.38 18.26
N SER E 164 37.17 19.73 17.19
CA SER E 164 38.50 20.32 17.25
C SER E 164 38.70 21.65 18.02
N VAL E 165 37.63 22.37 18.30
CA VAL E 165 37.68 23.78 18.74
C VAL E 165 36.55 24.02 19.73
N GLY E 166 36.82 24.77 20.79
CA GLY E 166 35.92 24.96 21.87
C GLY E 166 35.05 26.22 21.83
N ARG E 167 34.21 26.36 22.87
CA ARG E 167 33.28 27.45 23.03
C ARG E 167 33.81 28.46 24.02
N ASN E 168 33.22 29.66 23.96
CA ASN E 168 33.65 30.81 24.72
C ASN E 168 32.60 31.01 25.76
N VAL E 169 33.04 31.04 27.02
CA VAL E 169 32.16 31.14 28.18
C VAL E 169 31.45 32.49 28.17
N ASN E 170 32.09 33.53 27.66
CA ASN E 170 31.56 34.88 27.73
C ASN E 170 30.44 35.06 26.74
N GLU E 171 30.45 34.25 25.69
CA GLU E 171 29.39 34.30 24.71
C GLU E 171 28.15 33.84 25.38
N ALA E 172 28.22 32.72 26.09
CA ALA E 172 27.00 32.28 26.79
C ALA E 172 26.48 33.31 27.79
N LEU E 173 27.37 33.94 28.55
CA LEU E 173 26.95 35.00 29.48
C LEU E 173 26.34 36.20 28.71
N ARG E 174 27.01 36.64 27.65
CA ARG E 174 26.50 37.75 26.83
C ARG E 174 25.12 37.47 26.26
N LEU E 175 24.91 36.26 25.79
CA LEU E 175 23.63 35.88 25.16
C LEU E 175 22.51 35.82 26.19
N VAL E 176 22.80 35.19 27.31
CA VAL E 176 21.82 35.15 28.41
C VAL E 176 21.44 36.57 28.87
N GLU E 177 22.44 37.43 29.06
CA GLU E 177 22.15 38.84 29.43
C GLU E 177 21.33 39.49 28.36
N GLY E 178 21.69 39.23 27.11
CA GLY E 178 20.94 39.73 25.97
C GLY E 178 19.48 39.32 26.03
N PHE E 179 19.20 38.05 26.29
CA PHE E 179 17.82 37.54 26.26
C PHE E 179 17.01 37.96 27.45
N GLN E 180 17.68 38.22 28.56
CA GLN E 180 16.99 38.76 29.73
C GLN E 180 16.56 40.16 29.46
N TRP E 181 17.51 40.98 29.01
CA TRP E 181 17.20 42.35 28.65
C TRP E 181 15.98 42.36 27.73
N THR E 182 16.09 41.75 26.56
CA THR E 182 14.95 41.66 25.62
C THR E 182 13.66 41.04 26.16
N ASP E 183 13.77 40.09 27.08
CA ASP E 183 12.61 39.54 27.80
C ASP E 183 11.80 40.59 28.55
N LYS E 184 12.52 41.56 29.13
CA LYS E 184 11.90 42.67 29.83
C LYS E 184 11.74 44.02 29.08
N ASN E 185 11.87 44.14 27.77
CA ASN E 185 11.63 45.43 27.11
C ASN E 185 11.10 45.24 25.68
N MET F 21 20.35 17.05 2.33
CA MET F 21 19.32 18.12 2.22
C MET F 21 19.54 19.30 3.23
N VAL F 22 19.51 19.03 4.55
CA VAL F 22 19.75 20.06 5.65
C VAL F 22 21.27 20.16 5.95
N ALA F 23 21.70 21.17 6.70
CA ALA F 23 23.10 21.41 7.00
C ALA F 23 23.42 20.95 8.34
N GLU F 24 24.55 20.22 8.48
CA GLU F 24 24.96 19.65 9.77
C GLU F 24 26.46 19.81 9.94
N VAL F 25 26.92 20.05 11.15
CA VAL F 25 28.35 20.13 11.41
C VAL F 25 28.94 18.77 11.00
N GLN F 26 30.16 18.78 10.46
CA GLN F 26 30.81 17.58 9.89
C GLN F 26 30.41 17.10 8.53
N LYS F 27 29.28 17.60 8.00
CA LYS F 27 28.84 17.25 6.66
C LYS F 27 29.08 18.36 5.68
N GLN F 28 28.99 17.97 4.40
CA GLN F 28 29.20 18.83 3.25
C GLN F 28 28.11 19.88 3.30
N ALA F 29 28.46 21.14 3.05
CA ALA F 29 27.45 22.21 3.11
C ALA F 29 26.61 22.14 1.86
N PRO F 30 25.31 22.47 2.00
CA PRO F 30 24.45 22.46 0.83
C PRO F 30 24.91 23.45 -0.23
N PRO F 31 25.09 22.95 -1.46
CA PRO F 31 25.60 23.89 -2.46
C PRO F 31 24.59 25.00 -2.76
N PHE F 32 25.05 26.12 -3.31
CA PHE F 32 24.10 27.15 -3.74
C PHE F 32 24.68 27.98 -4.86
N LYS F 33 23.80 28.64 -5.59
CA LYS F 33 24.16 29.58 -6.66
C LYS F 33 23.05 30.61 -6.61
N LYS F 34 23.36 31.82 -6.13
CA LYS F 34 22.35 32.81 -5.81
C LYS F 34 22.84 34.18 -6.30
N THR F 35 21.94 34.96 -6.84
CA THR F 35 22.22 36.28 -7.34
C THR F 35 22.46 37.16 -6.12
N ALA F 36 23.56 37.92 -6.13
CA ALA F 36 23.92 38.76 -5.04
C ALA F 36 24.31 40.14 -5.50
N VAL F 37 24.16 41.10 -4.61
CA VAL F 37 24.61 42.46 -4.82
C VAL F 37 26.05 42.62 -4.28
N VAL F 38 26.99 42.82 -5.20
CA VAL F 38 28.39 43.11 -4.87
C VAL F 38 28.76 44.46 -5.50
N ASP F 39 29.15 45.42 -4.68
CA ASP F 39 29.52 46.78 -5.13
C ASP F 39 28.50 47.36 -6.10
N GLY F 40 27.26 47.44 -5.63
CA GLY F 40 26.17 48.06 -6.38
C GLY F 40 25.74 47.38 -7.69
N ILE F 41 26.24 46.19 -8.03
CA ILE F 41 25.79 45.44 -9.21
C ILE F 41 25.63 43.94 -8.95
N PHE F 42 24.93 43.21 -9.82
CA PHE F 42 24.64 41.80 -9.57
C PHE F 42 25.75 40.86 -10.03
N GLU F 43 25.97 39.82 -9.22
CA GLU F 43 26.88 38.75 -9.55
C GLU F 43 26.23 37.47 -9.03
N GLU F 44 26.43 36.36 -9.73
CA GLU F 44 25.98 35.05 -9.31
C GLU F 44 27.04 34.41 -8.41
N ILE F 45 26.68 34.19 -7.16
CA ILE F 45 27.61 33.67 -6.18
C ILE F 45 27.28 32.23 -5.84
N SER F 46 28.29 31.36 -5.92
CA SER F 46 28.16 29.99 -5.46
C SER F 46 29.22 29.74 -4.44
N LEU F 47 29.06 28.66 -3.71
CA LEU F 47 30.00 28.24 -2.67
C LEU F 47 31.24 27.69 -3.32
N GLU F 48 31.04 26.94 -4.39
CA GLU F 48 32.11 26.42 -5.22
C GLU F 48 33.11 27.49 -5.62
N LYS F 49 32.67 28.76 -5.77
CA LYS F 49 33.55 29.87 -6.05
C LYS F 49 34.62 30.10 -5.00
N TYR F 50 34.33 29.76 -3.74
CA TYR F 50 35.29 29.98 -2.64
C TYR F 50 36.02 28.71 -2.17
N LYS F 51 35.94 27.63 -2.94
CA LYS F 51 36.65 26.42 -2.62
C LYS F 51 38.10 26.77 -2.37
N GLY F 52 38.69 26.26 -1.30
CA GLY F 52 40.06 26.64 -0.93
C GLY F 52 40.10 27.69 0.19
N LYS F 53 39.00 28.40 0.42
CA LYS F 53 38.94 29.40 1.46
C LYS F 53 37.84 29.03 2.42
N TYR F 54 37.93 29.57 3.62
CA TYR F 54 36.86 29.45 4.59
C TYR F 54 35.77 30.40 4.10
N VAL F 55 34.51 30.02 4.35
CA VAL F 55 33.38 30.89 4.02
C VAL F 55 32.56 31.02 5.27
N VAL F 56 32.13 32.23 5.57
CA VAL F 56 31.30 32.51 6.74
C VAL F 56 29.99 33.05 6.22
N LEU F 57 28.98 32.17 6.19
CA LEU F 57 27.67 32.50 5.66
C LEU F 57 26.80 32.94 6.77
N ALA F 58 26.24 34.12 6.67
CA ALA F 58 25.44 34.68 7.73
C ALA F 58 24.15 35.19 7.15
N PHE F 59 23.03 34.87 7.80
CA PHE F 59 21.68 35.27 7.35
C PHE F 59 21.16 36.43 8.16
N VAL F 60 20.29 37.26 7.57
CA VAL F 60 19.56 38.28 8.35
C VAL F 60 18.09 38.33 7.92
N PRO F 61 17.15 38.50 8.89
CA PRO F 61 15.83 38.87 8.48
C PRO F 61 15.85 40.40 8.02
N LEU F 62 14.77 40.61 7.45
CA LEU F 62 14.58 41.42 6.33
C LEU F 62 15.39 42.72 6.09
N ALA F 63 15.53 43.11 4.84
CA ALA F 63 15.88 44.48 4.45
C ALA F 63 14.86 45.51 4.84
N PHE F 64 15.31 46.75 4.97
CA PHE F 64 14.55 47.94 5.41
C PHE F 64 13.83 47.78 6.70
N SER F 65 14.22 46.83 7.51
CA SER F 65 13.47 46.56 8.73
C SER F 65 13.80 47.76 9.63
N PHE F 66 12.99 47.93 10.65
CA PHE F 66 13.09 48.99 11.62
C PHE F 66 14.23 48.76 12.63
N VAL F 67 15.08 47.75 12.41
CA VAL F 67 16.16 47.40 13.31
C VAL F 67 17.39 47.96 12.58
N YCM F 68 18.23 48.67 13.34
CA YCM F 68 19.53 49.12 12.86
CB YCM F 68 20.33 49.78 14.03
SG YCM F 68 20.45 51.55 14.01
CD YCM F 68 20.24 52.26 12.38
CE YCM F 68 18.83 52.21 11.75
OZ1 YCM F 68 17.91 51.95 12.54
NZ2 YCM F 68 18.76 52.30 10.42
C YCM F 68 20.39 47.98 12.39
O YCM F 68 20.57 46.97 13.12
N PRO F 69 20.95 48.08 11.16
CA PRO F 69 21.86 46.98 10.72
C PRO F 69 23.25 46.88 11.37
N THR F 70 23.47 47.37 12.58
CA THR F 70 24.81 47.35 13.23
C THR F 70 25.52 46.00 13.08
N GLU F 71 24.76 44.92 13.13
CA GLU F 71 25.32 43.58 12.88
C GLU F 71 25.99 43.42 11.51
N ILE F 72 25.28 43.78 10.46
CA ILE F 72 25.88 43.67 9.10
C ILE F 72 27.07 44.64 8.95
N VAL F 73 26.98 45.79 9.60
CA VAL F 73 28.01 46.79 9.52
C VAL F 73 29.27 46.27 10.20
N ALA F 74 29.12 45.73 11.41
CA ALA F 74 30.26 45.13 12.10
C ALA F 74 31.02 44.08 11.26
N PHE F 75 30.26 43.27 10.53
CA PHE F 75 30.87 42.21 9.69
C PHE F 75 31.44 42.84 8.42
N SER F 76 30.74 43.83 7.87
CA SER F 76 31.27 44.62 6.73
C SER F 76 32.61 45.28 7.05
N ASP F 77 32.69 45.96 8.19
CA ASP F 77 33.94 46.58 8.68
C ASP F 77 35.07 45.58 8.89
N ALA F 78 34.75 44.38 9.31
CA ALA F 78 35.80 43.35 9.55
C ALA F 78 36.08 42.50 8.32
N ALA F 79 35.41 42.79 7.20
CA ALA F 79 35.69 42.12 5.92
C ALA F 79 37.16 41.75 5.69
N LYS F 80 37.98 42.74 5.89
CA LYS F 80 39.42 42.60 5.64
C LYS F 80 40.14 41.74 6.67
N LYS F 81 39.75 41.84 7.91
CA LYS F 81 40.26 40.90 8.94
C LYS F 81 39.93 39.46 8.55
N PHE F 82 38.73 39.22 8.04
CA PHE F 82 38.34 37.87 7.53
C PHE F 82 39.22 37.51 6.37
N GLU F 83 39.36 38.42 5.40
CA GLU F 83 40.22 38.11 4.26
C GLU F 83 41.65 37.68 4.71
N ASP F 84 42.22 38.41 5.69
CA ASP F 84 43.54 38.06 6.27
C ASP F 84 43.55 36.67 6.91
N GLN F 85 42.48 36.30 7.61
CA GLN F 85 42.32 34.91 8.08
C GLN F 85 42.12 33.85 6.98
N GLY F 86 42.07 34.21 5.71
CA GLY F 86 41.79 33.26 4.62
C GLY F 86 40.31 32.93 4.45
N ALA F 87 39.42 33.87 4.80
CA ALA F 87 37.99 33.63 4.81
C ALA F 87 37.23 34.71 4.06
N GLN F 88 36.07 34.34 3.52
CA GLN F 88 35.15 35.28 2.88
C GLN F 88 33.80 35.29 3.62
N VAL F 89 33.29 36.48 3.93
CA VAL F 89 32.02 36.60 4.61
C VAL F 89 31.00 36.80 3.51
N LEU F 90 29.86 36.14 3.65
CA LEU F 90 28.73 36.32 2.75
C LEU F 90 27.50 36.51 3.60
N PHE F 91 26.65 37.46 3.23
CA PHE F 91 25.37 37.68 3.87
C PHE F 91 24.27 37.27 2.92
N ALA F 92 23.11 37.01 3.51
CA ALA F 92 22.01 36.37 2.76
C ALA F 92 20.70 36.67 3.41
N SER F 93 19.65 36.90 2.61
CA SER F 93 18.33 37.24 3.13
C SER F 93 17.30 36.78 2.13
N THR F 94 16.03 36.73 2.49
CA THR F 94 15.01 36.26 1.56
C THR F 94 14.41 37.36 0.69
N ASP F 95 15.13 38.47 0.52
CA ASP F 95 14.71 39.58 -0.28
C ASP F 95 15.27 39.43 -1.64
N SER F 96 14.71 40.11 -2.61
CA SER F 96 15.25 40.08 -3.98
C SER F 96 16.49 40.93 -4.04
N GLU F 97 17.31 40.64 -5.02
CA GLU F 97 18.51 41.42 -5.29
C GLU F 97 18.21 42.90 -5.54
N TYR F 98 16.98 43.20 -5.97
CA TYR F 98 16.56 44.60 -6.19
C TYR F 98 16.24 45.31 -4.88
N SER F 99 15.61 44.61 -3.95
CA SER F 99 15.36 45.16 -2.63
C SER F 99 16.68 45.34 -1.91
N LEU F 100 17.56 44.34 -1.98
CA LEU F 100 18.84 44.44 -1.32
C LEU F 100 19.69 45.53 -1.95
N LEU F 101 19.75 45.60 -3.28
CA LEU F 101 20.41 46.75 -3.96
C LEU F 101 19.90 48.09 -3.45
N ALA F 102 18.59 48.28 -3.46
CA ALA F 102 18.04 49.54 -3.02
C ALA F 102 18.42 49.84 -1.59
N TRP F 103 18.50 48.80 -0.76
CA TRP F 103 18.92 48.92 0.65
C TRP F 103 20.30 49.55 0.77
N THR F 104 21.24 49.10 -0.07
CA THR F 104 22.59 49.68 -0.09
C THR F 104 22.63 51.09 -0.64
N ASN F 105 21.85 51.35 -1.70
CA ASN F 105 21.75 52.70 -2.27
C ASN F 105 21.11 53.72 -1.28
N LEU F 106 20.30 53.24 -0.33
CA LEU F 106 19.71 54.14 0.66
C LEU F 106 20.68 54.31 1.82
N PRO F 107 21.32 55.50 1.98
CA PRO F 107 22.33 55.64 3.07
C PRO F 107 21.75 55.53 4.47
N ARG F 108 22.61 55.47 5.47
CA ARG F 108 22.20 55.19 6.85
C ARG F 108 21.55 56.39 7.51
N LYS F 109 22.12 57.59 7.25
CA LYS F 109 21.44 58.85 7.61
C LYS F 109 19.93 58.76 7.26
N ASP F 110 19.61 58.19 6.07
CA ASP F 110 18.23 58.08 5.58
C ASP F 110 17.53 56.73 5.89
N GLY F 111 18.01 55.99 6.88
CA GLY F 111 17.35 54.74 7.32
C GLY F 111 17.64 53.47 6.56
N GLY F 112 18.67 53.47 5.72
CA GLY F 112 19.05 52.25 4.97
C GLY F 112 20.30 51.64 5.52
N LEU F 113 21.05 50.95 4.64
CA LEU F 113 22.28 50.26 4.98
C LEU F 113 23.55 50.97 4.49
N GLY F 114 23.48 51.67 3.38
CA GLY F 114 24.67 52.24 2.76
C GLY F 114 25.46 51.12 2.14
N PRO F 115 26.53 51.46 1.38
CA PRO F 115 27.30 50.37 0.73
C PRO F 115 27.94 49.47 1.79
N VAL F 116 28.42 48.30 1.38
CA VAL F 116 29.05 47.34 2.29
C VAL F 116 30.11 46.52 1.58
N LYS F 117 31.03 45.97 2.37
CA LYS F 117 32.16 45.26 1.79
C LYS F 117 31.97 43.75 1.77
N VAL F 118 30.71 43.26 1.86
CA VAL F 118 30.39 41.82 1.71
C VAL F 118 29.20 41.54 0.79
N PRO F 119 29.29 40.54 -0.09
CA PRO F 119 28.16 40.23 -0.97
C PRO F 119 26.86 39.99 -0.21
N LEU F 120 25.73 40.48 -0.76
CA LEU F 120 24.41 40.26 -0.17
C LEU F 120 23.59 39.39 -1.09
N LEU F 121 23.20 38.21 -0.61
CA LEU F 121 22.61 37.17 -1.47
C LEU F 121 21.11 37.16 -1.35
N ALA F 122 20.44 37.09 -2.49
CA ALA F 122 18.99 37.19 -2.54
C ALA F 122 18.47 35.78 -2.62
N ASP F 123 17.92 35.29 -1.51
CA ASP F 123 17.35 33.97 -1.47
C ASP F 123 15.84 34.03 -1.70
N LYS F 124 15.41 34.65 -2.80
CA LYS F 124 13.95 34.80 -3.00
C LYS F 124 13.13 33.53 -2.98
N ASN F 125 13.61 32.46 -3.58
CA ASN F 125 12.85 31.20 -3.62
C ASN F 125 13.00 30.36 -2.37
N HIS F 126 13.78 30.86 -1.39
CA HIS F 126 13.91 30.23 -0.06
C HIS F 126 14.69 28.99 -0.01
N SER F 127 15.33 28.59 -1.11
CA SER F 127 15.99 27.27 -1.14
C SER F 127 17.15 27.29 -0.17
N LEU F 128 17.89 28.40 -0.13
CA LEU F 128 19.09 28.49 0.70
C LEU F 128 18.73 28.40 2.16
N SER F 129 17.81 29.24 2.59
CA SER F 129 17.32 29.27 3.94
C SER F 129 16.70 27.92 4.36
N ARG F 130 16.07 27.24 3.43
CA ARG F 130 15.52 25.94 3.75
C ARG F 130 16.64 24.90 3.93
N ASP F 131 17.57 24.84 2.99
CA ASP F 131 18.66 23.88 3.03
C ASP F 131 19.56 24.11 4.22
N TYR F 132 19.68 25.34 4.71
CA TYR F 132 20.56 25.63 5.87
C TYR F 132 19.77 25.62 7.20
N GLY F 133 18.49 25.27 7.15
CA GLY F 133 17.70 25.11 8.36
C GLY F 133 17.31 26.35 9.13
N VAL F 134 17.24 27.52 8.48
CA VAL F 134 16.95 28.78 9.18
C VAL F 134 15.63 29.43 8.79
N LEU F 135 14.93 28.88 7.78
CA LEU F 135 13.73 29.49 7.30
C LEU F 135 12.62 29.29 8.29
N ILE F 136 11.80 30.32 8.48
CA ILE F 136 10.59 30.23 9.24
C ILE F 136 9.50 30.19 8.21
N GLU F 137 9.13 28.98 7.80
CA GLU F 137 8.17 28.76 6.67
C GLU F 137 6.96 29.68 6.75
N LYS F 138 6.28 29.72 7.88
CA LYS F 138 5.02 30.52 8.05
C LYS F 138 5.23 31.99 7.76
N GLU F 139 6.47 32.44 7.89
CA GLU F 139 6.81 33.87 7.84
C GLU F 139 7.59 34.30 6.63
N GLY F 140 8.33 33.41 6.02
CA GLY F 140 9.10 33.73 4.83
C GLY F 140 10.43 34.42 5.07
N ILE F 141 11.02 34.23 6.23
CA ILE F 141 12.29 34.92 6.57
C ILE F 141 13.22 33.97 7.30
N ALA F 142 14.50 34.30 7.28
CA ALA F 142 15.52 33.50 7.87
C ALA F 142 15.81 33.98 9.28
N LEU F 143 16.12 33.03 10.13
CA LEU F 143 16.64 33.30 11.47
C LEU F 143 18.02 33.83 11.31
N ARG F 144 18.63 34.27 12.40
CA ARG F 144 19.98 34.82 12.33
C ARG F 144 21.00 33.70 12.46
N GLY F 145 21.03 32.81 11.49
CA GLY F 145 22.03 31.73 11.49
C GLY F 145 23.34 32.19 10.91
N LEU F 146 24.43 31.56 11.35
CA LEU F 146 25.79 31.82 10.84
C LEU F 146 26.51 30.48 10.71
N PHE F 147 27.08 30.19 9.55
CA PHE F 147 27.71 28.92 9.29
C PHE F 147 29.14 29.19 8.88
N ILE F 148 30.10 28.44 9.40
CA ILE F 148 31.48 28.49 8.97
C ILE F 148 31.73 27.20 8.25
N ILE F 149 32.27 27.32 7.03
CA ILE F 149 32.44 26.24 6.09
C ILE F 149 33.89 26.25 5.69
N ASP F 150 34.54 25.09 5.71
CA ASP F 150 36.00 25.02 5.51
C ASP F 150 36.28 24.91 4.00
N PRO F 151 37.56 24.91 3.60
CA PRO F 151 37.99 24.89 2.22
C PRO F 151 37.56 23.72 1.36
N LYS F 152 37.21 22.61 2.00
CA LYS F 152 36.71 21.41 1.37
C LYS F 152 35.20 21.41 1.35
N GLY F 153 34.58 22.46 1.92
CA GLY F 153 33.12 22.61 1.93
C GLY F 153 32.40 21.92 3.07
N ILE F 154 33.10 21.66 4.17
CA ILE F 154 32.55 20.94 5.33
C ILE F 154 32.11 21.99 6.35
N ILE F 155 30.95 21.82 6.95
CA ILE F 155 30.51 22.75 7.98
C ILE F 155 31.19 22.46 9.31
N ARG F 156 31.94 23.41 9.82
CA ARG F 156 32.68 23.23 11.04
C ARG F 156 32.08 23.97 12.21
N HIS F 157 31.06 24.79 11.97
CA HIS F 157 30.37 25.56 13.05
C HIS F 157 28.96 26.00 12.64
N ILE F 158 28.05 26.06 13.60
CA ILE F 158 26.70 26.59 13.36
C ILE F 158 26.36 27.41 14.57
N THR F 159 25.96 28.68 14.37
CA THR F 159 25.30 29.53 15.35
C THR F 159 23.95 29.82 14.74
N ILE F 160 22.89 29.88 15.56
CA ILE F 160 21.57 30.33 15.18
C ILE F 160 20.93 31.08 16.36
N ASN F 161 20.74 32.41 16.25
CA ASN F 161 20.09 33.21 17.31
C ASN F 161 18.67 33.54 16.93
N ASP F 162 17.77 33.52 17.89
CA ASP F 162 16.45 34.17 17.76
C ASP F 162 16.70 35.62 17.38
N LEU F 163 15.65 36.30 16.92
CA LEU F 163 15.83 37.59 16.24
C LEU F 163 16.28 38.71 17.19
N SER F 164 15.87 38.66 18.43
CA SER F 164 16.11 39.73 19.42
C SER F 164 17.55 40.14 19.75
N VAL F 165 18.53 39.31 19.39
CA VAL F 165 19.91 39.45 19.85
C VAL F 165 20.86 39.01 18.77
N GLY F 166 21.96 39.76 18.62
CA GLY F 166 22.85 39.57 17.47
C GLY F 166 24.08 38.70 17.74
N ARG F 167 24.93 38.60 16.72
CA ARG F 167 26.13 37.79 16.73
C ARG F 167 27.38 38.62 16.97
N ASN F 168 28.45 37.93 17.33
CA ASN F 168 29.70 38.58 17.70
C ASN F 168 30.65 38.30 16.62
N VAL F 169 31.22 39.35 16.05
CA VAL F 169 32.18 39.27 14.92
C VAL F 169 33.44 38.55 15.36
N ASN F 170 33.83 38.69 16.62
CA ASN F 170 35.12 38.16 17.08
C ASN F 170 35.03 36.67 17.25
N GLU F 171 33.80 36.17 17.48
CA GLU F 171 33.61 34.77 17.60
C GLU F 171 33.91 34.15 16.27
N ALA F 172 33.35 34.70 15.21
CA ALA F 172 33.64 34.12 13.89
C ALA F 172 35.12 34.16 13.56
N LEU F 173 35.82 35.25 13.87
CA LEU F 173 37.27 35.30 13.64
C LEU F 173 38.00 34.26 14.49
N ARG F 174 37.65 34.17 15.78
CA ARG F 174 38.29 33.20 16.67
C ARG F 174 38.11 31.77 16.16
N LEU F 175 36.91 31.45 15.70
CA LEU F 175 36.60 30.11 15.22
C LEU F 175 37.33 29.77 13.96
N VAL F 176 37.33 30.68 13.01
CA VAL F 176 38.10 30.48 11.76
C VAL F 176 39.57 30.26 12.06
N GLU F 177 40.16 31.12 12.93
CA GLU F 177 41.58 30.94 13.29
C GLU F 177 41.75 29.58 13.96
N GLY F 178 40.80 29.24 14.84
CA GLY F 178 40.80 27.96 15.50
C GLY F 178 40.84 26.81 14.52
N PHE F 179 39.97 26.83 13.50
CA PHE F 179 39.85 25.68 12.58
C PHE F 179 41.00 25.61 11.62
N GLN F 180 41.63 26.75 11.33
CA GLN F 180 42.82 26.70 10.51
C GLN F 180 43.96 26.06 11.28
N TRP F 181 44.20 26.57 12.49
CA TRP F 181 45.21 26.00 13.31
C TRP F 181 45.05 24.48 13.38
N THR F 182 43.92 24.02 13.92
CA THR F 182 43.64 22.57 13.96
C THR F 182 43.66 21.81 12.65
N ASP F 183 43.32 22.46 11.54
CA ASP F 183 43.49 21.87 10.17
C ASP F 183 44.94 21.48 9.89
N LYS F 184 45.86 22.31 10.35
CA LYS F 184 47.29 22.15 10.09
C LYS F 184 48.15 21.66 11.31
N ASN F 185 47.84 20.64 12.07
CA ASN F 185 47.14 19.39 11.78
C ASN F 185 46.76 18.71 13.15
N VAL G 22 -6.51 25.97 -5.07
CA VAL G 22 -6.17 26.80 -6.27
C VAL G 22 -7.38 27.68 -6.66
N ALA G 23 -7.16 28.70 -7.51
CA ALA G 23 -8.24 29.64 -7.88
C ALA G 23 -8.74 29.29 -9.22
N GLU G 24 -10.06 29.26 -9.40
CA GLU G 24 -10.69 28.96 -10.67
C GLU G 24 -11.88 29.84 -10.95
N VAL G 25 -12.11 30.17 -12.21
CA VAL G 25 -13.31 30.93 -12.57
C VAL G 25 -14.50 30.12 -12.15
N GLN G 26 -15.56 30.78 -11.70
CA GLN G 26 -16.79 30.12 -11.11
C GLN G 26 -16.72 29.61 -9.71
N LYS G 27 -15.52 29.51 -9.14
CA LYS G 27 -15.32 28.99 -7.76
C LYS G 27 -14.99 30.17 -6.82
N GLN G 28 -15.13 29.85 -5.56
CA GLN G 28 -14.90 30.75 -4.43
C GLN G 28 -13.42 31.10 -4.45
N ALA G 29 -13.07 32.36 -4.27
CA ALA G 29 -11.66 32.75 -4.27
C ALA G 29 -10.97 32.31 -3.01
N PRO G 30 -9.71 31.94 -3.06
CA PRO G 30 -9.03 31.55 -1.85
C PRO G 30 -8.95 32.70 -0.84
N PRO G 31 -9.39 32.45 0.38
CA PRO G 31 -9.32 33.56 1.32
C PRO G 31 -7.87 33.94 1.63
N PHE G 32 -7.64 35.15 2.15
CA PHE G 32 -6.33 35.53 2.57
C PHE G 32 -6.34 36.58 3.64
N LYS G 33 -5.23 36.73 4.37
CA LYS G 33 -5.07 37.79 5.36
C LYS G 33 -3.60 38.11 5.30
N LYS G 34 -3.24 39.29 4.78
CA LYS G 34 -1.87 39.64 4.51
C LYS G 34 -1.61 41.06 4.97
N THR G 35 -0.43 41.28 5.53
CA THR G 35 -0.01 42.59 5.93
C THR G 35 0.26 43.39 4.70
N ALA G 36 -0.27 44.61 4.66
CA ALA G 36 -0.12 45.46 3.50
C ALA G 36 0.26 46.85 3.91
N VAL G 37 0.88 47.57 2.97
CA VAL G 37 1.08 49.01 3.07
C VAL G 37 -0.11 49.78 2.54
N VAL G 38 -0.84 50.45 3.44
CA VAL G 38 -1.90 51.41 3.10
C VAL G 38 -1.54 52.79 3.65
N ASP G 39 -1.39 53.78 2.77
CA ASP G 39 -1.00 55.15 3.12
C ASP G 39 0.19 55.17 4.06
N GLY G 40 1.28 54.57 3.59
CA GLY G 40 2.57 54.58 4.33
C GLY G 40 2.63 53.89 5.68
N ILE G 41 1.58 53.12 6.08
CA ILE G 41 1.63 52.32 7.32
C ILE G 41 1.01 50.93 7.12
N PHE G 42 1.27 50.00 8.04
CA PHE G 42 0.82 48.61 7.87
C PHE G 42 -0.61 48.37 8.35
N GLU G 43 -1.34 47.56 7.60
CA GLU G 43 -2.71 47.20 7.88
C GLU G 43 -2.89 45.77 7.40
N GLU G 44 -3.67 44.99 8.11
CA GLU G 44 -3.94 43.59 7.76
C GLU G 44 -5.15 43.53 6.84
N ILE G 45 -4.92 43.09 5.61
CA ILE G 45 -5.97 43.05 4.61
C ILE G 45 -6.43 41.62 4.35
N SER G 46 -7.74 41.39 4.42
CA SER G 46 -8.31 40.13 4.00
C SER G 46 -9.35 40.39 2.97
N LEU G 47 -9.74 39.32 2.29
CA LEU G 47 -10.74 39.39 1.21
C LEU G 47 -12.10 39.56 1.82
N GLU G 48 -12.33 38.86 2.93
CA GLU G 48 -13.53 38.99 3.71
C GLU G 48 -13.90 40.47 4.00
N LYS G 49 -12.89 41.32 4.15
CA LYS G 49 -13.10 42.75 4.35
C LYS G 49 -13.88 43.43 3.24
N TYR G 50 -13.75 42.92 2.00
CA TYR G 50 -14.43 43.52 0.84
C TYR G 50 -15.68 42.78 0.36
N LYS G 51 -16.18 41.85 1.15
CA LYS G 51 -17.43 41.15 0.83
C LYS G 51 -18.48 42.25 0.53
N GLY G 52 -19.23 42.09 -0.54
CA GLY G 52 -20.18 43.15 -0.96
C GLY G 52 -19.65 44.00 -2.10
N LYS G 53 -18.34 44.01 -2.31
CA LYS G 53 -17.73 44.81 -3.34
C LYS G 53 -16.99 43.88 -4.29
N TYR G 54 -16.81 44.36 -5.53
CA TYR G 54 -15.93 43.69 -6.46
C TYR G 54 -14.52 43.93 -5.96
N VAL G 55 -13.64 42.96 -6.15
CA VAL G 55 -12.21 43.10 -5.80
C VAL G 55 -11.43 42.73 -7.00
N VAL G 56 -10.41 43.54 -7.30
CA VAL G 56 -9.52 43.28 -8.44
C VAL G 56 -8.14 43.08 -7.88
N LEU G 57 -7.74 41.82 -7.77
CA LEU G 57 -6.48 41.45 -7.15
C LEU G 57 -5.45 41.30 -8.23
N ALA G 58 -4.36 42.02 -8.14
CA ALA G 58 -3.39 42.08 -9.23
C ALA G 58 -2.02 41.89 -8.61
N PHE G 59 -1.20 41.01 -9.21
CA PHE G 59 0.13 40.70 -8.70
C PHE G 59 1.18 41.36 -9.52
N VAL G 60 2.37 41.60 -8.93
CA VAL G 60 3.53 42.11 -9.70
C VAL G 60 4.81 41.40 -9.25
N PRO G 61 5.72 41.10 -10.19
CA PRO G 61 6.79 40.18 -9.76
C PRO G 61 7.72 40.67 -8.62
N LEU G 62 8.37 41.88 -8.75
CA LEU G 62 9.24 42.47 -7.76
C LEU G 62 9.16 44.01 -7.59
N ALA G 63 9.32 44.44 -6.34
CA ALA G 63 9.66 45.84 -6.04
C ALA G 63 11.07 46.21 -6.48
N PHE G 64 11.30 47.49 -6.66
CA PHE G 64 12.56 48.11 -7.14
C PHE G 64 13.11 47.53 -8.40
N SER G 65 12.23 46.93 -9.19
CA SER G 65 12.73 46.26 -10.39
C SER G 65 13.15 47.35 -11.31
N PHE G 66 13.99 47.02 -12.30
CA PHE G 66 14.52 47.98 -13.26
C PHE G 66 13.50 48.40 -14.31
N VAL G 67 12.25 48.00 -14.16
CA VAL G 67 11.18 48.46 -15.07
C VAL G 67 10.43 49.50 -14.33
N YCM G 68 10.24 50.71 -14.81
CA YCM G 68 9.30 51.68 -14.20
CB YCM G 68 9.19 52.98 -15.03
SG YCM G 68 10.79 53.42 -15.39
CD YCM G 68 10.55 55.15 -15.79
CE YCM G 68 11.82 55.63 -16.51
OZ1 YCM G 68 12.42 56.55 -16.00
NZ2 YCM G 68 12.28 55.08 -17.66
C YCM G 68 7.90 51.12 -14.11
O YCM G 68 7.38 50.58 -15.09
N PRO G 69 7.28 51.17 -12.90
CA PRO G 69 6.04 50.40 -12.71
C PRO G 69 4.76 51.05 -13.29
N THR G 70 4.79 51.55 -14.53
CA THR G 70 3.64 52.20 -15.18
C THR G 70 2.32 51.48 -14.94
N GLU G 71 2.37 50.16 -14.91
CA GLU G 71 1.20 49.34 -14.61
C GLU G 71 0.56 49.61 -13.25
N ILE G 72 1.35 49.62 -12.19
CA ILE G 72 0.78 49.93 -10.86
C ILE G 72 0.28 51.36 -10.79
N VAL G 73 0.98 52.26 -11.50
CA VAL G 73 0.63 53.67 -11.49
C VAL G 73 -0.72 53.85 -12.19
N ALA G 74 -0.86 53.24 -13.37
CA ALA G 74 -2.14 53.28 -14.10
C ALA G 74 -3.33 52.82 -13.25
N PHE G 75 -3.14 51.79 -12.45
CA PHE G 75 -4.23 51.26 -11.60
C PHE G 75 -4.39 52.16 -10.39
N SER G 76 -3.29 52.69 -9.84
CA SER G 76 -3.36 53.69 -8.77
C SER G 76 -4.16 54.93 -9.20
N ASP G 77 -3.83 55.49 -10.37
CA ASP G 77 -4.56 56.65 -10.92
C ASP G 77 -6.05 56.37 -11.18
N ALA G 78 -6.40 55.13 -11.54
CA ALA G 78 -7.79 54.79 -11.78
C ALA G 78 -8.52 54.29 -10.56
N ALA G 79 -7.83 54.27 -9.41
CA ALA G 79 -8.45 53.90 -8.11
C ALA G 79 -9.86 54.39 -7.95
N LYS G 80 -10.07 55.65 -8.24
CA LYS G 80 -11.37 56.29 -8.03
C LYS G 80 -12.42 55.81 -9.04
N LYS G 81 -12.03 55.60 -10.32
CA LYS G 81 -12.98 55.04 -11.25
C LYS G 81 -13.44 53.65 -10.76
N PHE G 82 -12.51 52.84 -10.21
CA PHE G 82 -12.88 51.54 -9.62
C PHE G 82 -13.82 51.75 -8.46
N GLU G 83 -13.45 52.65 -7.55
CA GLU G 83 -14.32 52.90 -6.39
C GLU G 83 -15.75 53.27 -6.83
N ASP G 84 -15.89 54.13 -7.84
CA ASP G 84 -17.20 54.51 -8.42
C ASP G 84 -17.96 53.29 -8.97
N GLN G 85 -17.27 52.37 -9.64
CA GLN G 85 -17.88 51.10 -10.05
C GLN G 85 -18.25 50.15 -8.89
N GLY G 86 -17.96 50.48 -7.62
CA GLY G 86 -18.17 49.56 -6.51
C GLY G 86 -17.09 48.47 -6.38
N ALA G 87 -15.86 48.82 -6.75
CA ALA G 87 -14.75 47.84 -6.78
C ALA G 87 -13.53 48.40 -6.04
N GLN G 88 -12.76 47.48 -5.44
CA GLN G 88 -11.50 47.81 -4.81
C GLN G 88 -10.34 47.09 -5.48
N VAL G 89 -9.28 47.82 -5.80
CA VAL G 89 -8.10 47.26 -6.40
C VAL G 89 -7.16 46.96 -5.29
N LEU G 90 -6.52 45.79 -5.36
CA LEU G 90 -5.48 45.40 -4.41
C LEU G 90 -4.30 44.88 -5.19
N PHE G 91 -3.10 45.30 -4.81
CA PHE G 91 -1.87 44.81 -5.39
C PHE G 91 -1.17 43.93 -4.40
N ALA G 92 -0.28 43.09 -4.91
CA ALA G 92 0.34 42.04 -4.12
C ALA G 92 1.63 41.64 -4.75
N SER G 93 2.64 41.33 -3.92
CA SER G 93 3.97 40.94 -4.40
C SER G 93 4.62 40.06 -3.35
N THR G 94 5.69 39.36 -3.69
CA THR G 94 6.30 38.49 -2.70
C THR G 94 7.38 39.17 -1.84
N ASP G 95 7.32 40.51 -1.76
CA ASP G 95 8.28 41.28 -1.03
C ASP G 95 7.71 41.52 0.33
N SER G 96 8.56 41.86 1.29
CA SER G 96 8.07 42.19 2.61
C SER G 96 7.42 43.54 2.63
N GLU G 97 6.57 43.75 3.61
CA GLU G 97 5.93 45.05 3.82
C GLU G 97 6.94 46.17 4.00
N TYR G 98 8.15 45.84 4.45
CA TYR G 98 9.20 46.82 4.64
C TYR G 98 9.85 47.22 3.29
N SER G 99 10.05 46.25 2.42
CA SER G 99 10.55 46.51 1.10
C SER G 99 9.51 47.31 0.31
N LEU G 100 8.24 46.89 0.40
CA LEU G 100 7.18 47.60 -0.28
C LEU G 100 7.01 49.01 0.28
N LEU G 101 6.97 49.17 1.59
CA LEU G 101 7.01 50.53 2.21
C LEU G 101 8.14 51.39 1.66
N ALA G 102 9.36 50.88 1.69
CA ALA G 102 10.48 51.65 1.19
C ALA G 102 10.31 52.03 -0.25
N TRP G 103 9.69 51.14 -1.04
CA TRP G 103 9.37 51.39 -2.46
C TRP G 103 8.51 52.62 -2.63
N THR G 104 7.48 52.77 -1.79
CA THR G 104 6.61 53.95 -1.82
C THR G 104 7.31 55.20 -1.34
N ASN G 105 8.11 55.08 -0.28
CA ASN G 105 8.91 56.23 0.22
C ASN G 105 9.97 56.71 -0.79
N LEU G 106 10.41 55.85 -1.70
CA LEU G 106 11.37 56.28 -2.73
C LEU G 106 10.60 56.86 -3.92
N PRO G 107 10.66 58.19 -4.15
CA PRO G 107 9.84 58.77 -5.26
C PRO G 107 10.27 58.31 -6.64
N ARG G 108 9.47 58.63 -7.65
CA ARG G 108 9.64 58.09 -9.00
C ARG G 108 10.80 58.76 -9.73
N LYS G 109 10.94 60.08 -9.56
CA LYS G 109 12.16 60.78 -9.99
C LYS G 109 13.41 59.95 -9.65
N ASP G 110 13.44 59.37 -8.43
CA ASP G 110 14.59 58.61 -7.92
C ASP G 110 14.48 57.09 -8.12
N GLY G 111 13.65 56.63 -9.07
CA GLY G 111 13.60 55.19 -9.43
C GLY G 111 12.71 54.30 -8.55
N GLY G 112 11.83 54.89 -7.72
CA GLY G 112 10.93 54.10 -6.92
C GLY G 112 9.50 54.19 -7.47
N LEU G 113 8.52 54.02 -6.57
CA LEU G 113 7.11 54.02 -6.89
C LEU G 113 6.38 55.32 -6.47
N GLY G 114 6.82 55.94 -5.39
CA GLY G 114 6.09 57.06 -4.82
C GLY G 114 4.83 56.54 -4.15
N PRO G 115 4.08 57.39 -3.43
CA PRO G 115 2.86 56.89 -2.78
C PRO G 115 1.84 56.40 -3.83
N VAL G 116 0.83 55.63 -3.39
CA VAL G 116 -0.17 55.08 -4.31
C VAL G 116 -1.53 54.93 -3.63
N LYS G 117 -2.58 54.89 -4.45
CA LYS G 117 -3.91 54.88 -3.89
C LYS G 117 -4.52 53.48 -3.77
N VAL G 118 -3.70 52.42 -3.75
CA VAL G 118 -4.14 51.04 -3.56
C VAL G 118 -3.30 50.23 -2.59
N PRO G 119 -3.90 49.42 -1.70
CA PRO G 119 -3.10 48.64 -0.75
C PRO G 119 -2.07 47.75 -1.45
N LEU G 120 -0.87 47.62 -0.88
CA LEU G 120 0.18 46.76 -1.44
C LEU G 120 0.46 45.64 -0.47
N LEU G 121 0.22 44.41 -0.87
CA LEU G 121 0.20 43.25 0.04
C LEU G 121 1.50 42.48 -0.02
N ALA G 122 2.04 42.15 1.13
CA ALA G 122 3.34 41.52 1.24
C ALA G 122 3.07 40.05 1.40
N ASP G 123 3.31 39.27 0.33
CA ASP G 123 3.14 37.86 0.34
C ASP G 123 4.46 37.16 0.62
N LYS G 124 5.15 37.53 1.69
CA LYS G 124 6.48 36.90 1.92
C LYS G 124 6.51 35.38 1.99
N ASN G 125 5.49 34.75 2.65
CA ASN G 125 5.55 33.29 2.74
C ASN G 125 4.99 32.58 1.51
N HIS G 126 4.58 33.35 0.51
CA HIS G 126 4.17 32.81 -0.82
C HIS G 126 2.86 32.14 -0.84
N SER G 127 2.10 32.17 0.25
CA SER G 127 0.86 31.38 0.29
C SER G 127 -0.13 31.96 -0.70
N LEU G 128 -0.19 33.30 -0.79
CA LEU G 128 -1.17 33.95 -1.64
C LEU G 128 -0.90 33.61 -3.10
N SER G 129 0.32 33.86 -3.52
CA SER G 129 0.76 33.54 -4.87
C SER G 129 0.60 32.06 -5.23
N ARG G 130 0.79 31.20 -4.27
CA ARG G 130 0.59 29.78 -4.51
C ARG G 130 -0.88 29.45 -4.69
N ASP G 131 -1.72 29.91 -3.78
CA ASP G 131 -3.16 29.64 -3.82
C ASP G 131 -3.81 30.23 -5.05
N TYR G 132 -3.26 31.33 -5.58
CA TYR G 132 -3.86 31.96 -6.79
C TYR G 132 -3.17 31.48 -8.07
N GLY G 133 -2.24 30.53 -7.97
CA GLY G 133 -1.63 29.91 -9.12
C GLY G 133 -0.65 30.75 -9.93
N VAL G 134 -0.01 31.75 -9.34
CA VAL G 134 0.90 32.64 -10.08
C VAL G 134 2.36 32.56 -9.66
N LEU G 135 2.66 31.79 -8.60
CA LEU G 135 4.02 31.71 -8.10
C LEU G 135 4.88 30.93 -9.06
N ILE G 136 6.10 31.40 -9.29
CA ILE G 136 7.07 30.68 -10.05
C ILE G 136 8.02 30.13 -8.97
N GLU G 137 7.73 28.92 -8.52
CA GLU G 137 8.48 28.27 -7.44
C GLU G 137 9.98 28.48 -7.54
N LYS G 138 10.58 28.17 -8.71
CA LYS G 138 12.07 28.21 -8.82
C LYS G 138 12.63 29.60 -8.51
N GLU G 139 11.79 30.61 -8.69
CA GLU G 139 12.19 32.00 -8.76
C GLU G 139 11.75 32.84 -7.58
N GLY G 140 10.66 32.45 -6.92
CA GLY G 140 10.21 33.15 -5.75
C GLY G 140 9.38 34.41 -5.99
N ILE G 141 8.76 34.50 -7.15
CA ILE G 141 8.01 35.71 -7.55
C ILE G 141 6.74 35.32 -8.27
N ALA G 142 5.81 36.26 -8.31
CA ALA G 142 4.55 36.05 -8.93
C ALA G 142 4.55 36.52 -10.36
N LEU G 143 3.84 35.80 -11.19
CA LEU G 143 3.56 36.19 -12.57
C LEU G 143 2.60 37.35 -12.45
N ARG G 144 2.30 37.98 -13.57
CA ARG G 144 1.47 39.14 -13.59
C ARG G 144 0.01 38.71 -13.73
N GLY G 145 -0.50 38.02 -12.71
CA GLY G 145 -1.88 37.61 -12.69
C GLY G 145 -2.78 38.71 -12.22
N LEU G 146 -4.05 38.71 -12.68
CA LEU G 146 -5.07 39.62 -12.23
C LEU G 146 -6.38 38.86 -12.10
N PHE G 147 -7.05 38.98 -10.96
CA PHE G 147 -8.24 38.20 -10.68
C PHE G 147 -9.35 39.20 -10.35
N ILE G 148 -10.54 39.01 -10.91
CA ILE G 148 -11.69 39.81 -10.55
C ILE G 148 -12.61 38.90 -9.81
N ILE G 149 -13.05 39.34 -8.64
CA ILE G 149 -13.78 38.56 -7.66
C ILE G 149 -15.04 39.36 -7.35
N ASP G 150 -16.20 38.73 -7.37
CA ASP G 150 -17.47 39.43 -7.23
C ASP G 150 -17.83 39.53 -5.74
N PRO G 151 -18.93 40.22 -5.39
CA PRO G 151 -19.35 40.48 -4.02
C PRO G 151 -19.62 39.30 -3.13
N LYS G 152 -19.87 38.15 -3.73
CA LYS G 152 -20.10 36.88 -3.05
C LYS G 152 -18.78 36.10 -2.96
N GLY G 153 -17.72 36.65 -3.52
CA GLY G 153 -16.39 36.05 -3.45
C GLY G 153 -16.07 35.04 -4.53
N ILE G 154 -16.77 35.12 -5.67
CA ILE G 154 -16.65 34.16 -6.76
C ILE G 154 -15.72 34.78 -7.79
N ILE G 155 -14.79 33.98 -8.33
CA ILE G 155 -13.89 34.49 -9.33
C ILE G 155 -14.59 34.51 -10.68
N ARG G 156 -14.71 35.69 -11.27
CA ARG G 156 -15.39 35.85 -12.52
C ARG G 156 -14.45 36.10 -13.67
N HIS G 157 -13.16 36.28 -13.40
CA HIS G 157 -12.15 36.46 -14.48
C HIS G 157 -10.73 36.11 -14.01
N ILE G 158 -9.88 35.64 -14.90
CA ILE G 158 -8.46 35.43 -14.59
C ILE G 158 -7.69 35.88 -15.81
N THR G 159 -6.70 36.75 -15.63
CA THR G 159 -5.67 37.09 -16.60
C THR G 159 -4.39 36.69 -15.91
N ILE G 160 -3.44 36.12 -16.69
CA ILE G 160 -2.09 35.82 -16.24
C ILE G 160 -1.13 36.07 -17.44
N ASN G 161 -0.29 37.11 -17.38
CA ASN G 161 0.68 37.42 -18.43
C ASN G 161 2.06 37.00 -17.97
N ASP G 162 2.84 36.44 -18.91
CA ASP G 162 4.29 36.30 -18.70
C ASP G 162 4.85 37.70 -18.43
N LEU G 163 6.09 37.78 -17.96
CA LEU G 163 6.56 39.04 -17.36
C LEU G 163 6.79 40.16 -18.38
N SER G 164 7.14 39.81 -19.60
CA SER G 164 7.57 40.82 -20.63
C SER G 164 6.53 41.88 -21.06
N VAL G 165 5.24 41.66 -20.74
CA VAL G 165 4.15 42.46 -21.27
C VAL G 165 3.08 42.64 -20.22
N GLY G 166 2.54 43.88 -20.12
CA GLY G 166 1.67 44.25 -19.01
C GLY G 166 0.16 44.17 -19.34
N ARG G 167 -0.64 44.61 -18.36
CA ARG G 167 -2.08 44.58 -18.40
C ARG G 167 -2.64 45.96 -18.70
N ASN G 168 -3.91 45.98 -19.07
CA ASN G 168 -4.61 47.14 -19.51
C ASN G 168 -5.59 47.45 -18.40
N VAL G 169 -5.55 48.66 -17.88
CA VAL G 169 -6.42 49.12 -16.82
C VAL G 169 -7.90 49.09 -17.23
N ASN G 170 -8.14 49.36 -18.51
CA ASN G 170 -9.50 49.50 -18.99
C ASN G 170 -10.18 48.18 -19.12
N GLU G 171 -9.38 47.14 -19.27
CA GLU G 171 -9.91 45.80 -19.37
C GLU G 171 -10.50 45.48 -18.03
N ALA G 172 -9.77 45.71 -16.97
CA ALA G 172 -10.37 45.44 -15.65
C ALA G 172 -11.65 46.24 -15.40
N LEU G 173 -11.67 47.53 -15.77
CA LEU G 173 -12.91 48.31 -15.63
C LEU G 173 -14.03 47.76 -16.51
N ARG G 174 -13.72 47.45 -17.75
CA ARG G 174 -14.71 46.89 -18.70
C ARG G 174 -15.31 45.62 -18.17
N LEU G 175 -14.49 44.75 -17.62
CA LEU G 175 -14.94 43.45 -17.11
C LEU G 175 -15.81 43.60 -15.89
N VAL G 176 -15.37 44.43 -14.96
CA VAL G 176 -16.19 44.72 -13.77
C VAL G 176 -17.55 45.28 -14.17
N GLU G 177 -17.57 46.27 -15.08
CA GLU G 177 -18.83 46.82 -15.57
C GLU G 177 -19.65 45.73 -16.23
N GLY G 178 -18.99 44.90 -17.00
CA GLY G 178 -19.62 43.75 -17.63
C GLY G 178 -20.32 42.86 -16.63
N PHE G 179 -19.62 42.50 -15.54
CA PHE G 179 -20.16 41.54 -14.56
C PHE G 179 -21.22 42.16 -13.69
N GLN G 180 -21.17 43.46 -13.50
CA GLN G 180 -22.25 44.16 -12.80
C GLN G 180 -23.50 44.15 -13.62
N TRP G 181 -23.38 44.58 -14.85
CA TRP G 181 -24.50 44.56 -15.79
C TRP G 181 -25.15 43.17 -15.74
N THR G 182 -24.43 42.13 -16.10
CA THR G 182 -24.96 40.76 -16.04
C THR G 182 -25.46 40.28 -14.68
N ASP G 183 -24.87 40.76 -13.59
CA ASP G 183 -25.37 40.50 -12.22
C ASP G 183 -26.80 41.00 -12.02
N LYS G 184 -27.11 42.15 -12.63
CA LYS G 184 -28.41 42.80 -12.50
C LYS G 184 -29.37 42.67 -13.71
N ASN G 185 -29.08 41.81 -14.68
CA ASN G 185 -30.13 41.52 -15.71
C ASN G 185 -30.17 40.03 -15.98
N GLY G 186 -31.28 39.67 -16.62
CA GLY G 186 -31.87 38.34 -16.57
C GLY G 186 -33.37 38.53 -16.32
N MET H 21 -1.66 16.81 -16.95
CA MET H 21 -1.36 17.67 -18.16
C MET H 21 -2.24 18.94 -18.28
N VAL H 22 -2.21 19.85 -17.31
CA VAL H 22 -2.94 21.19 -17.31
C VAL H 22 -2.04 22.26 -17.99
N ALA H 23 -2.63 23.42 -18.34
CA ALA H 23 -1.88 24.47 -19.08
C ALA H 23 -1.51 25.54 -18.13
N GLU H 24 -0.28 26.02 -18.20
CA GLU H 24 0.21 27.09 -17.32
C GLU H 24 1.11 28.05 -18.07
N VAL H 25 1.08 29.33 -17.69
CA VAL H 25 1.97 30.29 -18.29
C VAL H 25 3.39 29.84 -18.02
N GLN H 26 4.29 30.06 -18.98
CA GLN H 26 5.69 29.55 -18.93
C GLN H 26 5.96 28.09 -19.24
N LYS H 27 4.92 27.30 -19.32
CA LYS H 27 5.06 25.83 -19.56
C LYS H 27 4.54 25.57 -21.02
N GLN H 28 4.93 24.38 -21.48
CA GLN H 28 4.62 23.86 -22.77
C GLN H 28 3.12 23.70 -22.86
N ALA H 29 2.51 24.09 -23.97
CA ALA H 29 1.06 23.96 -24.10
C ALA H 29 0.71 22.53 -24.40
N PRO H 30 -0.42 22.04 -23.88
CA PRO H 30 -0.80 20.67 -24.15
C PRO H 30 -1.01 20.44 -25.66
N PRO H 31 -0.38 19.43 -26.22
CA PRO H 31 -0.63 19.20 -27.65
C PRO H 31 -2.07 18.79 -27.92
N PHE H 32 -2.55 18.92 -29.14
CA PHE H 32 -3.87 18.44 -29.50
C PHE H 32 -3.97 18.10 -30.98
N LYS H 33 -4.97 17.33 -31.35
CA LYS H 33 -5.24 16.99 -32.76
C LYS H 33 -6.75 16.81 -32.82
N LYS H 34 -7.46 17.75 -33.43
CA LYS H 34 -8.91 17.79 -33.35
C LYS H 34 -9.48 18.10 -34.73
N THR H 35 -10.60 17.44 -35.05
CA THR H 35 -11.29 17.68 -36.27
C THR H 35 -11.92 19.01 -36.20
N ALA H 36 -11.74 19.82 -37.26
CA ALA H 36 -12.25 21.18 -37.26
C ALA H 36 -12.92 21.47 -38.58
N VAL H 37 -13.82 22.46 -38.55
CA VAL H 37 -14.37 23.05 -39.74
C VAL H 37 -13.52 24.22 -40.22
N VAL H 38 -12.88 24.05 -41.37
CA VAL H 38 -12.15 25.13 -42.09
C VAL H 38 -12.79 25.31 -43.47
N ASP H 39 -13.34 26.51 -43.71
CA ASP H 39 -14.02 26.83 -44.98
C ASP H 39 -15.03 25.77 -45.35
N GLY H 40 -15.97 25.53 -44.45
CA GLY H 40 -17.08 24.58 -44.69
C GLY H 40 -16.75 23.12 -44.89
N ILE H 41 -15.49 22.69 -44.71
CA ILE H 41 -15.08 21.26 -44.81
C ILE H 41 -14.18 20.84 -43.63
N PHE H 42 -14.10 19.53 -43.37
CA PHE H 42 -13.35 19.05 -42.20
C PHE H 42 -11.87 18.88 -42.43
N GLU H 43 -11.07 19.24 -41.45
CA GLU H 43 -9.62 19.18 -41.52
C GLU H 43 -9.15 18.87 -40.10
N GLU H 44 -8.09 18.09 -39.99
CA GLU H 44 -7.50 17.73 -38.71
C GLU H 44 -6.47 18.76 -38.29
N ILE H 45 -6.74 19.46 -37.21
CA ILE H 45 -5.88 20.56 -36.76
C ILE H 45 -5.12 20.14 -35.51
N SER H 46 -3.81 20.29 -35.52
CA SER H 46 -2.98 20.11 -34.36
C SER H 46 -2.18 21.36 -34.17
N LEU H 47 -1.61 21.45 -32.97
CA LEU H 47 -0.79 22.61 -32.58
C LEU H 47 0.52 22.53 -33.28
N GLU H 48 1.06 21.31 -33.35
CA GLU H 48 2.28 21.03 -34.07
C GLU H 48 2.27 21.62 -35.49
N LYS H 49 1.09 21.70 -36.13
CA LYS H 49 0.98 22.32 -37.44
C LYS H 49 1.40 23.77 -37.49
N TYR H 50 1.25 24.50 -36.39
CA TYR H 50 1.61 25.93 -36.35
C TYR H 50 2.94 26.25 -35.64
N LYS H 51 3.74 25.23 -35.35
CA LYS H 51 5.03 25.44 -34.68
C LYS H 51 5.78 26.46 -35.52
N GLY H 52 6.39 27.45 -34.89
CA GLY H 52 7.02 28.56 -35.67
C GLY H 52 6.15 29.82 -35.69
N LYS H 53 4.87 29.68 -35.42
CA LYS H 53 3.96 30.81 -35.37
C LYS H 53 3.33 30.89 -34.01
N TYR H 54 2.85 32.07 -33.66
CA TYR H 54 2.05 32.25 -32.48
C TYR H 54 0.70 31.61 -32.77
N VAL H 55 0.08 31.04 -31.76
CA VAL H 55 -1.27 30.50 -31.87
C VAL H 55 -2.09 31.14 -30.79
N VAL H 56 -3.31 31.56 -31.13
CA VAL H 56 -4.23 32.15 -30.20
C VAL H 56 -5.45 31.24 -30.14
N LEU H 57 -5.51 30.43 -29.11
CA LEU H 57 -6.54 29.42 -28.96
C LEU H 57 -7.63 29.98 -28.09
N ALA H 58 -8.85 29.99 -28.58
CA ALA H 58 -9.94 30.62 -27.89
C ALA H 58 -11.11 29.69 -27.87
N PHE H 59 -11.75 29.51 -26.73
CA PHE H 59 -12.89 28.59 -26.53
C PHE H 59 -14.18 29.33 -26.48
N VAL H 60 -15.29 28.68 -26.81
CA VAL H 60 -16.66 29.24 -26.64
C VAL H 60 -17.63 28.17 -26.15
N PRO H 61 -18.57 28.54 -25.25
CA PRO H 61 -19.27 27.42 -24.58
C PRO H 61 -20.13 26.50 -25.51
N LEU H 62 -21.09 27.06 -26.30
CA LEU H 62 -22.07 26.35 -27.12
C LEU H 62 -22.42 27.01 -28.45
N ALA H 63 -22.49 26.20 -29.53
CA ALA H 63 -23.07 26.63 -30.80
C ALA H 63 -24.59 26.79 -30.66
N PHE H 64 -25.19 27.57 -31.57
CA PHE H 64 -26.59 27.91 -31.65
C PHE H 64 -27.18 28.46 -30.39
N SER H 65 -26.33 28.97 -29.50
CA SER H 65 -26.83 29.45 -28.22
C SER H 65 -27.58 30.73 -28.59
N PHE H 66 -28.38 31.18 -27.65
CA PHE H 66 -29.22 32.39 -27.77
C PHE H 66 -28.38 33.68 -27.64
N VAL H 67 -27.05 33.57 -27.60
CA VAL H 67 -26.15 34.71 -27.41
C VAL H 67 -25.60 34.92 -28.83
N YCM H 68 -25.62 36.15 -29.28
CA YCM H 68 -25.00 36.56 -30.54
CB YCM H 68 -25.17 38.06 -30.81
SG YCM H 68 -26.80 38.45 -30.42
CD YCM H 68 -28.13 38.17 -31.64
CE YCM H 68 -27.48 37.31 -32.68
OZ1 YCM H 68 -27.42 36.04 -32.65
NZ2 YCM H 68 -26.96 38.12 -33.59
C YCM H 68 -23.53 36.29 -30.53
O YCM H 68 -22.81 36.65 -29.62
N PRO H 69 -23.01 35.61 -31.58
CA PRO H 69 -21.58 35.42 -31.73
C PRO H 69 -20.63 36.57 -31.95
N THR H 70 -21.00 37.82 -31.62
CA THR H 70 -20.15 39.03 -31.91
C THR H 70 -18.66 38.77 -31.64
N GLU H 71 -18.38 38.03 -30.55
CA GLU H 71 -17.02 37.71 -30.19
C GLU H 71 -16.27 36.89 -31.25
N ILE H 72 -16.88 35.81 -31.73
CA ILE H 72 -16.24 35.01 -32.78
C ILE H 72 -16.10 35.80 -34.08
N VAL H 73 -17.07 36.65 -34.35
CA VAL H 73 -17.09 37.45 -35.56
C VAL H 73 -15.94 38.46 -35.51
N ALA H 74 -15.82 39.15 -34.39
CA ALA H 74 -14.69 40.09 -34.19
C ALA H 74 -13.32 39.46 -34.43
N PHE H 75 -13.15 38.22 -33.99
CA PHE H 75 -11.86 37.50 -34.17
C PHE H 75 -11.75 37.01 -35.59
N SER H 76 -12.87 36.55 -36.17
CA SER H 76 -12.92 36.19 -37.59
C SER H 76 -12.50 37.36 -38.50
N ASP H 77 -13.09 38.54 -38.27
CA ASP H 77 -12.74 39.75 -39.02
C ASP H 77 -11.28 40.16 -38.87
N ALA H 78 -10.67 39.92 -37.70
CA ALA H 78 -9.27 40.27 -37.47
C ALA H 78 -8.30 39.17 -37.86
N ALA H 79 -8.83 38.04 -38.34
CA ALA H 79 -7.99 36.90 -38.78
C ALA H 79 -6.73 37.30 -39.49
N LYS H 80 -6.90 38.17 -40.46
CA LYS H 80 -5.80 38.60 -41.31
C LYS H 80 -4.82 39.51 -40.60
N LYS H 81 -5.30 40.39 -39.75
CA LYS H 81 -4.34 41.17 -38.90
C LYS H 81 -3.46 40.22 -38.07
N PHE H 82 -4.06 39.15 -37.52
CA PHE H 82 -3.28 38.14 -36.77
C PHE H 82 -2.29 37.48 -37.70
N GLU H 83 -2.78 37.03 -38.87
CA GLU H 83 -1.88 36.38 -39.81
C GLU H 83 -0.66 37.25 -40.15
N ASP H 84 -0.89 38.55 -40.38
CA ASP H 84 0.20 39.51 -40.66
C ASP H 84 1.18 39.61 -39.50
N GLN H 85 0.69 39.60 -38.25
CA GLN H 85 1.58 39.51 -37.09
C GLN H 85 2.32 38.18 -36.93
N GLY H 86 2.11 37.19 -37.79
CA GLY H 86 2.71 35.84 -37.61
C GLY H 86 1.99 34.97 -36.57
N ALA H 87 0.67 35.14 -36.47
CA ALA H 87 -0.17 34.37 -35.54
C ALA H 87 -1.35 33.73 -36.23
N GLN H 88 -1.82 32.62 -35.69
CA GLN H 88 -3.03 31.93 -36.14
C GLN H 88 -4.06 31.84 -35.02
N VAL H 89 -5.29 32.26 -35.29
CA VAL H 89 -6.35 32.21 -34.34
C VAL H 89 -7.07 30.91 -34.59
N LEU H 90 -7.41 30.21 -33.51
CA LEU H 90 -8.19 28.99 -33.59
C LEU H 90 -9.27 29.06 -32.54
N PHE H 91 -10.47 28.64 -32.92
CA PHE H 91 -11.59 28.56 -31.99
C PHE H 91 -11.91 27.12 -31.75
N ALA H 92 -12.60 26.87 -30.64
CA ALA H 92 -12.82 25.51 -30.11
C ALA H 92 -13.99 25.46 -29.24
N SER H 93 -14.75 24.36 -29.29
CA SER H 93 -16.01 24.21 -28.52
C SER H 93 -16.26 22.76 -28.30
N THR H 94 -17.16 22.41 -27.38
CA THR H 94 -17.39 20.97 -27.16
C THR H 94 -18.47 20.37 -28.04
N ASP H 95 -18.76 21.02 -29.19
CA ASP H 95 -19.79 20.58 -30.11
C ASP H 95 -19.10 19.72 -31.14
N SER H 96 -19.86 18.89 -31.86
CA SER H 96 -19.29 18.11 -32.95
C SER H 96 -19.04 18.99 -34.15
N GLU H 97 -18.13 18.54 -34.99
CA GLU H 97 -17.84 19.22 -36.25
C GLU H 97 -19.09 19.38 -37.13
N TYR H 98 -20.10 18.53 -36.94
CA TYR H 98 -21.34 18.61 -37.68
C TYR H 98 -22.25 19.73 -37.15
N SER H 99 -22.29 19.89 -35.83
CA SER H 99 -23.02 21.00 -35.23
C SER H 99 -22.36 22.31 -35.59
N LEU H 100 -21.02 22.35 -35.48
CA LEU H 100 -20.30 23.55 -35.82
C LEU H 100 -20.44 23.87 -37.32
N LEU H 101 -20.26 22.89 -38.19
CA LEU H 101 -20.56 23.08 -39.63
C LEU H 101 -21.95 23.67 -39.87
N ALA H 102 -22.98 23.08 -39.30
CA ALA H 102 -24.32 23.57 -39.51
C ALA H 102 -24.46 25.01 -39.03
N TRP H 103 -23.75 25.33 -37.94
CA TRP H 103 -23.72 26.70 -37.39
C TRP H 103 -23.25 27.71 -38.40
N THR H 104 -22.18 27.37 -39.13
CA THR H 104 -21.65 28.24 -40.19
C THR H 104 -22.56 28.32 -41.40
N ASN H 105 -23.15 27.20 -41.78
CA ASN H 105 -24.13 27.18 -42.91
C ASN H 105 -25.42 27.97 -42.59
N LEU H 106 -25.76 28.14 -41.31
CA LEU H 106 -26.93 28.95 -40.93
C LEU H 106 -26.50 30.42 -40.85
N PRO H 107 -26.95 31.28 -41.81
CA PRO H 107 -26.47 32.69 -41.78
C PRO H 107 -26.96 33.47 -40.57
N ARG H 108 -26.42 34.68 -40.40
CA ARG H 108 -26.67 35.46 -39.19
C ARG H 108 -28.04 36.08 -39.16
N LYS H 109 -28.49 36.59 -40.31
CA LYS H 109 -29.90 36.99 -40.48
C LYS H 109 -30.84 35.93 -39.83
N ASP H 110 -30.52 34.64 -40.04
CA ASP H 110 -31.33 33.51 -39.53
C ASP H 110 -30.87 32.94 -38.18
N GLY H 111 -30.10 33.70 -37.39
CA GLY H 111 -29.73 33.29 -36.02
C GLY H 111 -28.51 32.35 -35.88
N GLY H 112 -27.72 32.22 -36.94
CA GLY H 112 -26.53 31.38 -36.87
C GLY H 112 -25.27 32.23 -36.83
N LEU H 113 -24.17 31.65 -37.32
CA LEU H 113 -22.86 32.26 -37.34
C LEU H 113 -22.43 32.78 -38.74
N GLY H 114 -22.87 32.12 -39.78
CA GLY H 114 -22.37 32.43 -41.12
C GLY H 114 -20.94 31.95 -41.25
N PRO H 115 -20.36 32.05 -42.46
CA PRO H 115 -18.97 31.54 -42.60
C PRO H 115 -17.99 32.35 -41.71
N VAL H 116 -16.79 31.80 -41.51
CA VAL H 116 -15.76 32.47 -40.72
C VAL H 116 -14.35 32.20 -41.21
N LYS H 117 -13.45 33.08 -40.89
CA LYS H 117 -12.08 32.99 -41.42
C LYS H 117 -11.11 32.32 -40.43
N VAL H 118 -11.63 31.60 -39.41
CA VAL H 118 -10.81 30.85 -38.45
C VAL H 118 -11.33 29.42 -38.18
N PRO H 119 -10.42 28.43 -38.12
CA PRO H 119 -10.84 27.06 -37.85
C PRO H 119 -11.68 26.93 -36.61
N LEU H 120 -12.73 26.09 -36.64
CA LEU H 120 -13.58 25.81 -35.48
C LEU H 120 -13.40 24.36 -35.09
N LEU H 121 -12.89 24.12 -33.89
CA LEU H 121 -12.43 22.78 -33.47
C LEU H 121 -13.47 22.09 -32.62
N ALA H 122 -13.75 20.84 -32.92
CA ALA H 122 -14.81 20.10 -32.27
C ALA H 122 -14.14 19.27 -31.19
N ASP H 123 -14.31 19.68 -29.95
CA ASP H 123 -13.74 18.98 -28.81
C ASP H 123 -14.77 18.07 -28.20
N LYS H 124 -15.38 17.19 -28.99
CA LYS H 124 -16.46 16.35 -28.43
C LYS H 124 -16.06 15.50 -27.25
N ASN H 125 -14.84 14.90 -27.25
CA ASN H 125 -14.46 14.06 -26.14
C ASN H 125 -13.92 14.83 -24.92
N HIS H 126 -13.88 16.15 -25.02
CA HIS H 126 -13.53 17.05 -23.91
C HIS H 126 -12.08 17.07 -23.54
N SER H 127 -11.22 16.40 -24.29
CA SER H 127 -9.81 16.31 -23.88
C SER H 127 -9.17 17.66 -23.93
N LEU H 128 -9.49 18.45 -24.95
CA LEU H 128 -8.86 19.76 -25.13
C LEU H 128 -9.22 20.68 -24.00
N SER H 129 -10.52 20.82 -23.77
CA SER H 129 -11.04 21.63 -22.70
C SER H 129 -10.54 21.20 -21.33
N ARG H 130 -10.34 19.91 -21.14
CA ARG H 130 -9.83 19.43 -19.88
C ARG H 130 -8.35 19.80 -19.72
N ASP H 131 -7.54 19.53 -20.74
CA ASP H 131 -6.12 19.80 -20.69
C ASP H 131 -5.83 21.27 -20.57
N TYR H 132 -6.71 22.13 -21.10
CA TYR H 132 -6.47 23.59 -21.02
C TYR H 132 -7.16 24.21 -19.80
N GLY H 133 -7.79 23.41 -18.95
CA GLY H 133 -8.38 23.89 -17.72
C GLY H 133 -9.65 24.74 -17.84
N VAL H 134 -10.43 24.58 -18.89
CA VAL H 134 -11.65 25.41 -19.08
C VAL H 134 -12.95 24.62 -19.03
N LEU H 135 -12.89 23.30 -18.95
CA LEU H 135 -14.09 22.49 -18.95
C LEU H 135 -14.82 22.64 -17.65
N ILE H 136 -16.14 22.74 -17.73
CA ILE H 136 -16.99 22.70 -16.57
C ILE H 136 -17.57 21.30 -16.62
N GLU H 137 -16.91 20.37 -15.93
CA GLU H 137 -17.34 18.96 -15.86
C GLU H 137 -18.85 18.78 -15.74
N LYS H 138 -19.48 19.46 -14.74
CA LYS H 138 -20.92 19.20 -14.49
C LYS H 138 -21.79 19.50 -15.70
N GLU H 139 -21.27 20.37 -16.57
CA GLU H 139 -22.05 21.03 -17.62
C GLU H 139 -21.70 20.58 -19.02
N GLY H 140 -20.47 20.12 -19.23
CA GLY H 140 -20.06 19.66 -20.54
C GLY H 140 -19.64 20.73 -21.54
N ILE H 141 -19.25 21.90 -21.05
CA ILE H 141 -18.91 23.03 -21.92
C ILE H 141 -17.69 23.75 -21.38
N ALA H 142 -17.03 24.48 -22.26
CA ALA H 142 -15.85 25.19 -21.97
C ALA H 142 -16.19 26.62 -21.57
N LEU H 143 -15.43 27.14 -20.61
CA LEU H 143 -15.51 28.53 -20.24
C LEU H 143 -14.87 29.28 -21.39
N ARG H 144 -14.94 30.59 -21.37
CA ARG H 144 -14.41 31.41 -22.41
C ARG H 144 -12.94 31.70 -22.18
N GLY H 145 -12.12 30.67 -22.23
CA GLY H 145 -10.68 30.79 -22.12
C GLY H 145 -10.05 31.21 -23.41
N LEU H 146 -8.91 31.89 -23.33
CA LEU H 146 -8.09 32.28 -24.46
C LEU H 146 -6.63 32.13 -24.10
N PHE H 147 -5.86 31.43 -24.93
CA PHE H 147 -4.47 31.12 -24.63
C PHE H 147 -3.63 31.61 -25.78
N ILE H 148 -2.53 32.27 -25.49
CA ILE H 148 -1.56 32.70 -26.49
C ILE H 148 -0.36 31.83 -26.27
N ILE H 149 0.12 31.20 -27.32
CA ILE H 149 1.15 30.17 -27.30
C ILE H 149 2.17 30.60 -28.32
N ASP H 150 3.45 30.61 -27.95
CA ASP H 150 4.51 31.17 -28.78
C ASP H 150 5.02 30.09 -29.74
N PRO H 151 5.96 30.43 -30.65
CA PRO H 151 6.48 29.54 -31.67
C PRO H 151 7.16 28.28 -31.23
N LYS H 152 7.63 28.27 -29.98
CA LYS H 152 8.26 27.11 -29.35
C LYS H 152 7.23 26.32 -28.57
N GLY H 153 5.99 26.78 -28.56
CA GLY H 153 4.87 26.07 -27.90
C GLY H 153 4.69 26.39 -26.42
N ILE H 154 5.18 27.56 -25.98
CA ILE H 154 5.12 27.95 -24.58
C ILE H 154 3.95 28.89 -24.39
N ILE H 155 3.20 28.70 -23.31
CA ILE H 155 2.07 29.58 -23.05
C ILE H 155 2.53 30.88 -22.46
N ARG H 156 2.26 31.98 -23.12
CA ARG H 156 2.69 33.28 -22.68
C ARG H 156 1.56 34.10 -22.12
N HIS H 157 0.33 33.65 -22.22
CA HIS H 157 -0.86 34.36 -21.64
C HIS H 157 -2.05 33.44 -21.43
N ILE H 158 -2.87 33.71 -20.44
CA ILE H 158 -4.13 32.99 -20.21
C ILE H 158 -5.13 34.02 -19.80
N THR H 159 -6.28 34.07 -20.49
CA THR H 159 -7.50 34.78 -20.10
C THR H 159 -8.52 33.66 -19.96
N ILE H 160 -9.41 33.77 -18.98
CA ILE H 160 -10.55 32.90 -18.74
C ILE H 160 -11.70 33.77 -18.16
N ASN H 161 -12.77 34.00 -18.92
CA ASN H 161 -13.94 34.76 -18.48
C ASN H 161 -15.06 33.78 -18.14
N ASP H 162 -15.80 34.03 -17.08
CA ASP H 162 -17.10 33.38 -16.85
C ASP H 162 -17.97 33.73 -18.09
N LEU H 163 -19.09 33.02 -18.23
CA LEU H 163 -19.79 32.98 -19.53
C LEU H 163 -20.47 34.30 -19.88
N SER H 164 -20.91 35.05 -18.85
CA SER H 164 -21.66 36.28 -18.98
C SER H 164 -21.05 37.45 -19.77
N VAL H 165 -19.77 37.44 -20.04
CA VAL H 165 -19.01 38.58 -20.57
C VAL H 165 -17.92 38.12 -21.48
N GLY H 166 -17.68 38.80 -22.58
CA GLY H 166 -16.73 38.40 -23.61
C GLY H 166 -15.34 39.05 -23.53
N ARG H 167 -14.51 38.67 -24.49
CA ARG H 167 -13.11 39.08 -24.59
C ARG H 167 -12.95 40.11 -25.69
N ASN H 168 -11.80 40.78 -25.67
CA ASN H 168 -11.52 41.92 -26.50
C ASN H 168 -10.51 41.47 -27.52
N VAL H 169 -10.79 41.66 -28.78
CA VAL H 169 -9.90 41.26 -29.88
C VAL H 169 -8.58 42.01 -29.81
N ASN H 170 -8.62 43.25 -29.36
CA ASN H 170 -7.44 44.10 -29.40
C ASN H 170 -6.46 43.71 -28.32
N GLU H 171 -6.97 43.07 -27.26
CA GLU H 171 -6.12 42.59 -26.23
C GLU H 171 -5.27 41.52 -26.80
N ALA H 172 -5.87 40.58 -27.48
CA ALA H 172 -5.05 39.51 -28.08
C ALA H 172 -4.02 40.06 -29.05
N LEU H 173 -4.38 41.04 -29.89
CA LEU H 173 -3.41 41.65 -30.81
C LEU H 173 -2.30 42.35 -30.03
N ARG H 174 -2.68 43.15 -29.02
CA ARG H 174 -1.71 43.87 -28.19
C ARG H 174 -0.71 42.91 -27.54
N LEU H 175 -1.20 41.80 -27.02
CA LEU H 175 -0.36 40.85 -26.33
C LEU H 175 0.57 40.12 -27.25
N VAL H 176 0.05 39.67 -28.36
CA VAL H 176 0.90 39.03 -29.38
C VAL H 176 1.99 39.97 -29.85
N GLU H 177 1.63 41.22 -30.15
CA GLU H 177 2.65 42.20 -30.59
C GLU H 177 3.64 42.40 -29.47
N GLY H 178 3.15 42.48 -28.24
CA GLY H 178 4.00 42.59 -27.07
C GLY H 178 5.03 41.47 -27.00
N PHE H 179 4.57 40.23 -27.16
CA PHE H 179 5.47 39.07 -26.97
C PHE H 179 6.44 38.91 -28.12
N GLN H 180 6.03 39.36 -29.30
CA GLN H 180 6.97 39.35 -30.42
C GLN H 180 8.06 40.34 -30.24
N TRP H 181 7.66 41.56 -29.93
CA TRP H 181 8.63 42.61 -29.68
C TRP H 181 9.65 42.11 -28.66
N THR H 182 9.21 41.77 -27.45
CA THR H 182 10.11 41.22 -26.44
C THR H 182 10.87 39.95 -26.80
N ASP H 183 10.31 39.09 -27.64
CA ASP H 183 11.05 37.93 -28.21
C ASP H 183 12.29 38.34 -28.98
N LYS H 184 12.19 39.46 -29.70
CA LYS H 184 13.27 39.95 -30.56
C LYS H 184 14.03 41.17 -30.06
N ASN H 185 13.89 41.55 -28.78
CA ASN H 185 14.88 42.42 -28.14
C ASN H 185 15.38 41.86 -26.82
N GLY H 186 16.43 42.54 -26.31
CA GLY H 186 16.80 42.43 -24.90
C GLY H 186 15.56 42.76 -24.07
N THR H 187 15.16 44.07 -23.99
CA THR H 187 13.97 44.53 -23.22
C THR H 187 12.62 44.09 -23.86
N VAL I 22 -23.42 0.85 -14.45
CA VAL I 22 -23.87 0.52 -15.84
C VAL I 22 -25.29 -0.08 -15.83
N ALA I 23 -25.94 -0.17 -17.00
CA ALA I 23 -27.35 -0.59 -17.09
C ALA I 23 -27.39 -2.03 -17.54
N GLU I 24 -28.24 -2.82 -16.89
CA GLU I 24 -28.33 -4.25 -17.13
C GLU I 24 -29.79 -4.71 -17.12
N VAL I 25 -30.10 -5.69 -17.94
CA VAL I 25 -31.46 -6.22 -17.96
C VAL I 25 -31.70 -6.81 -16.56
N GLN I 26 -32.93 -6.71 -16.07
CA GLN I 26 -33.30 -7.11 -14.69
C GLN I 26 -32.96 -6.17 -13.55
N LYS I 27 -32.09 -5.18 -13.79
CA LYS I 27 -31.73 -4.21 -12.77
C LYS I 27 -32.38 -2.87 -12.99
N GLN I 28 -32.33 -2.08 -11.93
CA GLN I 28 -32.92 -0.75 -11.86
C GLN I 28 -32.17 0.11 -12.85
N ALA I 29 -32.88 0.93 -13.62
CA ALA I 29 -32.20 1.72 -14.65
C ALA I 29 -31.50 2.91 -13.95
N PRO I 30 -30.36 3.33 -14.48
CA PRO I 30 -29.68 4.46 -13.91
C PRO I 30 -30.54 5.74 -13.97
N PRO I 31 -30.71 6.40 -12.85
CA PRO I 31 -31.57 7.58 -12.91
C PRO I 31 -30.96 8.69 -13.77
N PHE I 32 -31.76 9.64 -14.25
CA PHE I 32 -31.21 10.78 -14.92
C PHE I 32 -32.09 12.01 -14.81
N LYS I 33 -31.53 13.18 -15.04
CA LYS I 33 -32.23 14.42 -15.11
C LYS I 33 -31.53 15.31 -16.08
N LYS I 34 -32.08 15.54 -17.26
CA LYS I 34 -31.42 16.12 -18.41
C LYS I 34 -32.29 17.11 -19.10
N THR I 35 -31.69 18.21 -19.54
CA THR I 35 -32.42 19.25 -20.26
C THR I 35 -32.75 18.69 -21.62
N ALA I 36 -34.01 18.83 -22.02
CA ALA I 36 -34.45 18.33 -23.31
C ALA I 36 -35.23 19.36 -24.06
N VAL I 37 -35.25 19.20 -25.37
CA VAL I 37 -36.18 19.93 -26.24
C VAL I 37 -37.48 19.18 -26.39
N VAL I 38 -38.56 19.74 -25.84
CA VAL I 38 -39.96 19.27 -26.02
C VAL I 38 -40.75 20.39 -26.69
N ASP I 39 -41.25 20.09 -27.92
CA ASP I 39 -42.03 21.08 -28.70
C ASP I 39 -41.33 22.42 -28.78
N GLY I 40 -40.12 22.39 -29.29
CA GLY I 40 -39.33 23.61 -29.53
C GLY I 40 -38.90 24.45 -28.32
N ILE I 41 -39.13 23.98 -27.07
CA ILE I 41 -38.66 24.68 -25.86
C ILE I 41 -38.05 23.72 -24.83
N PHE I 42 -37.27 24.25 -23.89
CA PHE I 42 -36.52 23.39 -22.96
C PHE I 42 -37.32 22.96 -21.74
N GLU I 43 -37.14 21.71 -21.33
CA GLU I 43 -37.81 21.14 -20.18
C GLU I 43 -36.82 20.17 -19.55
N GLU I 44 -36.85 20.05 -18.24
CA GLU I 44 -36.01 19.13 -17.50
C GLU I 44 -36.66 17.77 -17.37
N ILE I 45 -36.06 16.76 -18.00
CA ILE I 45 -36.66 15.45 -18.04
C ILE I 45 -35.90 14.48 -17.12
N SER I 46 -36.64 13.79 -16.24
CA SER I 46 -36.05 12.71 -15.47
C SER I 46 -36.86 11.47 -15.71
N LEU I 47 -36.30 10.34 -15.30
CA LEU I 47 -36.92 9.03 -15.43
C LEU I 47 -38.05 8.92 -14.44
N GLU I 48 -37.80 9.41 -13.24
CA GLU I 48 -38.79 9.50 -12.18
C GLU I 48 -40.11 10.13 -12.67
N LYS I 49 -40.03 11.04 -13.62
CA LYS I 49 -41.23 11.65 -14.23
C LYS I 49 -42.17 10.65 -14.89
N TYR I 50 -41.62 9.56 -15.41
CA TYR I 50 -42.42 8.52 -16.10
C TYR I 50 -42.70 7.26 -15.28
N LYS I 51 -42.40 7.29 -13.99
CA LYS I 51 -42.63 6.11 -13.11
C LYS I 51 -44.10 5.78 -13.29
N GLY I 52 -44.43 4.51 -13.45
CA GLY I 52 -45.82 4.11 -13.77
C GLY I 52 -46.04 3.81 -15.25
N LYS I 53 -45.16 4.31 -16.11
CA LYS I 53 -45.26 4.08 -17.54
C LYS I 53 -44.01 3.38 -18.01
N TYR I 54 -44.13 2.72 -19.15
CA TYR I 54 -42.98 2.17 -19.83
C TYR I 54 -42.24 3.33 -20.44
N VAL I 55 -40.92 3.24 -20.49
CA VAL I 55 -40.10 4.28 -21.14
C VAL I 55 -39.22 3.58 -22.11
N VAL I 56 -39.09 4.14 -23.31
CA VAL I 56 -38.23 3.60 -24.35
C VAL I 56 -37.19 4.65 -24.65
N LEU I 57 -36.00 4.45 -24.11
CA LEU I 57 -34.93 5.43 -24.19
C LEU I 57 -34.03 5.03 -25.32
N ALA I 58 -33.83 5.92 -26.27
CA ALA I 58 -33.09 5.59 -27.47
C ALA I 58 -32.10 6.65 -27.76
N PHE I 59 -30.87 6.27 -28.07
CA PHE I 59 -29.73 7.21 -28.30
C PHE I 59 -29.42 7.35 -29.75
N VAL I 60 -28.87 8.49 -30.17
CA VAL I 60 -28.60 8.69 -31.66
C VAL I 60 -27.41 9.12 -32.58
N PRO I 61 -26.11 8.90 -32.50
CA PRO I 61 -24.94 9.54 -31.96
C PRO I 61 -24.74 11.06 -32.10
N LEU I 62 -24.94 11.65 -33.32
CA LEU I 62 -24.85 13.06 -33.60
C LEU I 62 -25.98 13.75 -34.36
N ALA I 63 -26.39 14.95 -33.92
CA ALA I 63 -27.17 15.88 -34.71
C ALA I 63 -26.41 16.40 -35.91
N PHE I 64 -27.16 16.82 -36.93
CA PHE I 64 -26.66 17.32 -38.23
C PHE I 64 -25.69 16.41 -38.93
N SER I 65 -25.68 15.15 -38.58
CA SER I 65 -24.74 14.23 -39.18
C SER I 65 -25.21 14.05 -40.57
N PHE I 66 -24.31 13.59 -41.45
CA PHE I 66 -24.60 13.43 -42.89
C PHE I 66 -25.44 12.17 -43.16
N VAL I 67 -25.97 11.53 -42.12
CA VAL I 67 -26.79 10.32 -42.24
C VAL I 67 -28.20 10.83 -41.95
N YCM I 68 -29.13 10.09 -42.46
CA YCM I 68 -30.58 10.43 -42.36
CB YCM I 68 -31.16 9.71 -43.47
SG YCM I 68 -30.59 10.87 -44.74
CD YCM I 68 -31.77 12.21 -44.72
CE YCM I 68 -33.14 11.64 -44.33
OZ1 YCM I 68 -33.68 12.17 -43.38
NZ2 YCM I 68 -33.72 10.58 -45.00
C YCM I 68 -31.09 10.15 -40.99
O YCM I 68 -31.08 8.99 -40.57
N PRO I 69 -31.81 11.11 -40.44
CA PRO I 69 -32.67 10.74 -39.23
C PRO I 69 -33.94 9.92 -39.48
N THR I 70 -34.06 9.15 -40.56
CA THR I 70 -35.29 8.31 -40.79
C THR I 70 -35.69 7.51 -39.53
N GLU I 71 -34.68 7.07 -38.79
CA GLU I 71 -34.92 6.38 -37.52
C GLU I 71 -35.67 7.19 -36.48
N ILE I 72 -35.25 8.41 -36.23
CA ILE I 72 -35.95 9.28 -35.27
C ILE I 72 -37.34 9.62 -35.78
N VAL I 73 -37.48 9.78 -37.09
CA VAL I 73 -38.75 10.12 -37.69
C VAL I 73 -39.72 8.96 -37.50
N ALA I 74 -39.27 7.75 -37.82
CA ALA I 74 -40.10 6.56 -37.61
C ALA I 74 -40.65 6.44 -36.18
N PHE I 75 -39.81 6.77 -35.19
CA PHE I 75 -40.24 6.70 -33.78
C PHE I 75 -41.11 7.87 -33.44
N SER I 76 -40.79 9.05 -33.99
CA SER I 76 -41.66 10.24 -33.85
C SER I 76 -43.07 10.00 -34.39
N ASP I 77 -43.17 9.45 -35.60
CA ASP I 77 -44.48 9.08 -36.20
C ASP I 77 -45.26 8.05 -35.38
N ALA I 78 -44.56 7.13 -34.73
CA ALA I 78 -45.23 6.11 -33.91
C ALA I 78 -45.44 6.53 -32.47
N ALA I 79 -45.04 7.75 -32.12
CA ALA I 79 -45.27 8.33 -30.79
C ALA I 79 -46.59 7.94 -30.17
N LYS I 80 -47.66 8.09 -30.96
CA LYS I 80 -49.00 7.84 -30.45
C LYS I 80 -49.29 6.36 -30.24
N LYS I 81 -48.79 5.48 -31.12
CA LYS I 81 -48.92 4.05 -30.88
C LYS I 81 -48.26 3.68 -29.54
N PHE I 82 -47.09 4.27 -29.25
CA PHE I 82 -46.41 4.05 -27.96
C PHE I 82 -47.28 4.56 -26.83
N GLU I 83 -47.77 5.80 -26.98
CA GLU I 83 -48.60 6.36 -25.93
C GLU I 83 -49.81 5.46 -25.62
N ASP I 84 -50.46 4.93 -26.66
CA ASP I 84 -51.59 3.97 -26.48
C ASP I 84 -51.17 2.72 -25.72
N GLN I 85 -49.99 2.17 -26.01
CA GLN I 85 -49.44 1.07 -25.21
C GLN I 85 -49.03 1.44 -23.76
N GLY I 86 -49.17 2.70 -23.34
CA GLY I 86 -48.76 3.13 -22.00
C GLY I 86 -47.26 3.42 -21.89
N ALA I 87 -46.64 3.86 -22.98
CA ALA I 87 -45.19 4.00 -23.05
C ALA I 87 -44.82 5.37 -23.60
N GLN I 88 -43.67 5.90 -23.12
CA GLN I 88 -43.12 7.14 -23.63
C GLN I 88 -41.76 6.92 -24.28
N VAL I 89 -41.58 7.44 -25.49
CA VAL I 89 -40.33 7.33 -26.20
C VAL I 89 -39.57 8.58 -25.88
N LEU I 90 -38.28 8.41 -25.65
CA LEU I 90 -37.35 9.52 -25.37
C LEU I 90 -36.12 9.30 -26.19
N PHE I 91 -35.64 10.34 -26.83
CA PHE I 91 -34.38 10.31 -27.58
C PHE I 91 -33.35 11.11 -26.85
N ALA I 92 -32.11 10.80 -27.13
CA ALA I 92 -30.96 11.33 -26.34
C ALA I 92 -29.72 11.32 -27.15
N SER I 93 -28.89 12.33 -26.98
CA SER I 93 -27.64 12.49 -27.79
C SER I 93 -26.67 13.30 -27.01
N THR I 94 -25.40 13.33 -27.40
CA THR I 94 -24.43 14.09 -26.61
C THR I 94 -24.29 15.54 -27.08
N ASP I 95 -25.30 16.07 -27.75
CA ASP I 95 -25.30 17.41 -28.25
C ASP I 95 -26.00 18.26 -27.25
N SER I 96 -25.77 19.57 -27.31
CA SER I 96 -26.47 20.49 -26.43
C SER I 96 -27.89 20.65 -26.86
N GLU I 97 -28.73 21.06 -25.93
CA GLU I 97 -30.13 21.39 -26.21
C GLU I 97 -30.27 22.46 -27.28
N TYR I 98 -29.25 23.29 -27.46
CA TYR I 98 -29.26 24.33 -28.50
C TYR I 98 -28.99 23.75 -29.88
N SER I 99 -28.06 22.80 -29.96
CA SER I 99 -27.79 22.09 -31.20
C SER I 99 -28.99 21.27 -31.58
N LEU I 100 -29.57 20.55 -30.62
CA LEU I 100 -30.74 19.74 -30.86
C LEU I 100 -31.93 20.60 -31.26
N LEU I 101 -32.19 21.69 -30.52
CA LEU I 101 -33.23 22.66 -30.95
C LEU I 101 -33.02 23.12 -32.38
N ALA I 102 -31.82 23.57 -32.73
CA ALA I 102 -31.59 24.05 -34.08
C ALA I 102 -31.83 22.95 -35.10
N TRP I 103 -31.52 21.71 -34.74
CA TRP I 103 -31.76 20.54 -35.59
C TRP I 103 -33.23 20.40 -35.96
N THR I 104 -34.11 20.59 -34.97
CA THR I 104 -35.56 20.56 -35.22
C THR I 104 -36.06 21.75 -36.02
N ASN I 105 -35.53 22.92 -35.74
CA ASN I 105 -35.88 24.15 -36.50
C ASN I 105 -35.40 24.07 -37.97
N LEU I 106 -34.38 23.28 -38.26
CA LEU I 106 -33.92 23.11 -39.65
C LEU I 106 -34.75 22.02 -40.32
N PRO I 107 -35.67 22.38 -41.27
CA PRO I 107 -36.53 21.31 -41.85
C PRO I 107 -35.78 20.29 -42.68
N ARG I 108 -36.47 19.23 -43.08
CA ARG I 108 -35.83 18.06 -43.73
C ARG I 108 -35.46 18.36 -45.17
N LYS I 109 -36.35 19.04 -45.88
CA LYS I 109 -36.00 19.64 -47.20
C LYS I 109 -34.59 20.25 -47.15
N ASP I 110 -34.29 20.98 -46.07
CA ASP I 110 -33.00 21.69 -45.88
C ASP I 110 -31.93 20.90 -45.11
N GLY I 111 -32.05 19.57 -45.02
CA GLY I 111 -31.01 18.71 -44.39
C GLY I 111 -31.04 18.56 -42.88
N GLY I 112 -32.13 18.97 -42.24
CA GLY I 112 -32.24 18.82 -40.77
C GLY I 112 -33.19 17.71 -40.40
N LEU I 113 -33.83 17.85 -39.23
CA LEU I 113 -34.77 16.89 -38.69
C LEU I 113 -36.24 17.31 -38.77
N GLY I 114 -36.50 18.61 -38.70
CA GLY I 114 -37.89 19.10 -38.62
C GLY I 114 -38.42 18.79 -37.23
N PRO I 115 -39.62 19.27 -36.92
CA PRO I 115 -40.16 19.03 -35.56
C PRO I 115 -40.33 17.55 -35.27
N VAL I 116 -40.49 17.18 -34.00
CA VAL I 116 -40.73 15.79 -33.61
C VAL I 116 -41.63 15.64 -32.40
N LYS I 117 -42.27 14.49 -32.30
CA LYS I 117 -43.25 14.28 -31.25
C LYS I 117 -42.70 13.58 -30.00
N VAL I 118 -41.37 13.59 -29.81
CA VAL I 118 -40.67 12.95 -28.70
C VAL I 118 -39.55 13.84 -28.11
N PRO I 119 -39.42 13.91 -26.77
CA PRO I 119 -38.36 14.70 -26.17
C PRO I 119 -36.98 14.35 -26.69
N LEU I 120 -36.11 15.34 -26.92
CA LEU I 120 -34.72 15.14 -27.32
C LEU I 120 -33.82 15.61 -26.19
N LEU I 121 -33.05 14.70 -25.62
CA LEU I 121 -32.31 14.96 -24.36
C LEU I 121 -30.86 15.26 -24.65
N ALA I 122 -30.34 16.30 -24.04
CA ALA I 122 -29.00 16.80 -24.34
C ALA I 122 -28.13 16.25 -23.25
N ASP I 123 -27.32 15.26 -23.59
CA ASP I 123 -26.41 14.64 -22.66
C ASP I 123 -25.04 15.24 -22.79
N LYS I 124 -24.93 16.57 -22.73
CA LYS I 124 -23.62 17.19 -22.94
C LYS I 124 -22.52 16.72 -22.02
N ASN I 125 -22.79 16.48 -20.72
CA ASN I 125 -21.73 16.04 -19.82
C ASN I 125 -21.45 14.55 -19.87
N HIS I 126 -22.17 13.82 -20.73
CA HIS I 126 -21.93 12.41 -21.01
C HIS I 126 -22.33 11.45 -19.94
N SER I 127 -22.97 11.94 -18.87
CA SER I 127 -23.25 11.04 -17.74
C SER I 127 -24.24 9.98 -18.15
N LEU I 128 -25.23 10.36 -18.96
CA LEU I 128 -26.30 9.43 -19.35
C LEU I 128 -25.74 8.32 -20.19
N SER I 129 -25.04 8.70 -21.26
CA SER I 129 -24.41 7.76 -22.15
C SER I 129 -23.41 6.86 -21.45
N ARG I 130 -22.73 7.39 -20.44
CA ARG I 130 -21.79 6.56 -19.70
C ARG I 130 -22.53 5.55 -18.83
N ASP I 131 -23.53 6.01 -18.07
CA ASP I 131 -24.29 5.13 -17.19
C ASP I 131 -25.04 4.07 -17.95
N TYR I 132 -25.44 4.35 -19.19
CA TYR I 132 -26.20 3.35 -19.99
C TYR I 132 -25.28 2.49 -20.87
N GLY I 133 -23.97 2.70 -20.78
CA GLY I 133 -23.01 1.88 -21.50
C GLY I 133 -22.92 2.06 -23.01
N VAL I 134 -23.27 3.23 -23.53
CA VAL I 134 -23.25 3.46 -24.99
C VAL I 134 -22.23 4.50 -25.44
N LEU I 135 -21.56 5.17 -24.51
CA LEU I 135 -20.61 6.21 -24.86
C LEU I 135 -19.38 5.60 -25.44
N ILE I 136 -18.85 6.22 -26.51
CA ILE I 136 -17.58 5.88 -27.06
C ILE I 136 -16.65 6.95 -26.53
N GLU I 137 -16.03 6.71 -25.39
CA GLU I 137 -15.14 7.67 -24.72
C GLU I 137 -14.23 8.42 -25.67
N LYS I 138 -13.47 7.71 -26.51
CA LYS I 138 -12.48 8.34 -27.42
C LYS I 138 -13.11 9.37 -28.34
N GLU I 139 -14.40 9.23 -28.57
CA GLU I 139 -15.14 9.97 -29.62
C GLU I 139 -16.10 10.98 -29.12
N GLY I 140 -16.66 10.76 -27.94
CA GLY I 140 -17.67 11.67 -27.38
C GLY I 140 -19.06 11.54 -27.90
N ILE I 141 -19.42 10.35 -28.37
CA ILE I 141 -20.78 10.13 -28.95
C ILE I 141 -21.33 8.78 -28.51
N ALA I 142 -22.61 8.65 -28.57
CA ALA I 142 -23.31 7.48 -28.14
C ALA I 142 -23.55 6.56 -29.29
N LEU I 143 -23.46 5.26 -29.02
CA LEU I 143 -23.84 4.21 -29.94
C LEU I 143 -25.35 4.27 -30.02
N ARG I 144 -25.93 3.52 -30.95
CA ARG I 144 -27.36 3.52 -31.12
C ARG I 144 -28.01 2.53 -30.21
N GLY I 145 -27.92 2.78 -28.92
CA GLY I 145 -28.59 1.91 -27.94
C GLY I 145 -30.04 2.27 -27.77
N LEU I 146 -30.85 1.30 -27.38
CA LEU I 146 -32.27 1.49 -27.05
C LEU I 146 -32.60 0.64 -25.83
N PHE I 147 -33.21 1.22 -24.83
CA PHE I 147 -33.49 0.54 -23.57
C PHE I 147 -34.99 0.65 -23.32
N ILE I 148 -35.63 -0.45 -22.92
CA ILE I 148 -37.02 -0.44 -22.52
C ILE I 148 -37.01 -0.66 -21.03
N ILE I 149 -37.70 0.22 -20.31
CA ILE I 149 -37.69 0.31 -18.86
C ILE I 149 -39.15 0.24 -18.43
N ASP I 150 -39.47 -0.61 -17.46
CA ASP I 150 -40.84 -0.85 -17.06
C ASP I 150 -41.25 0.18 -16.00
N PRO I 151 -42.54 0.16 -15.56
CA PRO I 151 -43.09 1.11 -14.64
C PRO I 151 -42.47 1.21 -13.25
N LYS I 152 -41.77 0.16 -12.85
CA LYS I 152 -41.04 0.09 -11.60
C LYS I 152 -39.58 0.51 -11.81
N GLY I 153 -39.23 0.83 -13.06
CA GLY I 153 -37.89 1.33 -13.40
C GLY I 153 -36.85 0.23 -13.69
N ILE I 154 -37.32 -0.97 -14.07
CA ILE I 154 -36.44 -2.12 -14.30
C ILE I 154 -36.20 -2.21 -15.79
N ILE I 155 -34.97 -2.49 -16.19
CA ILE I 155 -34.68 -2.65 -17.60
C ILE I 155 -35.08 -4.03 -18.08
N ARG I 156 -36.00 -4.08 -19.03
CA ARG I 156 -36.53 -5.32 -19.52
C ARG I 156 -36.02 -5.66 -20.92
N HIS I 157 -35.26 -4.75 -21.54
CA HIS I 157 -34.65 -4.99 -22.86
C HIS I 157 -33.48 -4.05 -23.14
N ILE I 158 -32.50 -4.48 -23.91
CA ILE I 158 -31.39 -3.68 -24.39
C ILE I 158 -31.12 -4.06 -25.80
N THR I 159 -31.11 -3.10 -26.71
CA THR I 159 -30.58 -3.22 -28.08
C THR I 159 -29.44 -2.20 -28.12
N ILE I 160 -28.36 -2.53 -28.80
CA ILE I 160 -27.25 -1.65 -29.10
C ILE I 160 -26.67 -1.96 -30.50
N ASN I 161 -26.84 -1.07 -31.47
CA ASN I 161 -26.37 -1.26 -32.86
C ASN I 161 -25.14 -0.40 -33.08
N ASP I 162 -24.17 -0.91 -33.80
CA ASP I 162 -23.13 -0.05 -34.42
C ASP I 162 -23.79 1.00 -35.26
N LEU I 163 -23.03 2.02 -35.64
CA LEU I 163 -23.65 3.28 -36.15
C LEU I 163 -24.27 3.07 -37.55
N SER I 164 -23.70 2.18 -38.36
CA SER I 164 -24.08 2.05 -39.79
C SER I 164 -25.55 1.61 -40.10
N VAL I 165 -26.26 1.08 -39.07
CA VAL I 165 -27.50 0.37 -39.27
C VAL I 165 -28.47 0.69 -38.15
N GLY I 166 -29.74 0.83 -38.51
CA GLY I 166 -30.73 1.37 -37.59
C GLY I 166 -31.62 0.35 -36.90
N ARG I 167 -32.55 0.86 -36.07
CA ARG I 167 -33.46 0.07 -35.28
C ARG I 167 -34.84 -0.02 -35.88
N ASN I 168 -35.63 -0.97 -35.40
CA ASN I 168 -36.94 -1.23 -35.96
C ASN I 168 -37.94 -0.78 -34.92
N VAL I 169 -38.83 0.09 -35.34
CA VAL I 169 -39.88 0.67 -34.49
C VAL I 169 -40.81 -0.41 -33.98
N ASN I 170 -41.06 -1.42 -34.80
CA ASN I 170 -42.08 -2.42 -34.50
C ASN I 170 -41.59 -3.37 -33.45
N GLU I 171 -40.26 -3.49 -33.36
CA GLU I 171 -39.66 -4.34 -32.36
C GLU I 171 -39.97 -3.73 -31.03
N ALA I 172 -39.72 -2.43 -30.90
CA ALA I 172 -40.02 -1.80 -29.61
C ALA I 172 -41.49 -1.90 -29.24
N LEU I 173 -42.40 -1.72 -30.20
CA LEU I 173 -43.83 -1.90 -29.92
C LEU I 173 -44.15 -3.33 -29.50
N ARG I 174 -43.62 -4.31 -30.25
CA ARG I 174 -43.85 -5.71 -29.94
C ARG I 174 -43.39 -6.05 -28.52
N LEU I 175 -42.19 -5.55 -28.15
CA LEU I 175 -41.61 -5.85 -26.86
C LEU I 175 -42.40 -5.25 -25.73
N VAL I 176 -42.75 -3.97 -25.89
CA VAL I 176 -43.56 -3.30 -24.87
C VAL I 176 -44.87 -4.00 -24.68
N GLU I 177 -45.57 -4.37 -25.78
CA GLU I 177 -46.84 -5.07 -25.65
C GLU I 177 -46.60 -6.38 -24.96
N GLY I 178 -45.51 -7.07 -25.33
CA GLY I 178 -45.14 -8.31 -24.69
C GLY I 178 -45.02 -8.16 -23.17
N PHE I 179 -44.27 -7.12 -22.73
CA PHE I 179 -43.98 -7.00 -21.31
C PHE I 179 -45.20 -6.51 -20.51
N GLN I 180 -46.09 -5.76 -21.16
CA GLN I 180 -47.32 -5.38 -20.51
C GLN I 180 -48.23 -6.56 -20.29
N TRP I 181 -48.44 -7.31 -21.36
CA TRP I 181 -49.24 -8.51 -21.25
C TRP I 181 -48.73 -9.37 -20.09
N THR I 182 -47.50 -9.81 -20.17
CA THR I 182 -46.89 -10.56 -19.02
C THR I 182 -46.09 -9.34 -18.36
N ASP I 183 -46.82 -8.61 -17.60
CA ASP I 183 -46.37 -7.48 -16.78
C ASP I 183 -44.99 -7.25 -16.20
N LYS I 184 -44.64 -8.04 -15.13
CA LYS I 184 -43.71 -7.77 -13.91
C LYS I 184 -42.70 -6.58 -13.73
N VAL J 22 -15.31 -8.09 -21.05
CA VAL J 22 -16.74 -8.06 -21.48
C VAL J 22 -16.90 -7.69 -22.96
N ALA J 23 -18.10 -7.87 -23.52
CA ALA J 23 -18.35 -7.69 -24.96
C ALA J 23 -18.98 -6.37 -25.19
N GLU J 24 -18.47 -5.62 -26.20
CA GLU J 24 -18.96 -4.33 -26.54
C GLU J 24 -19.06 -4.09 -28.00
N VAL J 25 -20.06 -3.33 -28.43
CA VAL J 25 -20.20 -3.03 -29.86
C VAL J 25 -18.93 -2.27 -30.24
N GLN J 26 -18.45 -2.48 -31.48
CA GLN J 26 -17.18 -1.92 -31.99
C GLN J 26 -15.89 -2.59 -31.55
N LYS J 27 -15.93 -3.46 -30.53
CA LYS J 27 -14.76 -4.18 -30.08
C LYS J 27 -14.76 -5.62 -30.49
N GLN J 28 -13.56 -6.22 -30.37
CA GLN J 28 -13.29 -7.59 -30.73
C GLN J 28 -14.13 -8.45 -29.79
N ALA J 29 -14.76 -9.50 -30.32
CA ALA J 29 -15.60 -10.35 -29.50
C ALA J 29 -14.75 -11.25 -28.69
N PRO J 30 -15.18 -11.56 -27.44
CA PRO J 30 -14.39 -12.46 -26.62
C PRO J 30 -14.24 -13.84 -27.26
N PRO J 31 -13.01 -14.30 -27.40
CA PRO J 31 -12.90 -15.62 -28.06
C PRO J 31 -13.53 -16.73 -27.22
N PHE J 32 -13.83 -17.86 -27.82
CA PHE J 32 -14.29 -19.01 -27.06
C PHE J 32 -13.98 -20.33 -27.72
N LYS J 33 -13.99 -21.40 -26.97
CA LYS J 33 -13.79 -22.76 -27.49
C LYS J 33 -14.59 -23.64 -26.56
N LYS J 34 -15.74 -24.17 -27.02
CA LYS J 34 -16.69 -24.82 -26.17
C LYS J 34 -17.22 -26.07 -26.85
N THR J 35 -17.44 -27.11 -26.04
CA THR J 35 -17.99 -28.36 -26.54
C THR J 35 -19.42 -28.14 -26.89
N ALA J 36 -19.83 -28.58 -28.07
CA ALA J 36 -21.18 -28.36 -28.54
C ALA J 36 -21.75 -29.59 -29.16
N VAL J 37 -23.07 -29.68 -29.12
CA VAL J 37 -23.84 -30.73 -29.79
C VAL J 37 -24.18 -30.30 -31.24
N VAL J 38 -23.60 -30.96 -32.21
CA VAL J 38 -23.90 -30.80 -33.64
C VAL J 38 -24.32 -32.16 -34.21
N ASP J 39 -25.53 -32.26 -34.74
CA ASP J 39 -26.10 -33.49 -35.31
C ASP J 39 -25.89 -34.67 -34.38
N GLY J 40 -26.40 -34.54 -33.17
CA GLY J 40 -26.35 -35.63 -32.17
C GLY J 40 -24.98 -36.10 -31.67
N ILE J 41 -23.88 -35.41 -32.01
CA ILE J 41 -22.54 -35.74 -31.47
C ILE J 41 -21.74 -34.49 -31.08
N PHE J 42 -20.69 -34.65 -30.29
CA PHE J 42 -19.92 -33.51 -29.77
C PHE J 42 -18.85 -33.03 -30.75
N GLU J 43 -18.70 -31.71 -30.81
CA GLU J 43 -17.69 -31.04 -31.61
C GLU J 43 -17.23 -29.85 -30.80
N GLU J 44 -15.94 -29.53 -30.90
CA GLU J 44 -15.38 -28.34 -30.22
C GLU J 44 -15.52 -27.12 -31.11
N ILE J 45 -16.32 -26.16 -30.67
CA ILE J 45 -16.63 -24.99 -31.48
C ILE J 45 -15.93 -23.76 -30.94
N SER J 46 -15.21 -23.06 -31.81
CA SER J 46 -14.64 -21.77 -31.46
C SER J 46 -15.11 -20.76 -32.44
N LEU J 47 -14.89 -19.50 -32.11
CA LEU J 47 -15.29 -18.37 -32.96
C LEU J 47 -14.35 -18.30 -34.12
N GLU J 48 -13.07 -18.50 -33.83
CA GLU J 48 -12.02 -18.57 -34.85
C GLU J 48 -12.40 -19.50 -36.01
N LYS J 49 -13.18 -20.55 -35.74
CA LYS J 49 -13.67 -21.45 -36.78
C LYS J 49 -14.50 -20.78 -37.84
N TYR J 50 -15.22 -19.70 -37.48
CA TYR J 50 -16.07 -18.98 -38.44
C TYR J 50 -15.50 -17.66 -38.96
N LYS J 51 -14.22 -17.42 -38.73
CA LYS J 51 -13.56 -16.17 -39.18
C LYS J 51 -13.85 -16.10 -40.69
N GLY J 52 -14.24 -14.93 -41.17
CA GLY J 52 -14.65 -14.79 -42.59
C GLY J 52 -16.15 -14.77 -42.77
N LYS J 53 -16.90 -15.25 -41.78
CA LYS J 53 -18.35 -15.25 -41.83
C LYS J 53 -18.89 -14.46 -40.68
N TYR J 54 -20.13 -14.02 -40.83
CA TYR J 54 -20.86 -13.40 -39.75
C TYR J 54 -21.22 -14.54 -38.80
N VAL J 55 -21.26 -14.25 -37.51
CA VAL J 55 -21.71 -15.23 -36.51
C VAL J 55 -22.78 -14.58 -35.70
N VAL J 56 -23.87 -15.31 -35.45
CA VAL J 56 -24.96 -14.81 -34.64
C VAL J 56 -25.05 -15.72 -33.42
N LEU J 57 -24.53 -15.24 -32.31
CA LEU J 57 -24.42 -16.01 -31.09
C LEU J 57 -25.60 -15.68 -30.22
N ALA J 58 -26.35 -16.70 -29.82
CA ALA J 58 -27.60 -16.44 -29.13
C ALA J 58 -27.66 -17.38 -27.95
N PHE J 59 -28.02 -16.85 -26.78
CA PHE J 59 -28.05 -17.64 -25.54
C PHE J 59 -29.48 -17.98 -25.17
N VAL J 60 -29.70 -19.08 -24.46
CA VAL J 60 -31.01 -19.38 -23.84
C VAL J 60 -30.87 -19.90 -22.39
N PRO J 61 -31.74 -19.49 -21.48
CA PRO J 61 -31.37 -19.73 -20.07
C PRO J 61 -31.15 -21.19 -19.62
N LEU J 62 -32.15 -22.10 -19.80
CA LEU J 62 -32.09 -23.50 -19.41
C LEU J 62 -32.71 -24.54 -20.36
N ALA J 63 -32.05 -25.68 -20.54
CA ALA J 63 -32.65 -26.87 -21.13
C ALA J 63 -33.72 -27.48 -20.23
N PHE J 64 -34.65 -28.22 -20.84
CA PHE J 64 -35.80 -28.86 -20.22
C PHE J 64 -36.66 -27.95 -19.35
N SER J 65 -36.55 -26.65 -19.54
CA SER J 65 -37.30 -25.73 -18.70
C SER J 65 -38.73 -25.89 -19.14
N PHE J 66 -39.65 -25.40 -18.36
CA PHE J 66 -41.09 -25.47 -18.57
C PHE J 66 -41.55 -24.48 -19.72
N VAL J 67 -40.60 -23.78 -20.35
CA VAL J 67 -40.96 -22.75 -21.31
C VAL J 67 -40.62 -23.35 -22.67
N YCM J 68 -41.56 -23.24 -23.59
CA YCM J 68 -41.46 -23.80 -24.93
CB YCM J 68 -42.74 -23.46 -25.76
SG YCM J 68 -43.68 -24.91 -26.15
CD YCM J 68 -45.12 -24.41 -25.17
CE YCM J 68 -45.36 -25.20 -23.89
OZ1 YCM J 68 -44.31 -25.61 -23.36
NZ2 YCM J 68 -46.63 -25.35 -23.45
C YCM J 68 -40.27 -23.21 -25.69
O YCM J 68 -40.16 -21.99 -25.80
N PRO J 69 -39.45 -24.07 -26.30
CA PRO J 69 -38.35 -23.54 -27.10
C PRO J 69 -38.66 -22.91 -28.48
N THR J 70 -39.87 -22.40 -28.73
CA THR J 70 -40.22 -21.84 -30.05
C THR J 70 -39.14 -20.91 -30.62
N GLU J 71 -38.49 -20.18 -29.74
CA GLU J 71 -37.38 -19.31 -30.12
C GLU J 71 -36.20 -20.02 -30.76
N ILE J 72 -35.73 -21.08 -30.15
CA ILE J 72 -34.62 -21.86 -30.77
C ILE J 72 -35.05 -22.50 -32.07
N VAL J 73 -36.31 -22.91 -32.13
CA VAL J 73 -36.85 -23.58 -33.31
C VAL J 73 -36.91 -22.59 -34.45
N ALA J 74 -37.45 -21.38 -34.19
CA ALA J 74 -37.49 -20.36 -35.21
C ALA J 74 -36.10 -20.07 -35.84
N PHE J 75 -35.06 -20.05 -35.00
CA PHE J 75 -33.71 -19.78 -35.49
C PHE J 75 -33.15 -21.02 -36.19
N SER J 76 -33.46 -22.21 -35.64
CA SER J 76 -33.11 -23.48 -36.31
C SER J 76 -33.70 -23.58 -37.72
N ASP J 77 -34.99 -23.29 -37.85
CA ASP J 77 -35.67 -23.27 -39.15
C ASP J 77 -35.08 -22.27 -40.14
N ALA J 78 -34.59 -21.12 -39.65
CA ALA J 78 -34.00 -20.12 -40.53
C ALA J 78 -32.50 -20.31 -40.75
N ALA J 79 -31.92 -21.36 -40.14
CA ALA J 79 -30.51 -21.69 -40.33
C ALA J 79 -29.97 -21.45 -41.74
N LYS J 80 -30.72 -21.96 -42.71
CA LYS J 80 -30.30 -21.89 -44.11
C LYS J 80 -30.40 -20.48 -44.69
N LYS J 81 -31.44 -19.72 -44.31
CA LYS J 81 -31.47 -18.31 -44.72
C LYS J 81 -30.21 -17.57 -44.21
N PHE J 82 -29.79 -17.86 -42.97
CA PHE J 82 -28.55 -17.28 -42.41
C PHE J 82 -27.37 -17.74 -43.23
N GLU J 83 -27.28 -19.04 -43.48
CA GLU J 83 -26.16 -19.55 -44.26
C GLU J 83 -26.04 -18.85 -45.62
N ASP J 84 -27.18 -18.65 -46.30
CA ASP J 84 -27.20 -17.91 -47.58
C ASP J 84 -26.70 -16.47 -47.44
N GLN J 85 -27.07 -15.79 -46.35
CA GLN J 85 -26.52 -14.46 -46.06
C GLN J 85 -25.01 -14.46 -45.67
N GLY J 86 -24.35 -15.61 -45.61
CA GLY J 86 -22.95 -15.66 -45.18
C GLY J 86 -22.75 -15.65 -43.67
N ALA J 87 -23.74 -16.15 -42.92
CA ALA J 87 -23.73 -16.14 -41.46
C ALA J 87 -23.98 -17.52 -40.89
N GLN J 88 -23.44 -17.75 -39.68
CA GLN J 88 -23.64 -18.99 -38.92
C GLN J 88 -24.33 -18.66 -37.59
N VAL J 89 -25.43 -19.37 -37.27
CA VAL J 89 -26.10 -19.17 -36.00
C VAL J 89 -25.52 -20.17 -35.06
N LEU J 90 -25.27 -19.74 -33.83
CA LEU J 90 -24.82 -20.62 -32.75
C LEU J 90 -25.66 -20.35 -31.54
N PHE J 91 -26.10 -21.40 -30.86
CA PHE J 91 -26.80 -21.29 -29.60
C PHE J 91 -25.93 -21.77 -28.50
N ALA J 92 -26.25 -21.30 -27.30
CA ALA J 92 -25.37 -21.49 -26.12
C ALA J 92 -26.19 -21.43 -24.87
N SER J 93 -25.85 -22.28 -23.91
CA SER J 93 -26.58 -22.35 -22.61
C SER J 93 -25.59 -22.81 -21.55
N THR J 94 -25.93 -22.66 -20.28
CA THR J 94 -24.99 -23.07 -19.23
C THR J 94 -25.16 -24.53 -18.80
N ASP J 95 -25.76 -25.36 -19.67
CA ASP J 95 -25.98 -26.74 -19.41
C ASP J 95 -24.83 -27.50 -19.99
N SER J 96 -24.64 -28.73 -19.54
CA SER J 96 -23.61 -29.58 -20.11
C SER J 96 -24.02 -30.07 -21.46
N GLU J 97 -23.04 -30.45 -22.26
CA GLU J 97 -23.28 -31.06 -23.56
C GLU J 97 -24.12 -32.32 -23.46
N TYR J 98 -24.11 -32.98 -22.29
CA TYR J 98 -24.94 -34.17 -22.08
C TYR J 98 -26.40 -33.82 -21.85
N SER J 99 -26.65 -32.76 -21.11
CA SER J 99 -28.00 -32.26 -20.90
C SER J 99 -28.54 -31.75 -22.20
N LEU J 100 -27.75 -30.97 -22.93
CA LEU J 100 -28.17 -30.46 -24.22
C LEU J 100 -28.40 -31.55 -25.22
N LEU J 101 -27.47 -32.50 -25.32
CA LEU J 101 -27.70 -33.72 -26.17
C LEU J 101 -29.00 -34.39 -25.84
N ALA J 102 -29.25 -34.70 -24.56
CA ALA J 102 -30.46 -35.38 -24.19
C ALA J 102 -31.67 -34.57 -24.57
N TRP J 103 -31.58 -33.24 -24.47
CA TRP J 103 -32.65 -32.31 -24.87
C TRP J 103 -33.06 -32.51 -26.30
N THR J 104 -32.06 -32.63 -27.21
CA THR J 104 -32.33 -32.86 -28.64
C THR J 104 -32.86 -34.25 -28.91
N ASN J 105 -32.33 -35.26 -28.22
CA ASN J 105 -32.84 -36.64 -28.36
C ASN J 105 -34.29 -36.80 -27.82
N LEU J 106 -34.72 -35.94 -26.93
CA LEU J 106 -36.10 -35.99 -26.43
C LEU J 106 -36.99 -35.19 -27.37
N PRO J 107 -37.87 -35.86 -28.16
CA PRO J 107 -38.69 -35.09 -29.14
C PRO J 107 -39.69 -34.15 -28.47
N ARG J 108 -40.32 -33.31 -29.29
CA ARG J 108 -41.17 -32.22 -28.78
C ARG J 108 -42.51 -32.73 -28.28
N LYS J 109 -43.10 -33.69 -29.01
CA LYS J 109 -44.24 -34.46 -28.50
C LYS J 109 -44.05 -34.80 -27.00
N ASP J 110 -42.82 -35.24 -26.65
CA ASP J 110 -42.48 -35.68 -25.28
C ASP J 110 -41.82 -34.58 -24.40
N GLY J 111 -42.01 -33.31 -24.74
CA GLY J 111 -41.54 -32.20 -23.88
C GLY J 111 -40.09 -31.76 -24.04
N GLY J 112 -39.41 -32.20 -25.09
CA GLY J 112 -38.04 -31.79 -25.34
C GLY J 112 -37.94 -30.80 -26.48
N LEU J 113 -36.79 -30.80 -27.13
CA LEU J 113 -36.43 -29.89 -28.23
C LEU J 113 -36.43 -30.55 -29.60
N GLY J 114 -36.15 -31.84 -29.69
CA GLY J 114 -35.98 -32.51 -30.96
C GLY J 114 -34.72 -32.02 -31.63
N PRO J 115 -34.38 -32.64 -32.78
CA PRO J 115 -33.15 -32.23 -33.46
C PRO J 115 -33.20 -30.75 -33.90
N VAL J 116 -32.05 -30.20 -34.26
CA VAL J 116 -31.95 -28.81 -34.71
C VAL J 116 -30.80 -28.60 -35.68
N LYS J 117 -30.91 -27.54 -36.48
CA LYS J 117 -29.89 -27.28 -37.48
C LYS J 117 -28.77 -26.33 -37.08
N VAL J 118 -28.61 -26.10 -35.78
CA VAL J 118 -27.57 -25.15 -35.28
C VAL J 118 -26.81 -25.71 -34.05
N PRO J 119 -25.49 -25.57 -34.00
CA PRO J 119 -24.74 -26.06 -32.86
C PRO J 119 -25.26 -25.53 -31.53
N LEU J 120 -25.30 -26.41 -30.49
CA LEU J 120 -25.69 -26.02 -29.14
C LEU J 120 -24.49 -26.11 -28.23
N LEU J 121 -24.07 -24.99 -27.65
CA LEU J 121 -22.78 -24.91 -26.95
C LEU J 121 -22.98 -24.99 -25.46
N ALA J 122 -22.18 -25.82 -24.80
CA ALA J 122 -22.33 -26.09 -23.39
C ALA J 122 -21.35 -25.21 -22.69
N ASP J 123 -21.86 -24.14 -22.05
CA ASP J 123 -21.05 -23.23 -21.30
C ASP J 123 -21.03 -23.61 -19.84
N LYS J 124 -20.68 -24.86 -19.51
CA LYS J 124 -20.75 -25.27 -18.11
C LYS J 124 -19.95 -24.45 -17.13
N ASN J 125 -18.72 -24.03 -17.50
CA ASN J 125 -17.93 -23.26 -16.54
C ASN J 125 -18.25 -21.79 -16.54
N HIS J 126 -19.23 -21.38 -17.34
CA HIS J 126 -19.77 -19.99 -17.34
C HIS J 126 -18.88 -18.97 -17.94
N SER J 127 -17.77 -19.35 -18.54
CA SER J 127 -16.81 -18.33 -19.03
C SER J 127 -17.43 -17.56 -20.15
N LEU J 128 -18.16 -18.24 -21.04
CA LEU J 128 -18.73 -17.60 -22.22
C LEU J 128 -19.76 -16.57 -21.80
N SER J 129 -20.72 -17.01 -20.99
CA SER J 129 -21.76 -16.16 -20.48
C SER J 129 -21.21 -14.97 -19.67
N ARG J 130 -20.11 -15.20 -18.96
CA ARG J 130 -19.50 -14.12 -18.22
C ARG J 130 -18.85 -13.11 -19.17
N ASP J 131 -18.04 -13.58 -20.11
CA ASP J 131 -17.36 -12.73 -21.07
C ASP J 131 -18.32 -11.97 -21.94
N TYR J 132 -19.49 -12.52 -22.21
CA TYR J 132 -20.49 -11.81 -23.09
C TYR J 132 -21.48 -10.98 -22.27
N GLY J 133 -21.32 -10.93 -20.95
CA GLY J 133 -22.14 -10.10 -20.10
C GLY J 133 -23.62 -10.52 -19.91
N VAL J 134 -23.92 -11.82 -20.03
CA VAL J 134 -25.30 -12.28 -19.88
C VAL J 134 -25.55 -13.18 -18.67
N LEU J 135 -24.50 -13.55 -17.95
CA LEU J 135 -24.63 -14.47 -16.83
C LEU J 135 -25.29 -13.80 -15.69
N ILE J 136 -26.20 -14.50 -15.03
CA ILE J 136 -26.81 -14.04 -13.80
C ILE J 136 -26.08 -14.88 -12.74
N GLU J 137 -24.98 -14.33 -12.21
CA GLU J 137 -24.15 -15.01 -11.23
C GLU J 137 -24.93 -15.75 -10.16
N LYS J 138 -25.86 -15.08 -9.50
CA LYS J 138 -26.63 -15.68 -8.37
C LYS J 138 -27.35 -16.96 -8.78
N GLU J 139 -27.62 -17.10 -10.06
CA GLU J 139 -28.55 -18.07 -10.60
C GLU J 139 -27.89 -19.15 -11.44
N GLY J 140 -26.76 -18.84 -12.07
CA GLY J 140 -26.11 -19.80 -12.92
C GLY J 140 -26.64 -19.96 -14.32
N ILE J 141 -27.30 -18.95 -14.85
CA ILE J 141 -27.92 -19.03 -16.18
C ILE J 141 -27.73 -17.76 -16.95
N ALA J 142 -27.83 -17.86 -18.28
CA ALA J 142 -27.64 -16.78 -19.16
C ALA J 142 -28.97 -16.13 -19.47
N LEU J 143 -28.94 -14.80 -19.61
CA LEU J 143 -30.06 -14.04 -20.11
C LEU J 143 -30.22 -14.37 -21.57
N ARG J 144 -31.26 -13.87 -22.20
CA ARG J 144 -31.48 -14.14 -23.61
C ARG J 144 -30.75 -13.13 -24.46
N GLY J 145 -29.43 -13.13 -24.39
CA GLY J 145 -28.64 -12.19 -25.22
C GLY J 145 -28.43 -12.75 -26.62
N LEU J 146 -28.24 -11.86 -27.60
CA LEU J 146 -27.93 -12.22 -28.97
C LEU J 146 -26.88 -11.26 -29.50
N PHE J 147 -25.80 -11.76 -30.07
CA PHE J 147 -24.70 -10.93 -30.51
C PHE J 147 -24.44 -11.23 -31.98
N ILE J 148 -24.22 -10.20 -32.78
CA ILE J 148 -23.85 -10.36 -34.17
C ILE J 148 -22.43 -9.90 -34.26
N ILE J 149 -21.58 -10.74 -34.84
CA ILE J 149 -20.14 -10.58 -34.87
C ILE J 149 -19.72 -10.70 -36.32
N ASP J 150 -18.91 -9.77 -36.83
CA ASP J 150 -18.58 -9.70 -38.24
C ASP J 150 -17.39 -10.61 -38.54
N PRO J 151 -16.99 -10.72 -39.83
CA PRO J 151 -15.92 -11.59 -40.28
C PRO J 151 -14.53 -11.38 -39.71
N LYS J 152 -14.30 -10.17 -39.20
CA LYS J 152 -13.05 -9.78 -38.56
C LYS J 152 -13.16 -9.98 -37.05
N GLY J 153 -14.32 -10.43 -36.59
CA GLY J 153 -14.55 -10.73 -35.16
C GLY J 153 -15.00 -9.54 -34.32
N ILE J 154 -15.57 -8.51 -34.95
CA ILE J 154 -15.98 -7.27 -34.26
C ILE J 154 -17.46 -7.39 -33.97
N ILE J 155 -17.88 -6.99 -32.78
CA ILE J 155 -19.29 -7.03 -32.44
C ILE J 155 -19.99 -5.83 -33.02
N ARG J 156 -20.96 -6.07 -33.88
CA ARG J 156 -21.68 -5.00 -34.55
C ARG J 156 -23.07 -4.83 -34.02
N HIS J 157 -23.53 -5.70 -33.13
CA HIS J 157 -24.89 -5.59 -32.51
C HIS J 157 -25.00 -6.37 -31.21
N ILE J 158 -25.83 -5.91 -30.29
CA ILE J 158 -26.14 -6.64 -29.05
C ILE J 158 -27.60 -6.43 -28.80
N THR J 159 -28.35 -7.52 -28.59
CA THR J 159 -29.71 -7.53 -28.05
C THR J 159 -29.58 -8.35 -26.77
N ILE J 160 -30.36 -8.04 -25.74
CA ILE J 160 -30.48 -8.75 -24.49
C ILE J 160 -31.92 -8.62 -23.94
N ASN J 161 -32.73 -9.68 -23.93
CA ASN J 161 -34.11 -9.68 -23.45
C ASN J 161 -34.19 -10.33 -22.08
N ASP J 162 -35.02 -9.77 -21.21
CA ASP J 162 -35.45 -10.45 -19.99
C ASP J 162 -36.09 -11.78 -20.44
N LEU J 163 -36.34 -12.66 -19.48
CA LEU J 163 -36.85 -13.96 -19.68
C LEU J 163 -38.23 -14.02 -20.30
N SER J 164 -39.09 -13.10 -19.98
CA SER J 164 -40.56 -13.24 -20.35
C SER J 164 -40.89 -13.16 -21.87
N VAL J 165 -39.93 -12.69 -22.68
CA VAL J 165 -40.23 -12.28 -24.05
C VAL J 165 -39.10 -12.66 -24.98
N GLY J 166 -39.41 -13.11 -26.19
CA GLY J 166 -38.45 -13.66 -27.10
C GLY J 166 -37.89 -12.71 -28.17
N ARG J 167 -36.95 -13.26 -29.00
CA ARG J 167 -36.31 -12.53 -30.03
C ARG J 167 -36.91 -12.77 -31.39
N ASN J 168 -36.60 -11.88 -32.34
CA ASN J 168 -37.22 -11.89 -33.64
C ASN J 168 -36.12 -12.30 -34.59
N VAL J 169 -36.38 -13.37 -35.33
CA VAL J 169 -35.42 -13.95 -36.27
C VAL J 169 -35.10 -12.98 -37.37
N ASN J 170 -36.07 -12.17 -37.77
CA ASN J 170 -35.93 -11.30 -38.94
C ASN J 170 -35.06 -10.12 -38.62
N GLU J 171 -34.99 -9.78 -37.34
CA GLU J 171 -34.14 -8.70 -36.91
C GLU J 171 -32.74 -9.14 -37.15
N ALA J 172 -32.38 -10.33 -36.71
CA ALA J 172 -31.00 -10.78 -36.96
C ALA J 172 -30.67 -10.83 -38.45
N LEU J 173 -31.59 -11.31 -39.29
CA LEU J 173 -31.33 -11.35 -40.73
C LEU J 173 -31.18 -9.91 -41.29
N ARG J 174 -32.11 -9.02 -40.89
CA ARG J 174 -32.05 -7.64 -41.33
C ARG J 174 -30.74 -6.96 -40.97
N LEU J 175 -30.26 -7.20 -39.74
CA LEU J 175 -29.03 -6.58 -39.27
C LEU J 175 -27.83 -7.09 -39.97
N VAL J 176 -27.74 -8.40 -40.13
CA VAL J 176 -26.63 -9.00 -40.88
C VAL J 176 -26.59 -8.45 -42.31
N GLU J 177 -27.76 -8.41 -42.98
CA GLU J 177 -27.79 -7.86 -44.35
C GLU J 177 -27.37 -6.40 -44.31
N GLY J 178 -27.84 -5.67 -43.30
CA GLY J 178 -27.44 -4.30 -43.10
C GLY J 178 -25.95 -4.13 -43.00
N PHE J 179 -25.29 -4.96 -42.18
CA PHE J 179 -23.85 -4.79 -41.93
C PHE J 179 -23.00 -5.25 -43.10
N GLN J 180 -23.53 -6.18 -43.89
CA GLN J 180 -22.83 -6.58 -45.10
C GLN J 180 -22.86 -5.47 -46.11
N TRP J 181 -24.07 -4.94 -46.37
CA TRP J 181 -24.20 -3.83 -47.26
C TRP J 181 -23.23 -2.73 -46.85
N THR J 182 -23.34 -2.19 -45.65
CA THR J 182 -22.40 -1.16 -45.16
C THR J 182 -20.91 -1.54 -45.17
N ASP J 183 -20.59 -2.82 -44.97
CA ASP J 183 -19.21 -3.33 -45.12
C ASP J 183 -18.64 -3.07 -46.53
N LYS J 184 -19.51 -3.22 -47.53
CA LYS J 184 -19.17 -2.91 -48.91
C LYS J 184 -19.66 -1.55 -49.52
N ASN J 185 -19.30 -0.40 -48.94
CA ASN J 185 -19.76 0.88 -49.53
C ASN J 185 -18.67 1.93 -49.72
#